data_6GKF
#
_entry.id   6GKF
#
_cell.length_a   122.540
_cell.length_b   122.540
_cell.length_c   312.013
_cell.angle_alpha   90.00
_cell.angle_beta   90.00
_cell.angle_gamma   90.00
#
_symmetry.space_group_name_H-M   'P 41 21 2'
#
loop_
_entity.id
_entity.type
_entity.pdbx_description
1 polymer '14-3-3 protein gamma'
2 polymer Caspase-2
3 water water
#
loop_
_entity_poly.entity_id
_entity_poly.type
_entity_poly.pdbx_seq_one_letter_code
_entity_poly.pdbx_strand_id
1 'polypeptide(L)'
;MVDREQLVQKARLAEQAERYDDMAAAMKNVTELNEPLSNEERNLLSVAYKNVVGARRSSWRVISSIEQKTSADGNEKKIE
MVRAYREKIEKELEAVCQDVLSLLDNYLIKNCSETQYESKVFYLKMKGDYYRYLAEVATGEKRATVVESSEKAYSEAHEI
SKEHMQPTHPIRLGLALNYSVFYYEIQNAPEQACHLAKTAFDDAIAELDTLNEDSYKDSTLIMQLLRDNLTLWT
;
A,C,E,G,B,D,F,H
2 'polypeptide(L)' YDL(SEP)LPFP I,J,K,L,M,N,O,P
#
# COMPACT_ATOMS: atom_id res chain seq x y z
N ASP A 3 -14.55 -4.35 -4.94
CA ASP A 3 -14.03 -3.04 -4.56
C ASP A 3 -14.26 -2.76 -3.08
N ARG A 4 -13.79 -1.60 -2.62
CA ARG A 4 -13.96 -1.23 -1.22
C ARG A 4 -15.43 -1.07 -0.88
N GLU A 5 -16.24 -0.58 -1.83
CA GLU A 5 -17.66 -0.39 -1.58
C GLU A 5 -18.35 -1.73 -1.33
N GLN A 6 -18.16 -2.69 -2.25
CA GLN A 6 -18.83 -3.98 -2.13
C GLN A 6 -18.41 -4.74 -0.87
N LEU A 7 -17.23 -4.45 -0.32
CA LEU A 7 -16.81 -5.11 0.91
C LEU A 7 -17.57 -4.57 2.11
N VAL A 8 -17.79 -3.25 2.16
CA VAL A 8 -18.54 -2.67 3.26
C VAL A 8 -20.01 -3.06 3.19
N GLN A 9 -20.56 -3.19 1.98
CA GLN A 9 -21.93 -3.67 1.85
C GLN A 9 -22.06 -5.10 2.34
N LYS A 10 -21.05 -5.94 2.09
CA LYS A 10 -21.09 -7.30 2.60
C LYS A 10 -21.03 -7.33 4.12
N ALA A 11 -20.32 -6.39 4.73
CA ALA A 11 -20.31 -6.31 6.19
C ALA A 11 -21.68 -5.87 6.72
N ARG A 12 -22.31 -4.91 6.04
CA ARG A 12 -23.67 -4.52 6.42
C ARG A 12 -24.64 -5.68 6.24
N LEU A 13 -24.47 -6.46 5.17
CA LEU A 13 -25.32 -7.62 4.96
C LEU A 13 -25.11 -8.66 6.06
N ALA A 14 -23.84 -8.95 6.38
CA ALA A 14 -23.53 -9.95 7.40
C ALA A 14 -24.01 -9.51 8.78
N GLU A 15 -24.02 -8.20 9.05
CA GLU A 15 -24.52 -7.72 10.33
C GLU A 15 -26.02 -7.98 10.46
N GLN A 16 -26.79 -7.65 9.43
CA GLN A 16 -28.23 -7.89 9.48
C GLN A 16 -28.54 -9.38 9.54
N ALA A 17 -27.72 -10.21 8.89
CA ALA A 17 -27.86 -11.65 8.98
C ALA A 17 -27.24 -12.23 10.24
N GLU A 18 -26.64 -11.39 11.09
CA GLU A 18 -26.01 -11.83 12.34
C GLU A 18 -24.92 -12.88 12.09
N ARG A 19 -24.21 -12.74 10.96
CA ARG A 19 -23.05 -13.56 10.65
C ARG A 19 -21.82 -12.69 10.85
N TYR A 20 -21.38 -12.60 12.10
CA TYR A 20 -20.32 -11.65 12.46
C TYR A 20 -18.93 -12.14 12.07
N ASP A 21 -18.76 -13.44 11.82
CA ASP A 21 -17.48 -13.92 11.27
C ASP A 21 -17.25 -13.35 9.89
N ASP A 22 -18.27 -13.40 9.03
CA ASP A 22 -18.17 -12.78 7.71
C ASP A 22 -18.04 -11.27 7.83
N MET A 23 -18.76 -10.66 8.76
CA MET A 23 -18.68 -9.22 8.95
C MET A 23 -17.28 -8.79 9.38
N ALA A 24 -16.63 -9.60 10.23
CA ALA A 24 -15.27 -9.28 10.65
C ALA A 24 -14.28 -9.53 9.53
N ALA A 25 -14.49 -10.58 8.74
CA ALA A 25 -13.60 -10.84 7.61
C ALA A 25 -13.73 -9.76 6.54
N ALA A 26 -14.95 -9.24 6.34
CA ALA A 26 -15.14 -8.18 5.37
C ALA A 26 -14.44 -6.90 5.83
N MET A 27 -14.64 -6.51 7.08
CA MET A 27 -13.99 -5.32 7.61
C MET A 27 -12.49 -5.49 7.76
N LYS A 28 -12.01 -6.72 7.90
CA LYS A 28 -10.57 -6.96 7.89
C LYS A 28 -9.99 -6.68 6.51
N ASN A 29 -10.69 -7.10 5.46
CA ASN A 29 -10.25 -6.80 4.10
C ASN A 29 -10.29 -5.29 3.83
N VAL A 30 -11.32 -4.60 4.33
CA VAL A 30 -11.36 -3.15 4.19
C VAL A 30 -10.19 -2.51 4.92
N THR A 31 -9.89 -3.00 6.12
CA THR A 31 -8.76 -2.45 6.88
C THR A 31 -7.44 -2.71 6.18
N GLU A 32 -7.27 -3.89 5.60
CA GLU A 32 -6.03 -4.26 4.91
C GLU A 32 -5.84 -3.49 3.60
N LEU A 33 -6.76 -2.62 3.22
CA LEU A 33 -6.58 -1.77 2.05
C LEU A 33 -5.71 -0.55 2.35
N ASN A 34 -5.28 -0.38 3.60
CA ASN A 34 -4.37 0.65 4.07
C ASN A 34 -4.96 2.06 3.98
N GLU A 35 -6.18 2.21 3.48
CA GLU A 35 -6.78 3.54 3.50
C GLU A 35 -7.53 3.76 4.82
N PRO A 36 -7.53 4.99 5.32
CA PRO A 36 -8.25 5.25 6.58
C PRO A 36 -9.74 4.97 6.44
N LEU A 37 -10.35 4.60 7.57
CA LEU A 37 -11.75 4.24 7.61
C LEU A 37 -12.58 5.34 8.23
N SER A 38 -13.81 5.50 7.76
CA SER A 38 -14.71 6.50 8.28
C SER A 38 -15.22 6.08 9.66
N ASN A 39 -15.96 7.01 10.29
CA ASN A 39 -16.56 6.69 11.59
C ASN A 39 -17.56 5.55 11.47
N GLU A 40 -18.22 5.41 10.32
CA GLU A 40 -19.13 4.30 10.11
C GLU A 40 -18.36 2.98 9.97
N GLU A 41 -17.26 2.99 9.23
CA GLU A 41 -16.46 1.78 9.07
C GLU A 41 -15.75 1.40 10.35
N ARG A 42 -15.40 2.38 11.20
CA ARG A 42 -14.87 2.08 12.51
C ARG A 42 -15.86 1.28 13.34
N ASN A 43 -17.13 1.68 13.30
CA ASN A 43 -18.15 1.00 14.10
C ASN A 43 -18.46 -0.38 13.55
N LEU A 44 -18.46 -0.53 12.22
CA LEU A 44 -18.72 -1.84 11.62
C LEU A 44 -17.62 -2.83 11.99
N LEU A 45 -16.37 -2.37 12.05
CA LEU A 45 -15.28 -3.24 12.45
C LEU A 45 -15.35 -3.56 13.94
N SER A 46 -15.62 -2.55 14.77
CA SER A 46 -15.71 -2.78 16.21
C SER A 46 -16.88 -3.69 16.57
N VAL A 47 -18.02 -3.50 15.92
CA VAL A 47 -19.19 -4.34 16.20
C VAL A 47 -18.92 -5.78 15.79
N ALA A 48 -18.29 -5.98 14.62
CA ALA A 48 -18.05 -7.33 14.12
C ALA A 48 -17.17 -8.13 15.06
N TYR A 49 -16.03 -7.56 15.46
CA TYR A 49 -15.09 -8.29 16.29
C TYR A 49 -15.51 -8.34 17.75
N LYS A 50 -16.34 -7.41 18.21
CA LYS A 50 -16.87 -7.51 19.56
C LYS A 50 -17.84 -8.68 19.69
N ASN A 51 -18.62 -8.94 18.65
CA ASN A 51 -19.52 -10.10 18.66
C ASN A 51 -18.76 -11.40 18.50
N VAL A 52 -17.64 -11.38 17.77
CA VAL A 52 -16.85 -12.59 17.61
C VAL A 52 -16.14 -12.96 18.91
N VAL A 53 -15.42 -12.01 19.49
CA VAL A 53 -14.75 -12.27 20.76
C VAL A 53 -15.76 -12.39 21.89
N GLY A 54 -16.90 -11.70 21.77
CA GLY A 54 -17.91 -11.79 22.82
C GLY A 54 -18.53 -13.17 22.88
N ALA A 55 -18.73 -13.81 21.72
CA ALA A 55 -19.26 -15.17 21.72
C ALA A 55 -18.28 -16.14 22.36
N ARG A 56 -16.97 -15.87 22.26
CA ARG A 56 -15.98 -16.72 22.91
C ARG A 56 -15.86 -16.41 24.40
N ARG A 57 -16.03 -15.14 24.78
CA ARG A 57 -16.04 -14.80 26.20
C ARG A 57 -17.22 -15.44 26.92
N SER A 58 -18.40 -15.39 26.31
CA SER A 58 -19.58 -15.97 26.94
C SER A 58 -19.47 -17.48 27.06
N SER A 59 -18.86 -18.14 26.06
CA SER A 59 -18.66 -19.58 26.15
C SER A 59 -17.58 -19.92 27.16
N TRP A 60 -16.52 -19.11 27.23
CA TRP A 60 -15.43 -19.37 28.17
C TRP A 60 -15.91 -19.25 29.61
N ARG A 61 -16.74 -18.24 29.89
CA ARG A 61 -17.24 -18.06 31.26
C ARG A 61 -18.13 -19.22 31.69
N VAL A 62 -18.88 -19.81 30.76
CA VAL A 62 -19.75 -20.93 31.12
C VAL A 62 -18.91 -22.17 31.41
N ILE A 63 -17.96 -22.48 30.52
CA ILE A 63 -17.15 -23.69 30.69
C ILE A 63 -16.22 -23.56 31.89
N SER A 64 -15.69 -22.36 32.12
CA SER A 64 -14.79 -22.16 33.25
C SER A 64 -15.52 -22.33 34.57
N SER A 65 -16.73 -21.79 34.68
CA SER A 65 -17.50 -21.96 35.92
C SER A 65 -17.87 -23.41 36.16
N ILE A 66 -18.09 -24.18 35.10
CA ILE A 66 -18.34 -25.61 35.25
C ILE A 66 -17.07 -26.33 35.71
N GLU A 67 -15.91 -25.87 35.23
CA GLU A 67 -14.65 -26.47 35.65
C GLU A 67 -14.38 -26.25 37.14
N GLN A 68 -14.80 -25.10 37.68
CA GLN A 68 -14.59 -24.84 39.11
C GLN A 68 -15.46 -25.74 39.97
N LYS A 69 -16.62 -26.16 39.45
CA LYS A 69 -17.52 -27.05 40.18
C LYS A 69 -17.12 -28.51 40.00
N THR A 70 -16.92 -28.94 38.76
CA THR A 70 -16.54 -30.32 38.47
C THR A 70 -15.12 -30.60 38.94
N ASN A 75 -13.13 -37.11 39.30
CA ASN A 75 -13.44 -37.94 38.14
C ASN A 75 -12.18 -38.20 37.33
N GLU A 76 -11.40 -37.15 37.10
CA GLU A 76 -10.10 -37.21 36.42
C GLU A 76 -10.23 -37.53 34.95
N LYS A 77 -11.45 -37.82 34.50
CA LYS A 77 -11.75 -38.00 33.08
C LYS A 77 -12.78 -37.01 32.58
N LYS A 78 -13.82 -36.74 33.37
CA LYS A 78 -14.73 -35.63 33.08
C LYS A 78 -14.11 -34.29 33.42
N ILE A 79 -13.06 -34.26 34.24
CA ILE A 79 -12.45 -33.00 34.63
C ILE A 79 -11.47 -32.53 33.57
N GLU A 80 -10.68 -33.44 33.01
CA GLU A 80 -9.71 -33.06 31.97
C GLU A 80 -10.42 -32.68 30.68
N MET A 81 -11.55 -33.32 30.37
CA MET A 81 -12.30 -32.95 29.18
C MET A 81 -12.84 -31.53 29.28
N VAL A 82 -13.31 -31.13 30.47
CA VAL A 82 -13.75 -29.75 30.66
C VAL A 82 -12.56 -28.81 30.53
N ARG A 83 -11.41 -29.18 31.11
CA ARG A 83 -10.22 -28.35 31.00
C ARG A 83 -9.74 -28.28 29.55
N ALA A 84 -9.85 -29.38 28.82
CA ALA A 84 -9.47 -29.37 27.40
C ALA A 84 -10.45 -28.54 26.57
N TYR A 85 -11.72 -28.48 26.98
CA TYR A 85 -12.68 -27.67 26.26
C TYR A 85 -12.54 -26.20 26.61
N ARG A 86 -12.24 -25.88 27.87
CA ARG A 86 -11.98 -24.49 28.24
C ARG A 86 -10.75 -23.96 27.53
N GLU A 87 -9.74 -24.81 27.35
CA GLU A 87 -8.53 -24.37 26.65
C GLU A 87 -8.79 -24.17 25.17
N LYS A 88 -9.60 -25.04 24.56
CA LYS A 88 -9.92 -24.90 23.14
C LYS A 88 -10.65 -23.58 22.89
N ILE A 89 -11.60 -23.23 23.75
CA ILE A 89 -12.28 -21.94 23.63
C ILE A 89 -11.33 -20.80 23.95
N GLU A 90 -10.34 -21.06 24.82
CA GLU A 90 -9.40 -20.02 25.23
C GLU A 90 -8.58 -19.53 24.05
N LYS A 91 -7.93 -20.45 23.33
CA LYS A 91 -7.07 -20.05 22.22
C LYS A 91 -7.89 -19.52 21.04
N GLU A 92 -9.13 -19.97 20.90
CA GLU A 92 -10.03 -19.33 19.95
C GLU A 92 -10.24 -17.86 20.30
N LEU A 93 -10.48 -17.58 21.58
CA LEU A 93 -10.59 -16.20 22.05
C LEU A 93 -9.29 -15.45 21.84
N GLU A 94 -8.16 -16.07 22.17
CA GLU A 94 -6.87 -15.38 22.06
C GLU A 94 -6.50 -15.14 20.60
N ALA A 95 -6.89 -16.04 19.70
CA ALA A 95 -6.58 -15.83 18.29
C ALA A 95 -7.39 -14.67 17.71
N VAL A 96 -8.63 -14.49 18.18
CA VAL A 96 -9.42 -13.34 17.77
C VAL A 96 -8.78 -12.05 18.27
N CYS A 97 -8.31 -12.05 19.52
CA CYS A 97 -7.63 -10.87 20.06
C CYS A 97 -6.32 -10.62 19.34
N GLN A 98 -5.58 -11.69 19.02
CA GLN A 98 -4.36 -11.52 18.24
C GLN A 98 -4.66 -10.95 16.86
N ASP A 99 -5.85 -11.23 16.33
CA ASP A 99 -6.20 -10.76 14.99
C ASP A 99 -6.47 -9.27 14.98
N VAL A 100 -7.23 -8.76 15.96
CA VAL A 100 -7.56 -7.35 15.99
C VAL A 100 -6.33 -6.51 16.33
N LEU A 101 -5.55 -6.94 17.34
CA LEU A 101 -4.39 -6.18 17.75
C LEU A 101 -3.39 -6.05 16.61
N SER A 102 -3.28 -7.07 15.76
CA SER A 102 -2.40 -6.96 14.60
C SER A 102 -2.97 -5.96 13.59
N LEU A 103 -4.29 -5.92 13.45
CA LEU A 103 -4.92 -4.93 12.57
C LEU A 103 -4.74 -3.52 13.11
N LEU A 104 -4.81 -3.36 14.43
CA LEU A 104 -4.68 -2.04 15.02
C LEU A 104 -3.25 -1.51 14.89
N ASP A 105 -2.27 -2.35 15.19
CA ASP A 105 -0.88 -1.89 15.20
C ASP A 105 -0.30 -1.73 13.80
N ASN A 106 -0.78 -2.51 12.83
CA ASN A 106 -0.22 -2.49 11.49
C ASN A 106 -0.93 -1.54 10.54
N TYR A 107 -2.22 -1.31 10.74
CA TYR A 107 -2.98 -0.51 9.78
C TYR A 107 -3.70 0.68 10.40
N LEU A 108 -4.27 0.53 11.56
CA LEU A 108 -5.18 1.58 12.06
C LEU A 108 -4.53 2.59 13.00
N ILE A 109 -3.67 2.20 13.88
CA ILE A 109 -3.09 3.21 14.79
C ILE A 109 -1.89 3.83 14.08
N LYS A 110 -1.81 5.14 14.03
CA LYS A 110 -0.65 5.74 13.34
C LYS A 110 0.04 6.75 14.26
N GLN A 116 -5.79 12.21 12.66
CA GLN A 116 -6.98 12.68 13.41
C GLN A 116 -6.89 12.18 14.85
N TYR A 117 -7.19 12.97 15.85
CA TYR A 117 -7.05 12.52 17.26
C TYR A 117 -8.26 11.70 17.71
N GLU A 118 -9.39 11.84 17.08
CA GLU A 118 -10.60 11.09 17.49
C GLU A 118 -10.39 9.63 17.12
N SER A 119 -9.75 9.37 16.02
CA SER A 119 -9.53 7.98 15.57
C SER A 119 -8.43 7.34 16.39
N LYS A 120 -7.45 8.07 16.78
CA LYS A 120 -6.36 7.47 17.57
C LYS A 120 -6.90 7.01 18.91
N VAL A 121 -7.81 7.70 19.55
CA VAL A 121 -8.26 7.16 20.87
C VAL A 121 -9.24 6.04 20.61
N PHE A 122 -9.95 6.06 19.54
CA PHE A 122 -10.89 4.96 19.32
C PHE A 122 -10.11 3.68 19.12
N TYR A 123 -9.00 3.69 18.41
CA TYR A 123 -8.25 2.47 18.13
C TYR A 123 -7.44 2.02 19.33
N LEU A 124 -6.89 2.97 20.10
CA LEU A 124 -6.14 2.60 21.29
C LEU A 124 -7.05 2.10 22.39
N LYS A 125 -8.30 2.56 22.43
CA LYS A 125 -9.28 1.98 23.34
C LYS A 125 -9.58 0.53 22.95
N MET A 126 -9.67 0.26 21.65
CA MET A 126 -9.81 -1.12 21.19
C MET A 126 -8.61 -1.95 21.60
N LYS A 127 -7.41 -1.39 21.50
CA LYS A 127 -6.21 -2.11 21.90
C LYS A 127 -6.23 -2.44 23.39
N GLY A 128 -6.68 -1.49 24.22
CA GLY A 128 -6.81 -1.76 25.64
C GLY A 128 -7.93 -2.72 25.96
N ASP A 129 -8.99 -2.71 25.15
CA ASP A 129 -10.12 -3.61 25.39
C ASP A 129 -9.74 -5.07 25.11
N TYR A 130 -9.13 -5.32 23.96
CA TYR A 130 -8.81 -6.70 23.59
C TYR A 130 -7.63 -7.24 24.36
N TYR A 131 -6.73 -6.37 24.84
CA TYR A 131 -5.72 -6.83 25.80
C TYR A 131 -6.35 -7.11 27.16
N ARG A 132 -7.43 -6.42 27.49
CA ARG A 132 -8.17 -6.73 28.71
C ARG A 132 -8.91 -8.05 28.59
N TYR A 133 -9.43 -8.36 27.41
CA TYR A 133 -10.10 -9.65 27.21
C TYR A 133 -9.11 -10.80 27.30
N LEU A 134 -7.84 -10.57 26.94
CA LEU A 134 -6.82 -11.59 27.12
C LEU A 134 -6.50 -11.81 28.59
N ALA A 135 -6.52 -10.72 29.37
CA ALA A 135 -6.24 -10.83 30.80
C ALA A 135 -7.34 -11.56 31.55
N GLU A 136 -8.55 -11.58 31.02
CA GLU A 136 -9.66 -12.28 31.69
C GLU A 136 -9.44 -13.78 31.72
N VAL A 137 -8.66 -14.32 30.80
CA VAL A 137 -8.44 -15.77 30.72
C VAL A 137 -7.01 -16.18 31.03
N ALA A 138 -6.08 -15.23 31.11
CA ALA A 138 -4.68 -15.55 31.35
C ALA A 138 -4.37 -15.60 32.85
N THR A 139 -3.28 -16.29 33.18
CA THR A 139 -2.83 -16.41 34.56
C THR A 139 -1.33 -16.18 34.62
N GLY A 140 -0.84 -15.88 35.82
CA GLY A 140 0.59 -15.78 36.05
C GLY A 140 1.22 -14.65 35.27
N GLU A 141 2.45 -14.90 34.79
CA GLU A 141 3.19 -13.88 34.06
C GLU A 141 2.51 -13.53 32.74
N LYS A 142 1.84 -14.50 32.12
CA LYS A 142 1.09 -14.21 30.90
C LYS A 142 0.01 -13.18 31.15
N ARG A 143 -0.69 -13.29 32.29
CA ARG A 143 -1.69 -12.29 32.66
C ARG A 143 -1.04 -10.95 32.96
N ALA A 144 0.07 -10.96 33.70
CA ALA A 144 0.74 -9.72 34.04
C ALA A 144 1.25 -8.98 32.81
N THR A 145 1.55 -9.71 31.73
CA THR A 145 2.06 -9.07 30.53
C THR A 145 0.94 -8.38 29.75
N VAL A 146 -0.18 -9.09 29.51
CA VAL A 146 -1.28 -8.49 28.79
C VAL A 146 -1.98 -7.41 29.61
N VAL A 147 -1.85 -7.45 30.94
CA VAL A 147 -2.40 -6.38 31.78
C VAL A 147 -1.62 -5.09 31.55
N GLU A 148 -0.29 -5.19 31.49
CA GLU A 148 0.52 -4.00 31.21
C GLU A 148 0.23 -3.43 29.84
N SER A 149 0.07 -4.31 28.84
CA SER A 149 -0.25 -3.84 27.49
C SER A 149 -1.61 -3.18 27.44
N SER A 150 -2.56 -3.65 28.25
CA SER A 150 -3.87 -3.01 28.31
C SER A 150 -3.80 -1.67 29.04
N GLU A 151 -3.01 -1.61 30.11
CA GLU A 151 -2.85 -0.36 30.85
C GLU A 151 -2.16 0.69 30.00
N LYS A 152 -1.14 0.29 29.22
CA LYS A 152 -0.42 1.26 28.40
C LYS A 152 -1.30 1.83 27.30
N ALA A 153 -2.13 0.99 26.68
CA ALA A 153 -3.00 1.47 25.61
C ALA A 153 -4.11 2.37 26.17
N TYR A 154 -4.69 1.98 27.31
CA TYR A 154 -5.72 2.82 27.93
C TYR A 154 -5.15 4.17 28.35
N SER A 155 -4.00 4.14 29.05
CA SER A 155 -3.42 5.38 29.56
C SER A 155 -3.02 6.32 28.43
N GLU A 156 -2.54 5.76 27.32
CA GLU A 156 -2.17 6.61 26.19
C GLU A 156 -3.39 7.26 25.55
N ALA A 157 -4.45 6.47 25.32
CA ALA A 157 -5.69 7.03 24.79
C ALA A 157 -6.35 7.96 25.81
N HIS A 158 -6.09 7.73 27.10
CA HIS A 158 -6.63 8.61 28.13
C HIS A 158 -6.06 10.02 28.00
N GLU A 159 -4.74 10.13 27.82
CA GLU A 159 -4.09 11.43 27.76
C GLU A 159 -4.38 12.15 26.46
N ILE A 160 -4.51 11.42 25.35
CA ILE A 160 -4.79 12.06 24.08
C ILE A 160 -6.22 12.60 24.06
N SER A 161 -7.16 11.84 24.63
CA SER A 161 -8.55 12.28 24.66
C SER A 161 -8.73 13.54 25.50
N LYS A 162 -7.96 13.68 26.59
CA LYS A 162 -7.99 14.93 27.36
C LYS A 162 -7.55 16.10 26.47
N GLU A 163 -6.35 16.01 25.90
CA GLU A 163 -5.72 17.17 25.26
C GLU A 163 -6.47 17.64 24.04
N HIS A 164 -7.13 16.73 23.30
CA HIS A 164 -7.72 17.07 22.02
C HIS A 164 -9.23 16.91 21.94
N MET A 165 -9.90 16.43 22.99
CA MET A 165 -11.33 16.16 22.91
C MET A 165 -12.07 16.77 24.09
N GLN A 166 -13.37 16.99 23.88
CA GLN A 166 -14.25 17.54 24.89
C GLN A 166 -14.57 16.48 25.96
N PRO A 167 -14.79 16.90 27.20
CA PRO A 167 -15.14 15.93 28.26
C PRO A 167 -16.47 15.23 28.03
N THR A 168 -17.31 15.74 27.14
CA THR A 168 -18.61 15.14 26.84
C THR A 168 -18.60 14.28 25.58
N HIS A 169 -17.46 14.16 24.91
CA HIS A 169 -17.40 13.36 23.69
C HIS A 169 -17.64 11.89 24.02
N PRO A 170 -18.51 11.20 23.26
CA PRO A 170 -18.81 9.79 23.61
C PRO A 170 -17.60 8.88 23.55
N ILE A 171 -16.63 9.17 22.69
CA ILE A 171 -15.44 8.32 22.60
C ILE A 171 -14.58 8.49 23.86
N ARG A 172 -14.44 9.72 24.33
CA ARG A 172 -13.72 9.94 25.59
C ARG A 172 -14.49 9.38 26.78
N LEU A 173 -15.82 9.49 26.74
CA LEU A 173 -16.64 8.95 27.83
C LEU A 173 -16.61 7.43 27.82
N GLY A 174 -16.73 6.81 26.64
CA GLY A 174 -16.67 5.37 26.56
C GLY A 174 -15.31 4.82 26.96
N LEU A 175 -14.24 5.53 26.62
CA LEU A 175 -12.90 5.10 27.02
C LEU A 175 -12.75 5.11 28.53
N ALA A 176 -13.24 6.16 29.19
CA ALA A 176 -13.16 6.24 30.64
C ALA A 176 -14.02 5.18 31.31
N LEU A 177 -15.11 4.76 30.66
CA LEU A 177 -15.94 3.68 31.20
C LEU A 177 -15.17 2.37 31.23
N ASN A 178 -14.56 1.99 30.10
CA ASN A 178 -13.81 0.74 30.06
C ASN A 178 -12.51 0.84 30.86
N TYR A 179 -11.89 2.03 30.89
CA TYR A 179 -10.69 2.21 31.71
C TYR A 179 -10.98 2.01 33.19
N SER A 180 -12.11 2.56 33.67
CA SER A 180 -12.49 2.35 35.05
C SER A 180 -12.84 0.89 35.32
N VAL A 181 -13.52 0.24 34.36
CA VAL A 181 -13.79 -1.19 34.46
C VAL A 181 -12.49 -1.98 34.52
N PHE A 182 -11.47 -1.52 33.80
CA PHE A 182 -10.18 -2.20 33.82
C PHE A 182 -9.58 -2.19 35.22
N TYR A 183 -9.62 -1.04 35.90
CA TYR A 183 -9.07 -0.95 37.25
C TYR A 183 -9.87 -1.79 38.23
N TYR A 184 -11.17 -1.96 38.00
CA TYR A 184 -12.02 -2.70 38.92
C TYR A 184 -12.01 -4.20 38.64
N GLU A 185 -12.29 -4.59 37.40
CA GLU A 185 -12.43 -6.01 37.09
C GLU A 185 -11.08 -6.72 36.94
N ILE A 186 -10.06 -6.02 36.45
CA ILE A 186 -8.77 -6.65 36.17
C ILE A 186 -7.80 -6.39 37.31
N GLN A 187 -7.54 -5.13 37.62
CA GLN A 187 -6.60 -4.78 38.66
C GLN A 187 -7.19 -4.85 40.06
N ASN A 188 -8.51 -4.96 40.19
CA ASN A 188 -9.18 -5.05 41.48
C ASN A 188 -8.83 -3.86 42.37
N ALA A 189 -8.79 -2.67 41.77
CA ALA A 189 -8.51 -1.41 42.48
C ALA A 189 -9.77 -0.55 42.45
N PRO A 190 -10.70 -0.75 43.38
CA PRO A 190 -11.97 0.00 43.31
C PRO A 190 -11.80 1.48 43.58
N GLU A 191 -10.82 1.88 44.39
CA GLU A 191 -10.60 3.30 44.64
C GLU A 191 -10.19 4.02 43.37
N GLN A 192 -9.24 3.45 42.62
CA GLN A 192 -8.83 4.05 41.36
C GLN A 192 -9.91 3.92 40.30
N ALA A 193 -10.69 2.83 40.34
CA ALA A 193 -11.77 2.66 39.38
C ALA A 193 -12.87 3.70 39.60
N CYS A 194 -13.21 3.97 40.86
CA CYS A 194 -14.23 4.98 41.14
C CYS A 194 -13.72 6.38 40.84
N HIS A 195 -12.45 6.66 41.17
CA HIS A 195 -11.91 8.00 40.94
C HIS A 195 -11.86 8.33 39.46
N LEU A 196 -11.56 7.35 38.62
CA LEU A 196 -11.51 7.60 37.18
C LEU A 196 -12.91 7.83 36.62
N ALA A 197 -13.89 7.05 37.06
CA ALA A 197 -15.25 7.21 36.57
C ALA A 197 -15.88 8.51 37.09
N LYS A 198 -15.61 8.85 38.35
CA LYS A 198 -16.17 10.08 38.91
C LYS A 198 -15.54 11.31 38.27
N THR A 199 -14.22 11.28 38.03
CA THR A 199 -13.56 12.39 37.37
C THR A 199 -14.11 12.60 35.96
N ALA A 200 -14.29 11.50 35.22
CA ALA A 200 -14.85 11.61 33.87
C ALA A 200 -16.28 12.12 33.90
N PHE A 201 -17.05 11.72 34.93
CA PHE A 201 -18.42 12.21 35.04
C PHE A 201 -18.44 13.68 35.43
N ASP A 202 -17.55 14.08 36.35
CA ASP A 202 -17.51 15.49 36.76
C ASP A 202 -17.04 16.39 35.62
N ASP A 203 -16.05 15.95 34.86
CA ASP A 203 -15.55 16.76 33.75
C ASP A 203 -16.63 16.97 32.70
N ALA A 204 -17.42 15.93 32.43
CA ALA A 204 -18.51 16.07 31.47
C ALA A 204 -19.62 16.98 32.00
N ILE A 205 -19.85 16.96 33.31
CA ILE A 205 -20.88 17.82 33.89
C ILE A 205 -20.45 19.28 33.85
N ALA A 206 -19.18 19.55 34.15
CA ALA A 206 -18.69 20.93 34.13
C ALA A 206 -18.76 21.53 32.73
N GLU A 207 -18.58 20.71 31.70
CA GLU A 207 -18.67 21.15 30.31
C GLU A 207 -19.91 20.59 29.61
N LEU A 208 -21.01 20.44 30.36
CA LEU A 208 -22.22 19.86 29.79
C LEU A 208 -22.82 20.71 28.69
N ASP A 209 -22.48 22.00 28.64
CA ASP A 209 -22.94 22.85 27.55
C ASP A 209 -22.33 22.46 26.21
N THR A 210 -21.22 21.71 26.22
CA THR A 210 -20.55 21.27 25.01
C THR A 210 -21.22 20.04 24.38
N LEU A 211 -22.40 19.66 24.83
CA LEU A 211 -23.11 18.51 24.26
C LEU A 211 -23.51 18.83 22.84
N ASN A 212 -22.86 18.17 21.88
CA ASN A 212 -23.17 18.38 20.47
C ASN A 212 -24.56 17.83 20.15
N GLU A 213 -25.29 18.55 19.29
CA GLU A 213 -26.69 18.26 19.07
C GLU A 213 -26.91 16.87 18.47
N ASP A 214 -25.94 16.35 17.72
CA ASP A 214 -26.11 15.04 17.10
C ASP A 214 -25.84 13.92 18.11
N SER A 215 -24.62 13.85 18.62
CA SER A 215 -24.20 12.79 19.54
C SER A 215 -24.32 13.23 20.99
N TYR A 216 -25.54 13.61 21.37
CA TYR A 216 -25.82 13.92 22.77
C TYR A 216 -26.57 12.80 23.48
N LYS A 217 -27.41 12.05 22.77
CA LYS A 217 -28.04 10.88 23.37
C LYS A 217 -27.04 9.76 23.60
N ASP A 218 -25.93 9.74 22.86
CA ASP A 218 -24.88 8.77 23.11
C ASP A 218 -24.01 9.19 24.30
N SER A 219 -23.86 10.48 24.53
CA SER A 219 -23.04 10.94 25.65
C SER A 219 -23.75 10.73 26.98
N THR A 220 -25.02 11.13 27.07
CA THR A 220 -25.77 10.94 28.31
C THR A 220 -25.98 9.47 28.62
N LEU A 221 -25.92 8.59 27.62
CA LEU A 221 -26.01 7.16 27.87
C LEU A 221 -24.79 6.68 28.66
N ILE A 222 -23.59 7.05 28.22
CA ILE A 222 -22.38 6.62 28.90
C ILE A 222 -22.25 7.31 30.25
N MET A 223 -22.75 8.53 30.38
CA MET A 223 -22.73 9.21 31.66
C MET A 223 -23.58 8.48 32.68
N GLN A 224 -24.70 7.91 32.24
CA GLN A 224 -25.52 7.09 33.13
C GLN A 224 -24.80 5.80 33.50
N LEU A 225 -24.08 5.20 32.54
CA LEU A 225 -23.36 3.96 32.81
C LEU A 225 -22.24 4.17 33.81
N LEU A 226 -21.59 5.34 33.75
CA LEU A 226 -20.55 5.65 34.74
C LEU A 226 -21.14 5.77 36.13
N ARG A 227 -22.34 6.35 36.24
CA ARG A 227 -23.00 6.45 37.54
C ARG A 227 -23.44 5.10 38.06
N ASP A 228 -23.93 4.23 37.16
CA ASP A 228 -24.37 2.90 37.58
C ASP A 228 -23.21 2.09 38.14
N ASN A 229 -22.05 2.15 37.49
CA ASN A 229 -20.87 1.45 38.00
C ASN A 229 -20.37 2.10 39.29
N LEU A 230 -20.45 3.44 39.37
CA LEU A 230 -20.02 4.13 40.58
C LEU A 230 -20.90 3.75 41.77
N THR A 231 -22.21 3.70 41.57
CA THR A 231 -23.10 3.27 42.64
C THR A 231 -22.86 1.82 43.01
N LEU A 232 -22.55 0.98 42.02
CA LEU A 232 -22.32 -0.43 42.28
C LEU A 232 -21.01 -0.66 43.05
N TRP A 233 -19.99 0.15 42.79
CA TRP A 233 -18.68 -0.03 43.40
C TRP A 233 -18.52 0.72 44.71
N THR A 234 -19.61 1.25 45.28
CA THR A 234 -19.53 1.95 46.55
C THR A 234 -20.65 1.49 47.48
N VAL B 2 2.52 -28.28 35.58
CA VAL B 2 3.67 -28.48 34.71
C VAL B 2 4.66 -27.34 34.89
N ASP B 3 5.93 -27.68 35.12
CA ASP B 3 6.98 -26.68 35.27
C ASP B 3 7.66 -26.44 33.92
N ARG B 4 8.65 -25.55 33.92
CA ARG B 4 9.33 -25.21 32.68
C ARG B 4 10.10 -26.39 32.12
N GLU B 5 10.73 -27.18 32.99
CA GLU B 5 11.52 -28.32 32.52
C GLU B 5 10.65 -29.37 31.83
N GLN B 6 9.42 -29.55 32.33
CA GLN B 6 8.53 -30.53 31.71
C GLN B 6 8.07 -30.08 30.33
N LEU B 7 7.79 -28.79 30.17
CA LEU B 7 7.34 -28.29 28.88
C LEU B 7 8.43 -28.41 27.82
N VAL B 8 9.67 -28.11 28.18
CA VAL B 8 10.78 -28.26 27.24
C VAL B 8 10.98 -29.72 26.88
N GLN B 9 10.73 -30.64 27.82
CA GLN B 9 10.87 -32.06 27.53
C GLN B 9 9.82 -32.52 26.53
N LYS B 10 8.58 -32.06 26.67
CA LYS B 10 7.55 -32.43 25.70
C LYS B 10 7.81 -31.79 24.34
N ALA B 11 8.42 -30.61 24.32
CA ALA B 11 8.78 -30.00 23.05
C ALA B 11 9.78 -30.86 22.30
N ARG B 12 10.76 -31.42 23.01
CA ARG B 12 11.69 -32.35 22.38
C ARG B 12 10.99 -33.63 21.94
N LEU B 13 10.03 -34.10 22.74
CA LEU B 13 9.29 -35.31 22.38
C LEU B 13 8.43 -35.08 21.14
N ALA B 14 7.74 -33.93 21.09
CA ALA B 14 6.89 -33.63 19.93
C ALA B 14 7.71 -33.48 18.66
N GLU B 15 8.95 -33.00 18.77
CA GLU B 15 9.81 -32.90 17.59
C GLU B 15 10.18 -34.28 17.07
N GLN B 16 10.59 -35.19 17.98
CA GLN B 16 10.94 -36.53 17.55
C GLN B 16 9.74 -37.28 16.99
N ALA B 17 8.54 -37.04 17.55
CA ALA B 17 7.33 -37.61 17.02
C ALA B 17 6.79 -36.86 15.80
N GLU B 18 7.52 -35.84 15.34
CA GLU B 18 7.12 -35.03 14.19
C GLU B 18 5.71 -34.46 14.36
N ARG B 19 5.41 -34.02 15.58
CA ARG B 19 4.14 -33.38 15.91
C ARG B 19 4.48 -31.93 16.28
N TYR B 20 4.56 -31.07 15.26
CA TYR B 20 5.06 -29.72 15.46
C TYR B 20 4.01 -28.77 16.02
N ASP B 21 2.73 -29.13 15.95
CA ASP B 21 1.71 -28.35 16.65
C ASP B 21 1.87 -28.47 18.15
N ASP B 22 2.13 -29.70 18.63
CA ASP B 22 2.41 -29.87 20.06
C ASP B 22 3.72 -29.21 20.44
N MET B 23 4.71 -29.25 19.55
CA MET B 23 6.00 -28.65 19.84
C MET B 23 5.91 -27.13 19.94
N ALA B 24 5.13 -26.50 19.07
CA ALA B 24 4.95 -25.06 19.12
C ALA B 24 4.10 -24.65 20.32
N ALA B 25 3.11 -25.48 20.68
CA ALA B 25 2.27 -25.16 21.83
C ALA B 25 3.06 -25.23 23.12
N ALA B 26 3.95 -26.21 23.25
CA ALA B 26 4.78 -26.30 24.45
C ALA B 26 5.77 -25.15 24.52
N MET B 27 6.43 -24.84 23.40
CA MET B 27 7.39 -23.74 23.39
C MET B 27 6.73 -22.39 23.50
N LYS B 28 5.44 -22.28 23.14
CA LYS B 28 4.72 -21.04 23.39
C LYS B 28 4.47 -20.85 24.88
N ASN B 29 4.15 -21.93 25.59
CA ASN B 29 3.94 -21.84 27.03
C ASN B 29 5.23 -21.44 27.75
N VAL B 30 6.38 -21.94 27.28
CA VAL B 30 7.66 -21.56 27.87
C VAL B 30 7.91 -20.07 27.66
N THR B 31 7.65 -19.57 26.46
CA THR B 31 7.82 -18.16 26.19
C THR B 31 6.88 -17.31 27.04
N GLU B 32 5.67 -17.80 27.29
CA GLU B 32 4.69 -17.08 28.09
C GLU B 32 5.01 -17.06 29.57
N LEU B 33 6.09 -17.73 30.00
CA LEU B 33 6.55 -17.63 31.38
C LEU B 33 7.33 -16.36 31.65
N ASN B 34 7.49 -15.49 30.65
CA ASN B 34 8.18 -14.20 30.75
C ASN B 34 9.65 -14.34 31.12
N GLU B 35 10.19 -15.54 31.09
CA GLU B 35 11.61 -15.72 31.36
C GLU B 35 12.39 -15.83 30.05
N PRO B 36 13.64 -15.37 30.03
CA PRO B 36 14.43 -15.45 28.80
C PRO B 36 14.61 -16.89 28.35
N LEU B 37 14.79 -17.05 27.04
CA LEU B 37 14.95 -18.36 26.42
C LEU B 37 16.43 -18.69 26.26
N SER B 38 16.79 -19.93 26.60
CA SER B 38 18.16 -20.38 26.39
C SER B 38 18.42 -20.62 24.91
N ASN B 39 19.66 -20.98 24.58
CA ASN B 39 20.00 -21.22 23.18
C ASN B 39 19.25 -22.41 22.62
N GLU B 40 19.12 -23.48 23.41
CA GLU B 40 18.37 -24.65 22.95
C GLU B 40 16.88 -24.34 22.85
N GLU B 41 16.33 -23.62 23.83
CA GLU B 41 14.92 -23.27 23.80
C GLU B 41 14.59 -22.36 22.61
N ARG B 42 15.52 -21.46 22.25
CA ARG B 42 15.30 -20.62 21.08
C ARG B 42 15.18 -21.46 19.81
N ASN B 43 16.03 -22.48 19.67
CA ASN B 43 15.97 -23.33 18.49
C ASN B 43 14.73 -24.19 18.49
N LEU B 44 14.27 -24.64 19.67
CA LEU B 44 13.06 -25.44 19.73
C LEU B 44 11.84 -24.61 19.33
N LEU B 45 11.78 -23.35 19.77
CA LEU B 45 10.69 -22.48 19.34
C LEU B 45 10.76 -22.18 17.85
N SER B 46 11.97 -21.98 17.33
CA SER B 46 12.12 -21.65 15.92
C SER B 46 11.80 -22.84 15.04
N VAL B 47 12.31 -24.03 15.38
CA VAL B 47 12.04 -25.22 14.59
C VAL B 47 10.56 -25.55 14.60
N ALA B 48 9.90 -25.39 15.75
CA ALA B 48 8.49 -25.74 15.86
C ALA B 48 7.63 -24.91 14.93
N TYR B 49 7.71 -23.58 15.07
CA TYR B 49 6.83 -22.71 14.29
C TYR B 49 7.22 -22.69 12.82
N LYS B 50 8.51 -22.86 12.50
CA LYS B 50 8.93 -22.93 11.10
C LYS B 50 8.34 -24.15 10.40
N ASN B 51 8.18 -25.26 11.13
CA ASN B 51 7.55 -26.44 10.56
C ASN B 51 6.05 -26.29 10.47
N VAL B 52 5.43 -25.60 11.42
CA VAL B 52 3.99 -25.39 11.37
C VAL B 52 3.62 -24.46 10.22
N VAL B 53 4.35 -23.36 10.08
CA VAL B 53 4.08 -22.45 8.97
C VAL B 53 4.57 -23.03 7.66
N GLY B 54 5.56 -23.93 7.71
CA GLY B 54 6.11 -24.49 6.48
C GLY B 54 5.13 -25.40 5.78
N ALA B 55 4.36 -26.18 6.54
CA ALA B 55 3.35 -27.04 5.94
C ALA B 55 2.30 -26.22 5.19
N ARG B 56 1.98 -25.04 5.71
CA ARG B 56 1.03 -24.16 5.02
C ARG B 56 1.68 -23.50 3.82
N ARG B 57 2.96 -23.10 3.94
CA ARG B 57 3.67 -22.52 2.81
C ARG B 57 3.73 -23.51 1.65
N SER B 58 4.07 -24.76 1.94
CA SER B 58 4.12 -25.78 0.89
C SER B 58 2.74 -26.08 0.34
N SER B 59 1.72 -26.10 1.21
CA SER B 59 0.37 -26.36 0.74
C SER B 59 -0.18 -25.19 -0.07
N TRP B 60 0.12 -23.96 0.36
CA TRP B 60 -0.36 -22.79 -0.36
C TRP B 60 0.24 -22.72 -1.76
N ARG B 61 1.52 -23.08 -1.90
CA ARG B 61 2.16 -23.02 -3.21
C ARG B 61 1.57 -24.04 -4.17
N VAL B 62 1.22 -25.23 -3.66
CA VAL B 62 0.61 -26.24 -4.51
C VAL B 62 -0.78 -25.79 -4.96
N ILE B 63 -1.53 -25.15 -4.06
CA ILE B 63 -2.88 -24.70 -4.41
C ILE B 63 -2.82 -23.45 -5.28
N SER B 64 -1.89 -22.54 -4.98
CA SER B 64 -1.77 -21.33 -5.79
C SER B 64 -1.34 -21.65 -7.21
N SER B 65 -0.49 -22.66 -7.38
CA SER B 65 -0.07 -23.05 -8.73
C SER B 65 -1.24 -23.63 -9.52
N ILE B 66 -2.07 -24.46 -8.87
CA ILE B 66 -3.23 -25.02 -9.55
C ILE B 66 -4.23 -23.94 -9.92
N GLU B 67 -4.35 -22.90 -9.08
CA GLU B 67 -5.29 -21.83 -9.37
C GLU B 67 -4.94 -21.11 -10.66
N GLN B 68 -3.64 -20.89 -10.91
CA GLN B 68 -3.22 -20.21 -12.13
C GLN B 68 -3.32 -21.12 -13.35
N LYS B 69 -3.06 -22.42 -13.18
CA LYS B 69 -3.15 -23.36 -14.29
C LYS B 69 -4.57 -23.84 -14.55
N THR B 70 -5.52 -23.51 -13.68
CA THR B 70 -6.91 -23.90 -13.87
C THR B 70 -7.84 -22.71 -14.00
N SER B 71 -7.33 -21.48 -13.99
CA SER B 71 -8.18 -20.31 -14.21
C SER B 71 -8.70 -20.30 -15.65
N ALA B 72 -7.83 -20.57 -16.61
CA ALA B 72 -8.22 -20.73 -18.01
C ALA B 72 -8.39 -22.22 -18.34
N ASP B 73 -9.36 -22.84 -17.66
CA ASP B 73 -9.63 -24.26 -17.84
C ASP B 73 -10.48 -24.51 -19.08
N GLU B 76 -15.47 -22.51 -14.03
CA GLU B 76 -16.20 -21.47 -13.34
C GLU B 76 -16.38 -21.81 -11.86
N LYS B 77 -17.21 -22.82 -11.59
CA LYS B 77 -17.40 -23.25 -10.21
C LYS B 77 -16.16 -23.94 -9.66
N LYS B 78 -15.37 -24.57 -10.53
CA LYS B 78 -14.13 -25.19 -10.07
C LYS B 78 -13.07 -24.14 -9.75
N ILE B 79 -13.04 -23.04 -10.50
CA ILE B 79 -12.09 -21.98 -10.23
C ILE B 79 -12.41 -21.28 -8.93
N GLU B 80 -13.70 -21.03 -8.67
CA GLU B 80 -14.11 -20.42 -7.42
C GLU B 80 -13.88 -21.33 -6.22
N MET B 81 -13.86 -22.64 -6.44
CA MET B 81 -13.59 -23.57 -5.35
C MET B 81 -12.10 -23.63 -5.01
N VAL B 82 -11.23 -23.44 -6.00
CA VAL B 82 -9.80 -23.45 -5.73
C VAL B 82 -9.38 -22.20 -4.96
N ARG B 83 -9.98 -21.06 -5.29
CA ARG B 83 -9.63 -19.81 -4.59
C ARG B 83 -10.12 -19.81 -3.16
N ALA B 84 -11.15 -20.59 -2.84
CA ALA B 84 -11.63 -20.66 -1.45
C ALA B 84 -10.73 -21.55 -0.61
N TYR B 85 -10.20 -22.63 -1.21
CA TYR B 85 -9.25 -23.48 -0.48
C TYR B 85 -7.93 -22.77 -0.27
N ARG B 86 -7.50 -21.94 -1.23
CA ARG B 86 -6.26 -21.19 -1.06
C ARG B 86 -6.38 -20.14 0.03
N GLU B 87 -7.55 -19.52 0.16
CA GLU B 87 -7.75 -18.54 1.22
C GLU B 87 -7.90 -19.21 2.58
N LYS B 88 -8.42 -20.44 2.60
CA LYS B 88 -8.47 -21.20 3.84
C LYS B 88 -7.07 -21.53 4.33
N ILE B 89 -6.18 -21.94 3.42
CA ILE B 89 -4.79 -22.17 3.77
C ILE B 89 -4.10 -20.86 4.11
N GLU B 90 -4.47 -19.77 3.44
CA GLU B 90 -3.86 -18.48 3.72
C GLU B 90 -4.15 -18.03 5.14
N LYS B 91 -5.41 -18.08 5.55
CA LYS B 91 -5.78 -17.66 6.90
C LYS B 91 -5.12 -18.53 7.96
N GLU B 92 -4.90 -19.81 7.66
CA GLU B 92 -4.12 -20.66 8.55
C GLU B 92 -2.68 -20.18 8.64
N LEU B 93 -2.09 -19.86 7.49
CA LEU B 93 -0.71 -19.39 7.46
C LEU B 93 -0.57 -18.05 8.18
N GLU B 94 -1.53 -17.13 7.96
CA GLU B 94 -1.45 -15.83 8.59
C GLU B 94 -1.64 -15.92 10.10
N ALA B 95 -2.52 -16.81 10.55
CA ALA B 95 -2.74 -16.95 11.99
C ALA B 95 -1.51 -17.49 12.70
N VAL B 96 -0.77 -18.39 12.05
CA VAL B 96 0.46 -18.89 12.65
C VAL B 96 1.50 -17.78 12.71
N CYS B 97 1.64 -17.01 11.62
CA CYS B 97 2.59 -15.89 11.62
C CYS B 97 2.22 -14.86 12.68
N GLN B 98 0.93 -14.52 12.79
CA GLN B 98 0.49 -13.59 13.81
C GLN B 98 0.77 -14.11 15.21
N ASP B 99 0.76 -15.43 15.38
CA ASP B 99 1.05 -16.00 16.70
C ASP B 99 2.53 -15.85 17.05
N VAL B 100 3.43 -16.10 16.08
CA VAL B 100 4.85 -15.96 16.33
C VAL B 100 5.22 -14.50 16.59
N LEU B 101 4.73 -13.59 15.73
CA LEU B 101 5.06 -12.18 15.88
C LEU B 101 4.53 -11.62 17.19
N SER B 102 3.41 -12.14 17.67
CA SER B 102 2.89 -11.70 18.97
C SER B 102 3.80 -12.15 20.10
N LEU B 103 4.37 -13.36 19.99
CA LEU B 103 5.31 -13.83 21.00
C LEU B 103 6.61 -13.04 20.95
N LEU B 104 7.03 -12.60 19.77
CA LEU B 104 8.29 -11.87 19.65
C LEU B 104 8.17 -10.47 20.24
N ASP B 105 7.10 -9.75 19.91
CA ASP B 105 6.96 -8.37 20.35
C ASP B 105 6.58 -8.25 21.82
N ASN B 106 5.82 -9.21 22.35
CA ASN B 106 5.32 -9.11 23.71
C ASN B 106 6.21 -9.78 24.75
N TYR B 107 7.04 -10.74 24.36
CA TYR B 107 7.82 -11.48 25.35
C TYR B 107 9.31 -11.52 25.03
N LEU B 108 9.69 -11.62 23.75
CA LEU B 108 11.06 -11.93 23.39
C LEU B 108 11.89 -10.71 23.00
N ILE B 109 11.34 -9.79 22.21
CA ILE B 109 12.08 -8.60 21.83
C ILE B 109 11.93 -7.52 22.90
N SER B 113 16.57 -6.17 26.50
CA SER B 113 17.58 -6.52 27.50
C SER B 113 18.70 -5.49 27.53
N GLU B 114 18.93 -4.84 26.39
CA GLU B 114 19.93 -3.79 26.17
C GLU B 114 21.36 -4.30 26.28
N THR B 115 21.57 -5.59 26.55
CA THR B 115 22.90 -6.16 26.63
C THR B 115 23.05 -7.49 25.91
N GLN B 116 21.96 -8.16 25.56
CA GLN B 116 22.00 -9.45 24.89
C GLN B 116 21.77 -9.22 23.39
N TYR B 117 22.84 -8.85 22.70
CA TYR B 117 22.77 -8.64 21.25
C TYR B 117 22.54 -9.95 20.49
N GLU B 118 22.92 -11.09 21.08
CA GLU B 118 22.73 -12.37 20.40
C GLU B 118 21.25 -12.68 20.24
N SER B 119 20.49 -12.63 21.34
CA SER B 119 19.07 -12.96 21.27
C SER B 119 18.29 -11.91 20.49
N LYS B 120 18.67 -10.64 20.61
CA LYS B 120 17.96 -9.58 19.91
C LYS B 120 18.06 -9.74 18.40
N VAL B 121 19.24 -10.07 17.89
CA VAL B 121 19.40 -10.31 16.46
C VAL B 121 18.61 -11.55 16.05
N PHE B 122 18.62 -12.58 16.89
CA PHE B 122 17.90 -13.81 16.58
C PHE B 122 16.40 -13.55 16.47
N TYR B 123 15.83 -12.79 17.41
CA TYR B 123 14.39 -12.55 17.40
C TYR B 123 14.00 -11.57 16.30
N LEU B 124 14.85 -10.58 16.03
CA LEU B 124 14.56 -9.66 14.94
C LEU B 124 14.67 -10.35 13.59
N LYS B 125 15.53 -11.37 13.48
CA LYS B 125 15.58 -12.16 12.25
C LYS B 125 14.31 -13.00 12.10
N MET B 126 13.81 -13.57 13.21
CA MET B 126 12.54 -14.29 13.16
C MET B 126 11.40 -13.37 12.77
N LYS B 127 11.43 -12.13 13.26
CA LYS B 127 10.38 -11.17 12.92
C LYS B 127 10.37 -10.88 11.42
N GLY B 128 11.55 -10.74 10.82
CA GLY B 128 11.61 -10.52 9.39
C GLY B 128 11.23 -11.74 8.59
N ASP B 129 11.49 -12.94 9.14
CA ASP B 129 11.14 -14.17 8.43
C ASP B 129 9.64 -14.32 8.29
N TYR B 130 8.90 -14.14 9.39
CA TYR B 130 7.47 -14.40 9.38
C TYR B 130 6.67 -13.27 8.72
N TYR B 131 7.20 -12.05 8.70
CA TYR B 131 6.62 -11.02 7.86
C TYR B 131 6.89 -11.30 6.39
N ARG B 132 8.04 -11.89 6.08
CA ARG B 132 8.32 -12.33 4.71
C ARG B 132 7.37 -13.45 4.31
N TYR B 133 7.07 -14.37 5.23
CA TYR B 133 6.11 -15.43 4.93
C TYR B 133 4.73 -14.84 4.68
N LEU B 134 4.38 -13.77 5.39
CA LEU B 134 3.13 -13.07 5.08
C LEU B 134 3.19 -12.41 3.71
N ALA B 135 4.37 -11.92 3.33
CA ALA B 135 4.50 -11.23 2.05
C ALA B 135 4.40 -12.19 0.87
N GLU B 136 4.73 -13.47 1.08
CA GLU B 136 4.67 -14.43 -0.01
C GLU B 136 3.24 -14.69 -0.48
N VAL B 137 2.24 -14.47 0.37
CA VAL B 137 0.85 -14.77 0.04
C VAL B 137 -0.03 -13.52 -0.02
N ALA B 138 0.53 -12.35 0.27
CA ALA B 138 -0.23 -11.11 0.28
C ALA B 138 -0.10 -10.37 -1.05
N THR B 139 -1.12 -9.59 -1.38
CA THR B 139 -1.13 -8.76 -2.58
C THR B 139 -1.54 -7.34 -2.21
N GLY B 140 -1.35 -6.41 -3.15
CA GLY B 140 -1.81 -5.04 -3.00
C GLY B 140 -1.15 -4.33 -1.83
N GLU B 141 -1.91 -3.43 -1.21
CA GLU B 141 -1.40 -2.66 -0.09
C GLU B 141 -1.10 -3.54 1.11
N LYS B 142 -1.79 -4.68 1.23
CA LYS B 142 -1.49 -5.61 2.32
C LYS B 142 -0.08 -6.16 2.21
N ARG B 143 0.35 -6.48 0.98
CA ARG B 143 1.71 -6.98 0.79
C ARG B 143 2.74 -5.89 1.07
N ALA B 144 2.48 -4.66 0.62
CA ALA B 144 3.43 -3.58 0.86
C ALA B 144 3.61 -3.29 2.35
N THR B 145 2.57 -3.51 3.14
CA THR B 145 2.67 -3.26 4.58
C THR B 145 3.58 -4.28 5.26
N VAL B 146 3.41 -5.57 4.92
CA VAL B 146 4.23 -6.59 5.57
C VAL B 146 5.64 -6.62 4.98
N VAL B 147 5.79 -6.22 3.71
CA VAL B 147 7.14 -6.08 3.14
C VAL B 147 7.90 -4.99 3.89
N GLU B 148 7.23 -3.89 4.22
CA GLU B 148 7.87 -2.85 5.01
C GLU B 148 8.24 -3.34 6.40
N SER B 149 7.37 -4.16 7.00
CA SER B 149 7.66 -4.69 8.34
C SER B 149 8.78 -5.72 8.30
N SER B 150 8.83 -6.53 7.24
CA SER B 150 9.94 -7.47 7.09
C SER B 150 11.26 -6.74 6.85
N GLU B 151 11.24 -5.73 5.99
CA GLU B 151 12.45 -4.94 5.75
C GLU B 151 12.91 -4.23 7.01
N LYS B 152 11.96 -3.79 7.85
CA LYS B 152 12.33 -3.07 9.07
C LYS B 152 13.01 -3.99 10.08
N ALA B 153 12.47 -5.20 10.26
CA ALA B 153 13.06 -6.13 11.22
C ALA B 153 14.40 -6.64 10.73
N TYR B 154 14.51 -6.95 9.44
CA TYR B 154 15.78 -7.44 8.90
C TYR B 154 16.87 -6.38 9.02
N SER B 155 16.54 -5.13 8.72
CA SER B 155 17.55 -4.07 8.71
C SER B 155 18.07 -3.79 10.12
N GLU B 156 17.19 -3.82 11.12
CA GLU B 156 17.62 -3.54 12.48
C GLU B 156 18.55 -4.63 13.01
N ALA B 157 18.23 -5.89 12.71
CA ALA B 157 19.12 -6.97 13.11
C ALA B 157 20.45 -6.92 12.37
N HIS B 158 20.45 -6.35 11.15
CA HIS B 158 21.68 -6.26 10.38
C HIS B 158 22.66 -5.28 11.01
N GLU B 159 22.17 -4.14 11.51
CA GLU B 159 23.06 -3.16 12.11
C GLU B 159 23.62 -3.64 13.44
N ILE B 160 22.79 -4.31 14.26
CA ILE B 160 23.26 -4.84 15.53
C ILE B 160 24.31 -5.91 15.30
N SER B 161 24.12 -6.74 14.28
CA SER B 161 25.10 -7.78 13.97
C SER B 161 26.37 -7.20 13.36
N LYS B 162 26.24 -6.10 12.61
CA LYS B 162 27.40 -5.51 11.95
C LYS B 162 28.39 -4.90 12.94
N GLU B 163 27.98 -4.65 14.18
CA GLU B 163 28.84 -4.04 15.18
C GLU B 163 29.09 -4.93 16.40
N HIS B 164 28.13 -5.75 16.80
CA HIS B 164 28.26 -6.58 17.99
C HIS B 164 28.61 -8.02 17.69
N MET B 165 28.69 -8.42 16.41
CA MET B 165 28.92 -9.80 16.05
C MET B 165 30.07 -9.91 15.05
N GLN B 166 30.88 -10.95 15.21
CA GLN B 166 31.92 -11.22 14.24
C GLN B 166 31.31 -11.75 12.94
N PRO B 167 31.97 -11.53 11.81
CA PRO B 167 31.41 -12.01 10.53
C PRO B 167 31.23 -13.52 10.46
N THR B 168 31.85 -14.28 11.36
CA THR B 168 31.72 -15.73 11.38
C THR B 168 30.65 -16.21 12.35
N HIS B 169 29.99 -15.31 13.07
CA HIS B 169 28.94 -15.71 13.99
C HIS B 169 27.78 -16.33 13.21
N PRO B 170 27.33 -17.53 13.58
CA PRO B 170 26.30 -18.20 12.76
C PRO B 170 24.98 -17.46 12.69
N ILE B 171 24.64 -16.67 13.70
CA ILE B 171 23.39 -15.91 13.65
C ILE B 171 23.53 -14.74 12.68
N ARG B 172 24.69 -14.07 12.68
CA ARG B 172 24.91 -13.00 11.72
C ARG B 172 24.96 -13.53 10.30
N LEU B 173 25.58 -14.70 10.10
CA LEU B 173 25.63 -15.30 8.77
C LEU B 173 24.25 -15.79 8.34
N GLY B 174 23.50 -16.38 9.27
CA GLY B 174 22.15 -16.82 8.94
C GLY B 174 21.21 -15.68 8.64
N LEU B 175 21.39 -14.54 9.32
CA LEU B 175 20.57 -13.37 9.03
C LEU B 175 20.85 -12.84 7.63
N ALA B 176 22.14 -12.79 7.25
CA ALA B 176 22.49 -12.29 5.92
C ALA B 176 21.96 -13.19 4.82
N LEU B 177 21.83 -14.49 5.10
CA LEU B 177 21.28 -15.41 4.11
C LEU B 177 19.79 -15.14 3.88
N ASN B 178 19.01 -15.01 4.95
CA ASN B 178 17.58 -14.75 4.81
C ASN B 178 17.32 -13.33 4.31
N TYR B 179 18.13 -12.36 4.78
CA TYR B 179 17.97 -10.99 4.31
C TYR B 179 18.20 -10.89 2.81
N SER B 180 19.22 -11.59 2.30
CA SER B 180 19.46 -11.58 0.86
C SER B 180 18.34 -12.29 0.11
N VAL B 181 17.84 -13.40 0.65
CA VAL B 181 16.69 -14.08 0.06
C VAL B 181 15.48 -13.16 0.02
N PHE B 182 15.32 -12.34 1.06
CA PHE B 182 14.22 -11.38 1.09
C PHE B 182 14.33 -10.39 -0.06
N TYR B 183 15.54 -9.94 -0.37
CA TYR B 183 15.73 -9.04 -1.51
C TYR B 183 15.43 -9.74 -2.83
N TYR B 184 15.72 -11.04 -2.92
CA TYR B 184 15.59 -11.76 -4.19
C TYR B 184 14.15 -12.21 -4.43
N GLU B 185 13.55 -12.89 -3.45
CA GLU B 185 12.24 -13.49 -3.64
C GLU B 185 11.08 -12.51 -3.39
N ILE B 186 11.27 -11.54 -2.51
CA ILE B 186 10.21 -10.61 -2.14
C ILE B 186 10.38 -9.27 -2.83
N GLN B 187 11.57 -8.66 -2.73
CA GLN B 187 11.80 -7.36 -3.34
C GLN B 187 12.18 -7.46 -4.81
N ASN B 188 12.51 -8.66 -5.30
CA ASN B 188 12.91 -8.86 -6.70
C ASN B 188 14.10 -7.97 -7.05
N ALA B 189 15.12 -7.99 -6.20
CA ALA B 189 16.33 -7.19 -6.36
C ALA B 189 17.54 -8.13 -6.36
N PRO B 190 17.86 -8.73 -7.51
CA PRO B 190 18.98 -9.69 -7.53
C PRO B 190 20.32 -9.05 -7.22
N GLU B 191 20.56 -7.83 -7.71
CA GLU B 191 21.82 -7.16 -7.44
C GLU B 191 21.99 -6.87 -5.95
N GLN B 192 20.92 -6.39 -5.30
CA GLN B 192 20.98 -6.16 -3.86
C GLN B 192 21.06 -7.47 -3.10
N ALA B 193 20.45 -8.54 -3.63
CA ALA B 193 20.53 -9.83 -2.98
C ALA B 193 21.93 -10.43 -3.10
N CYS B 194 22.56 -10.28 -4.27
CA CYS B 194 23.89 -10.83 -4.46
C CYS B 194 24.93 -10.08 -3.65
N HIS B 195 24.84 -8.75 -3.62
CA HIS B 195 25.84 -7.95 -2.91
C HIS B 195 25.83 -8.25 -1.41
N LEU B 196 24.65 -8.53 -0.84
CA LEU B 196 24.57 -8.82 0.58
C LEU B 196 25.10 -10.21 0.89
N ALA B 197 24.79 -11.19 0.03
CA ALA B 197 25.27 -12.55 0.25
C ALA B 197 26.77 -12.65 0.00
N LYS B 198 27.27 -11.95 -1.02
CA LYS B 198 28.70 -11.98 -1.31
C LYS B 198 29.51 -11.27 -0.23
N THR B 199 29.02 -10.14 0.27
CA THR B 199 29.72 -9.42 1.32
C THR B 199 29.81 -10.26 2.59
N ALA B 200 28.72 -10.96 2.93
CA ALA B 200 28.73 -11.80 4.12
C ALA B 200 29.67 -12.99 3.95
N PHE B 201 29.71 -13.57 2.75
CA PHE B 201 30.61 -14.69 2.50
C PHE B 201 32.07 -14.25 2.53
N ASP B 202 32.39 -13.11 1.91
CA ASP B 202 33.77 -12.64 1.89
C ASP B 202 34.23 -12.20 3.27
N ASP B 203 33.36 -11.55 4.04
CA ASP B 203 33.72 -11.15 5.39
C ASP B 203 34.00 -12.37 6.27
N ALA B 204 33.29 -13.47 6.04
CA ALA B 204 33.53 -14.69 6.81
C ALA B 204 34.86 -15.33 6.44
N ILE B 205 35.16 -15.41 5.14
CA ILE B 205 36.41 -16.02 4.71
C ILE B 205 37.60 -15.18 5.16
N ALA B 206 37.47 -13.84 5.07
CA ALA B 206 38.58 -12.97 5.44
C ALA B 206 38.95 -13.11 6.92
N GLU B 207 37.99 -13.48 7.76
CA GLU B 207 38.22 -13.67 9.19
C GLU B 207 37.81 -15.08 9.60
N LEU B 208 38.17 -16.08 8.78
CA LEU B 208 37.81 -17.46 9.06
C LEU B 208 38.53 -18.01 10.30
N ASP B 209 39.61 -17.36 10.73
CA ASP B 209 40.32 -17.80 11.93
C ASP B 209 39.51 -17.59 13.20
N THR B 210 38.48 -16.74 13.15
CA THR B 210 37.65 -16.44 14.32
C THR B 210 36.57 -17.50 14.55
N LEU B 211 36.65 -18.65 13.90
CA LEU B 211 35.64 -19.68 14.06
C LEU B 211 35.83 -20.38 15.40
N ASN B 212 34.79 -20.37 16.23
CA ASN B 212 34.83 -21.05 17.51
C ASN B 212 34.69 -22.56 17.31
N GLU B 213 35.02 -23.30 18.37
CA GLU B 213 34.90 -24.76 18.32
C GLU B 213 33.45 -25.21 18.25
N ASP B 214 32.54 -24.46 18.87
CA ASP B 214 31.12 -24.77 18.86
C ASP B 214 30.34 -23.88 17.91
N SER B 215 31.02 -23.08 17.09
CA SER B 215 30.37 -22.19 16.13
C SER B 215 30.83 -22.42 14.70
N TYR B 216 31.63 -23.47 14.45
CA TYR B 216 32.14 -23.68 13.11
C TYR B 216 31.16 -24.46 12.24
N LYS B 217 30.48 -25.47 12.79
CA LYS B 217 29.61 -26.31 11.98
C LYS B 217 28.42 -25.51 11.44
N ASP B 218 27.81 -24.67 12.27
CA ASP B 218 26.69 -23.87 11.80
C ASP B 218 27.16 -22.78 10.83
N SER B 219 28.32 -22.19 11.09
CA SER B 219 28.81 -21.11 10.24
C SER B 219 29.24 -21.63 8.87
N THR B 220 29.92 -22.78 8.84
CA THR B 220 30.37 -23.32 7.55
C THR B 220 29.20 -23.78 6.70
N LEU B 221 28.13 -24.28 7.32
CA LEU B 221 26.96 -24.68 6.55
C LEU B 221 26.28 -23.47 5.92
N ILE B 222 26.18 -22.36 6.65
CA ILE B 222 25.55 -21.16 6.10
C ILE B 222 26.41 -20.57 4.99
N MET B 223 27.73 -20.54 5.19
CA MET B 223 28.62 -20.11 4.12
C MET B 223 28.47 -20.97 2.87
N GLN B 224 28.20 -22.27 3.06
CA GLN B 224 27.93 -23.13 1.92
C GLN B 224 26.63 -22.74 1.24
N LEU B 225 25.61 -22.38 2.02
CA LEU B 225 24.34 -21.95 1.44
C LEU B 225 24.45 -20.59 0.78
N LEU B 226 25.33 -19.72 1.30
CA LEU B 226 25.50 -18.40 0.70
C LEU B 226 26.13 -18.51 -0.69
N ARG B 227 27.03 -19.46 -0.88
CA ARG B 227 27.62 -19.66 -2.20
C ARG B 227 26.62 -20.30 -3.15
N ASP B 228 25.85 -21.28 -2.67
CA ASP B 228 24.86 -21.93 -3.52
C ASP B 228 23.84 -20.93 -4.07
N ASN B 229 23.43 -19.97 -3.23
CA ASN B 229 22.51 -18.95 -3.70
C ASN B 229 23.21 -17.99 -4.67
N LEU B 230 24.46 -17.61 -4.36
CA LEU B 230 25.19 -16.74 -5.27
C LEU B 230 25.44 -17.42 -6.61
N THR B 231 25.74 -18.71 -6.59
CA THR B 231 25.93 -19.45 -7.84
C THR B 231 24.65 -19.47 -8.66
N LEU B 232 23.51 -19.68 -7.99
CA LEU B 232 22.23 -19.73 -8.71
C LEU B 232 21.84 -18.36 -9.24
N TRP B 233 22.20 -17.29 -8.54
CA TRP B 233 21.80 -15.95 -8.92
C TRP B 233 22.75 -15.30 -9.93
N THR B 234 23.98 -15.78 -10.03
CA THR B 234 24.93 -15.23 -11.00
C THR B 234 25.35 -16.28 -12.02
N VAL C 2 -6.86 9.05 -11.08
CA VAL C 2 -7.82 8.71 -10.03
C VAL C 2 -9.25 8.98 -10.51
N ASP C 3 -10.20 8.93 -9.58
CA ASP C 3 -11.58 9.26 -9.91
C ASP C 3 -11.70 10.72 -10.32
N ARG C 4 -12.55 10.98 -11.32
CA ARG C 4 -12.73 12.32 -11.84
C ARG C 4 -13.36 13.23 -10.79
N GLU C 5 -14.32 12.68 -10.03
CA GLU C 5 -14.94 13.43 -8.95
C GLU C 5 -13.89 13.92 -7.95
N GLN C 6 -12.91 13.06 -7.64
CA GLN C 6 -11.85 13.46 -6.72
C GLN C 6 -11.05 14.63 -7.28
N LEU C 7 -10.83 14.66 -8.60
CA LEU C 7 -10.09 15.77 -9.19
C LEU C 7 -10.86 17.07 -9.08
N VAL C 8 -12.19 17.02 -9.22
CA VAL C 8 -12.98 18.23 -9.15
C VAL C 8 -12.97 18.81 -7.74
N GLN C 9 -13.03 17.95 -6.72
CA GLN C 9 -12.91 18.43 -5.34
C GLN C 9 -11.54 19.05 -5.10
N LYS C 10 -10.50 18.44 -5.67
CA LYS C 10 -9.16 19.01 -5.54
C LYS C 10 -9.06 20.37 -6.21
N ALA C 11 -9.76 20.54 -7.34
CA ALA C 11 -9.80 21.84 -8.00
C ALA C 11 -10.57 22.85 -7.17
N ARG C 12 -11.66 22.42 -6.54
CA ARG C 12 -12.42 23.32 -5.68
C ARG C 12 -11.65 23.66 -4.41
N LEU C 13 -10.94 22.68 -3.85
CA LEU C 13 -10.17 22.91 -2.64
C LEU C 13 -9.00 23.86 -2.91
N ALA C 14 -8.36 23.73 -4.07
CA ALA C 14 -7.25 24.60 -4.41
C ALA C 14 -7.69 26.04 -4.63
N GLU C 15 -8.91 26.24 -5.16
CA GLU C 15 -9.42 27.59 -5.32
C GLU C 15 -9.62 28.27 -3.97
N GLN C 16 -10.17 27.55 -3.00
CA GLN C 16 -10.37 28.13 -1.67
C GLN C 16 -9.03 28.40 -0.98
N ALA C 17 -8.03 27.55 -1.21
CA ALA C 17 -6.70 27.78 -0.68
C ALA C 17 -5.90 28.79 -1.51
N GLU C 18 -6.50 29.33 -2.57
CA GLU C 18 -5.85 30.32 -3.44
C GLU C 18 -4.57 29.78 -4.07
N ARG C 19 -4.50 28.46 -4.26
CA ARG C 19 -3.39 27.84 -4.98
C ARG C 19 -3.88 27.52 -6.38
N TYR C 20 -3.85 28.56 -7.24
CA TYR C 20 -4.43 28.44 -8.56
C TYR C 20 -3.58 27.62 -9.51
N ASP C 21 -2.29 27.44 -9.22
CA ASP C 21 -1.49 26.53 -10.02
C ASP C 21 -1.95 25.09 -9.85
N ASP C 22 -2.24 24.69 -8.61
CA ASP C 22 -2.77 23.35 -8.37
C ASP C 22 -4.19 23.21 -8.92
N MET C 23 -4.97 24.28 -8.89
CA MET C 23 -6.32 24.24 -9.44
C MET C 23 -6.29 24.07 -10.95
N ALA C 24 -5.32 24.69 -11.63
CA ALA C 24 -5.20 24.53 -13.06
C ALA C 24 -4.77 23.11 -13.43
N ALA C 25 -3.86 22.54 -12.64
CA ALA C 25 -3.42 21.16 -12.92
C ALA C 25 -4.54 20.16 -12.70
N ALA C 26 -5.43 20.42 -11.74
CA ALA C 26 -6.55 19.51 -11.50
C ALA C 26 -7.54 19.56 -12.66
N MET C 27 -7.89 20.76 -13.10
CA MET C 27 -8.84 20.88 -14.22
C MET C 27 -8.22 20.41 -15.53
N LYS C 28 -6.89 20.48 -15.65
CA LYS C 28 -6.24 19.93 -16.83
C LYS C 28 -6.39 18.41 -16.88
N ASN C 29 -6.33 17.75 -15.72
CA ASN C 29 -6.57 16.31 -15.68
C ASN C 29 -8.01 15.98 -16.00
N VAL C 30 -8.96 16.75 -15.44
CA VAL C 30 -10.37 16.52 -15.73
C VAL C 30 -10.65 16.75 -17.21
N THR C 31 -10.03 17.78 -17.79
CA THR C 31 -10.18 18.01 -19.22
C THR C 31 -9.59 16.87 -20.04
N GLU C 32 -8.41 16.38 -19.65
CA GLU C 32 -7.73 15.33 -20.39
C GLU C 32 -8.43 13.98 -20.30
N LEU C 33 -9.56 13.89 -19.61
CA LEU C 33 -10.35 12.67 -19.60
C LEU C 33 -11.21 12.52 -20.85
N ASN C 34 -11.10 13.45 -21.81
CA ASN C 34 -11.81 13.38 -23.09
C ASN C 34 -13.32 13.31 -22.91
N GLU C 35 -13.82 13.94 -21.85
CA GLU C 35 -15.25 14.02 -21.61
C GLU C 35 -15.69 15.47 -21.51
N PRO C 36 -16.88 15.82 -21.99
CA PRO C 36 -17.32 17.21 -21.97
C PRO C 36 -17.38 17.77 -20.55
N LEU C 37 -17.16 19.07 -20.44
CA LEU C 37 -17.17 19.77 -19.16
C LEU C 37 -18.54 20.40 -18.91
N SER C 38 -19.02 20.26 -17.68
CA SER C 38 -20.29 20.89 -17.32
C SER C 38 -20.11 22.39 -17.17
N ASN C 39 -21.24 23.08 -16.99
CA ASN C 39 -21.19 24.53 -16.83
C ASN C 39 -20.37 24.95 -15.62
N GLU C 40 -20.53 24.23 -14.51
CA GLU C 40 -19.75 24.55 -13.31
C GLU C 40 -18.29 24.15 -13.47
N GLU C 41 -18.00 23.18 -14.33
CA GLU C 41 -16.62 22.75 -14.51
C GLU C 41 -15.89 23.60 -15.54
N ARG C 42 -16.61 24.17 -16.50
CA ARG C 42 -15.98 25.10 -17.44
C ARG C 42 -15.48 26.33 -16.72
N ASN C 43 -16.22 26.80 -15.71
CA ASN C 43 -15.79 27.98 -14.96
C ASN C 43 -14.62 27.65 -14.04
N LEU C 44 -14.58 26.43 -13.48
CA LEU C 44 -13.45 26.04 -12.66
C LEU C 44 -12.16 26.04 -13.47
N LEU C 45 -12.23 25.54 -14.71
CA LEU C 45 -11.05 25.57 -15.58
C LEU C 45 -10.69 26.99 -15.99
N SER C 46 -11.70 27.82 -16.25
CA SER C 46 -11.43 29.19 -16.68
C SER C 46 -10.87 30.03 -15.54
N VAL C 47 -11.44 29.90 -14.34
CA VAL C 47 -10.96 30.67 -13.19
C VAL C 47 -9.51 30.32 -12.89
N ALA C 48 -9.16 29.04 -12.99
CA ALA C 48 -7.81 28.59 -12.62
C ALA C 48 -6.77 29.20 -13.56
N TYR C 49 -6.95 28.99 -14.87
CA TYR C 49 -5.95 29.47 -15.83
C TYR C 49 -5.95 30.99 -15.93
N LYS C 50 -7.09 31.63 -15.67
CA LYS C 50 -7.13 33.10 -15.67
C LYS C 50 -6.27 33.67 -14.54
N ASN C 51 -6.28 33.02 -13.37
CA ASN C 51 -5.45 33.47 -12.28
C ASN C 51 -3.99 33.09 -12.47
N VAL C 52 -3.72 31.95 -13.11
CA VAL C 52 -2.34 31.55 -13.37
C VAL C 52 -1.71 32.49 -14.40
N VAL C 53 -2.43 32.79 -15.47
CA VAL C 53 -1.92 33.75 -16.46
C VAL C 53 -2.08 35.20 -15.98
N GLY C 54 -3.02 35.46 -15.07
CA GLY C 54 -3.22 36.82 -14.61
C GLY C 54 -2.10 37.29 -13.71
N ALA C 55 -1.58 36.41 -12.85
CA ALA C 55 -0.46 36.78 -12.00
C ALA C 55 0.79 37.10 -12.83
N ARG C 56 0.97 36.40 -13.94
CA ARG C 56 2.09 36.69 -14.83
C ARG C 56 1.82 37.90 -15.71
N ARG C 57 0.55 38.16 -16.04
CA ARG C 57 0.21 39.39 -16.75
C ARG C 57 0.51 40.61 -15.88
N SER C 58 0.13 40.55 -14.61
CA SER C 58 0.37 41.68 -13.71
C SER C 58 1.87 41.87 -13.47
N SER C 59 2.61 40.77 -13.30
CA SER C 59 4.05 40.89 -13.12
C SER C 59 4.72 41.45 -14.37
N TRP C 60 4.25 41.02 -15.55
CA TRP C 60 4.81 41.54 -16.79
C TRP C 60 4.52 43.03 -16.95
N ARG C 61 3.32 43.47 -16.55
CA ARG C 61 2.97 44.88 -16.66
C ARG C 61 3.84 45.74 -15.75
N VAL C 62 4.17 45.23 -14.56
CA VAL C 62 4.97 46.00 -13.63
C VAL C 62 6.42 46.08 -14.10
N ILE C 63 6.99 44.95 -14.53
CA ILE C 63 8.37 44.93 -14.96
C ILE C 63 8.56 45.76 -16.23
N SER C 64 7.57 45.71 -17.14
CA SER C 64 7.66 46.50 -18.36
C SER C 64 7.64 47.99 -18.06
N SER C 65 6.86 48.40 -17.05
CA SER C 65 6.85 49.80 -16.65
C SER C 65 8.20 50.21 -16.05
N ILE C 66 8.76 49.35 -15.18
CA ILE C 66 10.08 49.63 -14.63
C ILE C 66 11.12 49.65 -15.75
N GLU C 67 10.99 48.74 -16.72
CA GLU C 67 11.91 48.72 -17.85
C GLU C 67 11.76 49.98 -18.71
N GLN C 68 10.54 50.49 -18.83
CA GLN C 68 10.33 51.71 -19.61
C GLN C 68 10.90 52.92 -18.90
N LYS C 69 10.76 52.98 -17.57
CA LYS C 69 11.36 54.07 -16.81
C LYS C 69 12.87 53.92 -16.73
N THR C 70 13.37 52.68 -16.74
CA THR C 70 14.82 52.47 -16.75
C THR C 70 15.41 52.78 -18.12
N SER C 71 14.65 52.55 -19.19
CA SER C 71 15.13 52.88 -20.53
C SER C 71 15.18 54.39 -20.74
N ALA C 72 14.28 55.14 -20.11
CA ALA C 72 14.33 56.59 -20.22
C ALA C 72 15.61 57.14 -19.59
N ASP C 73 15.96 56.64 -18.41
CA ASP C 73 17.24 57.01 -17.81
C ASP C 73 18.39 56.50 -18.67
N GLY C 74 18.52 55.18 -18.81
CA GLY C 74 19.50 54.61 -19.71
C GLY C 74 20.81 54.18 -19.07
N ASN C 75 20.73 53.46 -17.95
CA ASN C 75 21.95 52.98 -17.29
C ASN C 75 22.67 51.91 -18.10
N GLU C 76 21.95 51.19 -18.97
CA GLU C 76 22.49 50.17 -19.87
C GLU C 76 22.95 48.91 -19.14
N LYS C 77 22.91 48.92 -17.82
CA LYS C 77 23.19 47.73 -17.03
C LYS C 77 21.99 47.27 -16.22
N LYS C 78 21.25 48.20 -15.62
CA LYS C 78 19.95 47.85 -15.06
C LYS C 78 18.92 47.61 -16.14
N ILE C 79 19.10 48.25 -17.31
CA ILE C 79 18.25 47.96 -18.46
C ILE C 79 18.41 46.50 -18.87
N GLU C 80 19.64 46.03 -18.94
CA GLU C 80 19.89 44.65 -19.35
C GLU C 80 19.35 43.65 -18.33
N MET C 81 19.40 43.98 -17.04
CA MET C 81 18.89 43.08 -16.02
C MET C 81 17.36 43.08 -15.99
N VAL C 82 16.75 44.26 -16.08
CA VAL C 82 15.29 44.34 -16.07
C VAL C 82 14.71 43.75 -17.34
N ARG C 83 15.42 43.89 -18.47
CA ARG C 83 14.94 43.27 -19.71
C ARG C 83 15.03 41.76 -19.65
N ALA C 84 16.05 41.22 -18.96
CA ALA C 84 16.17 39.76 -18.84
C ALA C 84 15.08 39.19 -17.95
N TYR C 85 14.69 39.93 -16.90
CA TYR C 85 13.60 39.48 -16.05
C TYR C 85 12.25 39.57 -16.76
N ARG C 86 12.07 40.58 -17.62
CA ARG C 86 10.84 40.70 -18.38
C ARG C 86 10.66 39.52 -19.34
N GLU C 87 11.76 39.10 -19.99
CA GLU C 87 11.68 37.96 -20.89
C GLU C 87 11.40 36.67 -20.12
N LYS C 88 11.92 36.55 -18.89
CA LYS C 88 11.64 35.37 -18.08
C LYS C 88 10.15 35.25 -17.77
N ILE C 89 9.52 36.37 -17.43
CA ILE C 89 8.08 36.36 -17.19
C ILE C 89 7.32 36.11 -18.49
N GLU C 90 7.84 36.63 -19.61
CA GLU C 90 7.18 36.43 -20.89
C GLU C 90 7.14 34.96 -21.27
N LYS C 91 8.23 34.23 -21.04
CA LYS C 91 8.23 32.80 -21.35
C LYS C 91 7.28 32.02 -20.45
N GLU C 92 7.15 32.44 -19.19
CA GLU C 92 6.15 31.82 -18.32
C GLU C 92 4.73 32.13 -18.79
N LEU C 93 4.48 33.38 -19.18
CA LEU C 93 3.16 33.75 -19.69
C LEU C 93 2.85 33.01 -20.98
N GLU C 94 3.84 32.88 -21.87
CA GLU C 94 3.60 32.23 -23.15
C GLU C 94 3.43 30.73 -22.99
N ALA C 95 4.08 30.13 -21.98
CA ALA C 95 3.92 28.70 -21.75
C ALA C 95 2.54 28.39 -21.18
N VAL C 96 2.02 29.27 -20.32
CA VAL C 96 0.69 29.06 -19.76
C VAL C 96 -0.37 29.21 -20.83
N CYS C 97 -0.24 30.21 -21.71
CA CYS C 97 -1.23 30.42 -22.76
C CYS C 97 -1.30 29.23 -23.70
N GLN C 98 -0.16 28.75 -24.16
CA GLN C 98 -0.15 27.59 -25.05
C GLN C 98 -0.58 26.32 -24.35
N ASP C 99 -0.45 26.24 -23.02
CA ASP C 99 -0.96 25.08 -22.29
C ASP C 99 -2.49 25.06 -22.34
N VAL C 100 -3.12 26.20 -22.12
CA VAL C 100 -4.59 26.27 -22.18
C VAL C 100 -5.08 26.13 -23.61
N LEU C 101 -4.39 26.77 -24.55
CA LEU C 101 -4.80 26.69 -25.95
C LEU C 101 -4.70 25.25 -26.48
N SER C 102 -3.75 24.46 -25.95
CA SER C 102 -3.66 23.07 -26.34
C SER C 102 -4.87 22.28 -25.86
N LEU C 103 -5.32 22.55 -24.63
CA LEU C 103 -6.49 21.85 -24.09
C LEU C 103 -7.74 22.18 -24.90
N LEU C 104 -7.90 23.45 -25.27
CA LEU C 104 -9.11 23.85 -26.01
C LEU C 104 -9.12 23.27 -27.41
N ASP C 105 -7.96 23.24 -28.07
CA ASP C 105 -7.91 22.77 -29.46
C ASP C 105 -7.96 21.25 -29.54
N ASN C 106 -7.35 20.55 -28.59
CA ASN C 106 -7.23 19.11 -28.65
C ASN C 106 -8.36 18.38 -27.92
N TYR C 107 -8.97 19.00 -26.92
CA TYR C 107 -10.00 18.33 -26.12
C TYR C 107 -11.34 19.03 -26.16
N LEU C 108 -11.37 20.35 -25.95
CA LEU C 108 -12.62 21.05 -25.66
C LEU C 108 -13.37 21.47 -26.92
N ILE C 109 -12.73 22.23 -27.79
CA ILE C 109 -13.38 22.63 -29.03
C ILE C 109 -13.57 21.42 -29.94
N LYS C 110 -12.67 20.44 -29.86
CA LYS C 110 -12.78 19.26 -30.72
C LYS C 110 -14.02 18.45 -30.38
N ASN C 111 -14.27 18.20 -29.10
CA ASN C 111 -15.42 17.42 -28.65
C ASN C 111 -16.69 18.23 -28.55
N CYS C 112 -16.75 19.41 -29.17
CA CYS C 112 -17.94 20.25 -29.17
C CYS C 112 -18.81 19.85 -30.35
N SER C 113 -19.99 19.28 -30.08
CA SER C 113 -20.91 18.93 -31.14
C SER C 113 -21.52 20.18 -31.76
N GLU C 114 -22.22 19.98 -32.87
CA GLU C 114 -22.80 21.10 -33.62
C GLU C 114 -23.95 21.78 -32.87
N THR C 115 -24.45 21.18 -31.79
CA THR C 115 -25.54 21.76 -31.02
C THR C 115 -25.11 22.20 -29.63
N GLN C 116 -23.81 22.15 -29.33
CA GLN C 116 -23.29 22.65 -28.06
C GLN C 116 -22.81 24.08 -28.26
N TYR C 117 -23.80 24.97 -28.43
CA TYR C 117 -23.51 26.37 -28.74
C TYR C 117 -22.80 27.07 -27.58
N GLU C 118 -23.34 26.90 -26.37
CA GLU C 118 -22.78 27.60 -25.21
C GLU C 118 -21.35 27.15 -24.93
N SER C 119 -21.08 25.86 -25.04
CA SER C 119 -19.72 25.37 -24.81
C SER C 119 -18.78 25.80 -25.93
N LYS C 120 -19.26 25.78 -27.18
CA LYS C 120 -18.42 26.19 -28.30
C LYS C 120 -18.05 27.66 -28.20
N VAL C 121 -19.04 28.52 -27.93
CA VAL C 121 -18.77 29.95 -27.79
C VAL C 121 -17.87 30.21 -26.59
N PHE C 122 -18.10 29.51 -25.48
CA PHE C 122 -17.27 29.67 -24.30
C PHE C 122 -15.82 29.31 -24.59
N TYR C 123 -15.61 28.18 -25.28
CA TYR C 123 -14.25 27.75 -25.57
C TYR C 123 -13.61 28.63 -26.65
N LEU C 124 -14.39 29.05 -27.64
CA LEU C 124 -13.84 29.94 -28.66
C LEU C 124 -13.54 31.32 -28.11
N LYS C 125 -14.26 31.74 -27.06
CA LYS C 125 -13.93 33.00 -26.40
C LYS C 125 -12.63 32.87 -25.62
N MET C 126 -12.42 31.73 -24.97
CA MET C 126 -11.15 31.50 -24.27
C MET C 126 -9.99 31.48 -25.24
N LYS C 127 -10.18 30.88 -26.42
CA LYS C 127 -9.11 30.83 -27.41
C LYS C 127 -8.71 32.24 -27.84
N GLY C 128 -9.68 33.10 -28.10
CA GLY C 128 -9.36 34.48 -28.42
C GLY C 128 -8.80 35.25 -27.24
N ASP C 129 -9.22 34.88 -26.02
CA ASP C 129 -8.72 35.55 -24.82
C ASP C 129 -7.24 35.28 -24.62
N TYR C 130 -6.83 34.01 -24.72
CA TYR C 130 -5.44 33.65 -24.45
C TYR C 130 -4.52 33.95 -25.62
N TYR C 131 -5.06 34.01 -26.84
CA TYR C 131 -4.27 34.56 -27.95
C TYR C 131 -4.14 36.07 -27.83
N ARG C 132 -5.12 36.73 -27.21
CA ARG C 132 -5.00 38.16 -26.96
C ARG C 132 -3.94 38.43 -25.89
N TYR C 133 -3.86 37.58 -24.87
CA TYR C 133 -2.82 37.74 -23.86
C TYR C 133 -1.43 37.54 -24.46
N LEU C 134 -1.31 36.68 -25.47
CA LEU C 134 -0.06 36.56 -26.20
C LEU C 134 0.24 37.82 -27.00
N ALA C 135 -0.80 38.43 -27.58
CA ALA C 135 -0.62 39.64 -28.36
C ALA C 135 -0.23 40.84 -27.50
N GLU C 136 -0.49 40.77 -26.19
CA GLU C 136 -0.09 41.87 -25.31
C GLU C 136 1.42 41.92 -25.11
N VAL C 137 2.10 40.79 -25.26
CA VAL C 137 3.54 40.72 -25.01
C VAL C 137 4.35 40.41 -26.27
N ALA C 138 3.69 40.12 -27.39
CA ALA C 138 4.41 39.78 -28.61
C ALA C 138 4.69 41.03 -29.44
N THR C 139 5.71 40.94 -30.29
CA THR C 139 6.09 42.02 -31.18
C THR C 139 6.39 41.44 -32.56
N GLY C 140 6.46 42.34 -33.55
CA GLY C 140 6.85 41.93 -34.88
C GLY C 140 5.84 41.01 -35.54
N GLU C 141 6.36 40.09 -36.37
CA GLU C 141 5.50 39.17 -37.09
C GLU C 141 4.89 38.12 -36.16
N LYS C 142 5.54 37.84 -35.03
CA LYS C 142 4.94 36.94 -34.05
C LYS C 142 3.67 37.55 -33.45
N ARG C 143 3.66 38.87 -33.26
CA ARG C 143 2.46 39.53 -32.78
C ARG C 143 1.34 39.47 -33.82
N ALA C 144 1.69 39.65 -35.09
CA ALA C 144 0.67 39.61 -36.14
C ALA C 144 0.01 38.23 -36.23
N THR C 145 0.76 37.17 -35.89
CA THR C 145 0.21 35.82 -35.98
C THR C 145 -0.79 35.56 -34.87
N VAL C 146 -0.48 35.98 -33.64
CA VAL C 146 -1.40 35.74 -32.53
C VAL C 146 -2.58 36.70 -32.58
N VAL C 147 -2.41 37.89 -33.16
CA VAL C 147 -3.52 38.81 -33.33
C VAL C 147 -4.56 38.20 -34.27
N GLU C 148 -4.10 37.61 -35.38
CA GLU C 148 -5.03 36.98 -36.31
C GLU C 148 -5.64 35.73 -35.72
N SER C 149 -4.89 35.00 -34.88
CA SER C 149 -5.47 33.83 -34.22
C SER C 149 -6.55 34.23 -33.23
N SER C 150 -6.36 35.36 -32.54
CA SER C 150 -7.38 35.86 -31.62
C SER C 150 -8.59 36.37 -32.39
N GLU C 151 -8.36 37.02 -33.52
CA GLU C 151 -9.46 37.56 -34.32
C GLU C 151 -10.32 36.45 -34.90
N LYS C 152 -9.68 35.37 -35.38
CA LYS C 152 -10.45 34.26 -35.96
C LYS C 152 -11.26 33.54 -34.89
N ALA C 153 -10.70 33.38 -33.69
CA ALA C 153 -11.43 32.71 -32.62
C ALA C 153 -12.58 33.58 -32.12
N TYR C 154 -12.35 34.88 -31.99
CA TYR C 154 -13.41 35.79 -31.55
C TYR C 154 -14.53 35.88 -32.59
N SER C 155 -14.16 35.95 -33.88
CA SER C 155 -15.16 36.11 -34.93
C SER C 155 -16.08 34.91 -35.02
N GLU C 156 -15.53 33.70 -34.91
CA GLU C 156 -16.36 32.51 -35.00
C GLU C 156 -17.31 32.41 -33.82
N ALA C 157 -16.82 32.72 -32.61
CA ALA C 157 -17.70 32.72 -31.44
C ALA C 157 -18.81 33.74 -31.57
N HIS C 158 -18.53 34.88 -32.22
CA HIS C 158 -19.55 35.89 -32.41
C HIS C 158 -20.61 35.42 -33.40
N GLU C 159 -20.21 34.67 -34.42
CA GLU C 159 -21.17 34.18 -35.40
C GLU C 159 -22.10 33.12 -34.79
N ILE C 160 -21.55 32.24 -33.96
CA ILE C 160 -22.36 31.21 -33.32
C ILE C 160 -23.33 31.82 -32.31
N SER C 161 -22.84 32.77 -31.51
CA SER C 161 -23.68 33.36 -30.49
C SER C 161 -24.81 34.19 -31.10
N LYS C 162 -24.52 34.92 -32.18
CA LYS C 162 -25.54 35.74 -32.82
C LYS C 162 -26.64 34.91 -33.46
N GLU C 163 -26.37 33.64 -33.76
CA GLU C 163 -27.34 32.80 -34.45
C GLU C 163 -28.14 31.91 -33.52
N HIS C 164 -27.56 31.47 -32.40
CA HIS C 164 -28.20 30.48 -31.54
C HIS C 164 -28.34 30.92 -30.09
N MET C 165 -27.89 32.12 -29.73
CA MET C 165 -27.93 32.58 -28.34
C MET C 165 -28.68 33.91 -28.25
N GLN C 166 -29.49 34.04 -27.21
CA GLN C 166 -30.23 35.27 -26.99
C GLN C 166 -29.28 36.42 -26.68
N PRO C 167 -29.66 37.65 -27.03
CA PRO C 167 -28.76 38.79 -26.77
C PRO C 167 -28.47 39.02 -25.30
N THR C 168 -29.31 38.50 -24.40
CA THR C 168 -29.12 38.68 -22.97
C THR C 168 -28.38 37.52 -22.30
N HIS C 169 -27.93 36.54 -23.08
CA HIS C 169 -27.18 35.43 -22.51
C HIS C 169 -25.83 35.93 -22.00
N PRO C 170 -25.44 35.59 -20.76
CA PRO C 170 -24.19 36.12 -20.22
C PRO C 170 -22.96 35.69 -20.99
N ILE C 171 -22.98 34.51 -21.62
CA ILE C 171 -21.84 34.07 -22.42
C ILE C 171 -21.70 34.94 -23.67
N ARG C 172 -22.82 35.26 -24.33
CA ARG C 172 -22.76 36.10 -25.52
C ARG C 172 -22.38 37.53 -25.16
N LEU C 173 -22.86 38.03 -24.02
CA LEU C 173 -22.52 39.38 -23.60
C LEU C 173 -21.06 39.46 -23.15
N GLY C 174 -20.58 38.43 -22.45
CA GLY C 174 -19.18 38.43 -22.03
C GLY C 174 -18.23 38.36 -23.21
N LEU C 175 -18.59 37.59 -24.25
CA LEU C 175 -17.76 37.54 -25.44
C LEU C 175 -17.70 38.89 -26.13
N ALA C 176 -18.84 39.58 -26.22
CA ALA C 176 -18.86 40.90 -26.85
C ALA C 176 -18.01 41.90 -26.08
N LEU C 177 -17.94 41.76 -24.76
CA LEU C 177 -17.09 42.65 -23.97
C LEU C 177 -15.62 42.41 -24.27
N ASN C 178 -15.19 41.15 -24.25
CA ASN C 178 -13.79 40.85 -24.53
C ASN C 178 -13.45 41.07 -25.99
N TYR C 179 -14.39 40.82 -26.90
CA TYR C 179 -14.16 41.10 -28.32
C TYR C 179 -13.98 42.59 -28.56
N SER C 180 -14.83 43.41 -27.96
CA SER C 180 -14.69 44.86 -28.10
C SER C 180 -13.40 45.34 -27.44
N VAL C 181 -13.04 44.77 -26.30
CA VAL C 181 -11.76 45.11 -25.66
C VAL C 181 -10.61 44.73 -26.59
N PHE C 182 -10.75 43.61 -27.30
CA PHE C 182 -9.71 43.19 -28.24
C PHE C 182 -9.52 44.23 -29.34
N TYR C 183 -10.63 44.75 -29.88
CA TYR C 183 -10.53 45.77 -30.93
C TYR C 183 -9.87 47.04 -30.41
N TYR C 184 -10.13 47.39 -29.15
CA TYR C 184 -9.63 48.66 -28.61
C TYR C 184 -8.17 48.55 -28.19
N GLU C 185 -7.83 47.52 -27.41
CA GLU C 185 -6.49 47.42 -26.83
C GLU C 185 -5.49 46.74 -27.74
N ILE C 186 -5.93 45.86 -28.63
CA ILE C 186 -5.02 45.13 -29.50
C ILE C 186 -5.05 45.71 -30.90
N GLN C 187 -6.23 45.75 -31.52
CA GLN C 187 -6.37 46.29 -32.86
C GLN C 187 -6.28 47.80 -32.93
N ASN C 188 -6.35 48.48 -31.79
CA ASN C 188 -6.29 49.94 -31.72
C ASN C 188 -7.36 50.58 -32.61
N ALA C 189 -8.54 49.97 -32.62
CA ALA C 189 -9.68 50.44 -33.40
C ALA C 189 -10.82 50.75 -32.44
N PRO C 190 -10.79 51.93 -31.80
CA PRO C 190 -11.87 52.26 -30.85
C PRO C 190 -13.24 52.35 -31.48
N GLU C 191 -13.33 52.73 -32.76
CA GLU C 191 -14.63 52.81 -33.42
C GLU C 191 -15.26 51.43 -33.56
N GLN C 192 -14.46 50.42 -33.96
CA GLN C 192 -14.97 49.06 -34.00
C GLN C 192 -15.30 48.55 -32.60
N ALA C 193 -14.49 48.95 -31.61
CA ALA C 193 -14.75 48.54 -30.24
C ALA C 193 -16.06 49.10 -29.71
N CYS C 194 -16.35 50.37 -30.03
CA CYS C 194 -17.58 51.00 -29.56
C CYS C 194 -18.80 50.46 -30.29
N HIS C 195 -18.67 50.12 -31.57
CA HIS C 195 -19.81 49.59 -32.31
C HIS C 195 -20.25 48.23 -31.80
N LEU C 196 -19.28 47.37 -31.47
CA LEU C 196 -19.62 46.04 -30.98
C LEU C 196 -20.17 46.09 -29.57
N ALA C 197 -19.59 46.94 -28.72
CA ALA C 197 -20.09 47.07 -27.34
C ALA C 197 -21.48 47.69 -27.33
N LYS C 198 -21.72 48.69 -28.17
CA LYS C 198 -23.02 49.35 -28.20
C LYS C 198 -24.08 48.43 -28.81
N THR C 199 -23.73 47.72 -29.88
CA THR C 199 -24.70 46.82 -30.51
C THR C 199 -25.12 45.71 -29.56
N ALA C 200 -24.17 45.11 -28.86
CA ALA C 200 -24.50 44.07 -27.88
C ALA C 200 -25.32 44.65 -26.73
N PHE C 201 -25.02 45.88 -26.33
CA PHE C 201 -25.80 46.52 -25.28
C PHE C 201 -27.22 46.82 -25.76
N ASP C 202 -27.35 47.37 -26.97
CA ASP C 202 -28.66 47.71 -27.50
C ASP C 202 -29.49 46.45 -27.75
N ASP C 203 -28.87 45.40 -28.29
CA ASP C 203 -29.60 44.16 -28.54
C ASP C 203 -30.07 43.51 -27.25
N ALA C 204 -29.28 43.63 -26.18
CA ALA C 204 -29.67 43.06 -24.90
C ALA C 204 -30.76 43.90 -24.22
N ILE C 205 -30.69 45.22 -24.36
CA ILE C 205 -31.71 46.09 -23.77
C ILE C 205 -33.06 45.84 -24.43
N ALA C 206 -33.08 45.61 -25.74
CA ALA C 206 -34.31 45.38 -26.47
C ALA C 206 -35.00 44.08 -26.08
N GLU C 207 -34.34 43.21 -25.32
CA GLU C 207 -34.92 41.94 -24.90
C GLU C 207 -34.67 41.69 -23.42
N LEU C 208 -34.82 42.73 -22.60
CA LEU C 208 -34.63 42.58 -21.16
C LEU C 208 -35.66 41.64 -20.54
N ASP C 209 -36.77 41.40 -21.22
CA ASP C 209 -37.76 40.43 -20.73
C ASP C 209 -37.21 39.02 -20.76
N THR C 210 -36.27 38.73 -21.66
CA THR C 210 -35.68 37.40 -21.79
C THR C 210 -34.62 37.13 -20.74
N LEU C 211 -34.51 37.95 -19.71
CA LEU C 211 -33.52 37.74 -18.66
C LEU C 211 -33.92 36.52 -17.83
N ASN C 212 -33.13 35.45 -17.95
CA ASN C 212 -33.37 34.25 -17.16
C ASN C 212 -33.28 34.57 -15.67
N GLU C 213 -34.23 34.05 -14.90
CA GLU C 213 -34.23 34.29 -13.46
C GLU C 213 -32.96 33.80 -12.81
N ASP C 214 -32.32 32.77 -13.39
CA ASP C 214 -31.03 32.30 -12.90
C ASP C 214 -29.91 33.23 -13.34
N SER C 215 -29.74 33.40 -14.64
CA SER C 215 -28.67 34.22 -15.19
C SER C 215 -29.20 35.62 -15.55
N TYR C 216 -29.61 36.34 -14.50
CA TYR C 216 -29.96 37.75 -14.64
C TYR C 216 -28.96 38.69 -13.97
N LYS C 217 -28.37 38.29 -12.85
CA LYS C 217 -27.31 39.09 -12.25
C LYS C 217 -26.03 39.01 -13.06
N ASP C 218 -25.76 37.86 -13.68
CA ASP C 218 -24.59 37.75 -14.55
C ASP C 218 -24.72 38.62 -15.78
N SER C 219 -25.92 38.70 -16.36
CA SER C 219 -26.11 39.47 -17.57
C SER C 219 -26.06 40.96 -17.30
N THR C 220 -26.69 41.42 -16.21
CA THR C 220 -26.77 42.85 -15.94
C THR C 220 -25.40 43.43 -15.61
N LEU C 221 -24.54 42.67 -14.94
CA LEU C 221 -23.22 43.17 -14.60
C LEU C 221 -22.37 43.36 -15.85
N ILE C 222 -22.44 42.41 -16.81
CA ILE C 222 -21.71 42.57 -18.05
C ILE C 222 -22.21 43.77 -18.83
N MET C 223 -23.52 44.02 -18.78
CA MET C 223 -24.06 45.22 -19.43
C MET C 223 -23.51 46.49 -18.80
N GLN C 224 -23.27 46.47 -17.49
CA GLN C 224 -22.64 47.61 -16.84
C GLN C 224 -21.21 47.81 -17.34
N LEU C 225 -20.47 46.72 -17.49
CA LEU C 225 -19.09 46.83 -17.98
C LEU C 225 -19.07 47.30 -19.43
N LEU C 226 -20.05 46.86 -20.23
CA LEU C 226 -20.12 47.33 -21.62
C LEU C 226 -20.38 48.83 -21.68
N ARG C 227 -21.27 49.34 -20.82
CA ARG C 227 -21.52 50.77 -20.77
C ARG C 227 -20.33 51.53 -20.21
N ASP C 228 -19.64 50.95 -19.23
CA ASP C 228 -18.47 51.61 -18.64
C ASP C 228 -17.39 51.81 -19.69
N ASN C 229 -17.12 50.78 -20.50
CA ASN C 229 -16.11 50.91 -21.56
C ASN C 229 -16.57 51.90 -22.63
N LEU C 230 -17.86 51.90 -22.95
CA LEU C 230 -18.38 52.82 -23.95
C LEU C 230 -18.18 54.27 -23.53
N THR C 231 -18.51 54.58 -22.28
CA THR C 231 -18.30 55.95 -21.78
C THR C 231 -16.82 56.30 -21.72
N LEU C 232 -15.96 55.33 -21.43
CA LEU C 232 -14.52 55.58 -21.37
C LEU C 232 -13.93 55.81 -22.75
N TRP C 233 -14.45 55.14 -23.77
CA TRP C 233 -13.91 55.21 -25.12
C TRP C 233 -14.54 56.31 -25.95
N THR C 234 -15.31 57.22 -25.35
CA THR C 234 -15.94 58.30 -26.08
C THR C 234 -15.66 59.65 -25.41
N VAL D 2 17.91 41.68 -33.87
CA VAL D 2 18.72 40.53 -34.29
C VAL D 2 18.23 40.00 -35.63
N ASP D 3 19.16 39.82 -36.57
CA ASP D 3 18.82 39.34 -37.90
C ASP D 3 18.53 37.85 -37.87
N ARG D 4 17.87 37.38 -38.95
CA ARG D 4 17.55 35.96 -39.04
C ARG D 4 18.82 35.12 -39.17
N GLU D 5 19.83 35.62 -39.89
CA GLU D 5 21.08 34.88 -40.01
C GLU D 5 21.82 34.80 -38.68
N GLN D 6 21.60 35.78 -37.80
CA GLN D 6 22.26 35.75 -36.50
C GLN D 6 21.63 34.72 -35.57
N LEU D 7 20.31 34.50 -35.69
CA LEU D 7 19.66 33.48 -34.88
C LEU D 7 20.09 32.08 -35.31
N VAL D 8 20.16 31.83 -36.63
CA VAL D 8 20.62 30.55 -37.13
C VAL D 8 22.08 30.32 -36.74
N GLN D 9 22.88 31.40 -36.70
CA GLN D 9 24.28 31.25 -36.30
C GLN D 9 24.39 30.81 -34.85
N LYS D 10 23.51 31.32 -33.98
CA LYS D 10 23.53 30.88 -32.59
C LYS D 10 23.04 29.45 -32.45
N ALA D 11 22.06 29.04 -33.27
CA ALA D 11 21.61 27.66 -33.25
C ALA D 11 22.73 26.71 -33.66
N ARG D 12 23.50 27.09 -34.68
CA ARG D 12 24.66 26.28 -35.06
C ARG D 12 25.69 26.26 -33.95
N LEU D 13 25.94 27.40 -33.31
CA LEU D 13 26.89 27.45 -32.21
C LEU D 13 26.40 26.65 -31.01
N ALA D 14 25.09 26.73 -30.72
CA ALA D 14 24.55 25.99 -29.58
C ALA D 14 24.59 24.48 -29.80
N GLU D 15 24.51 24.04 -31.06
CA GLU D 15 24.58 22.61 -31.35
C GLU D 15 25.97 22.06 -31.06
N GLN D 16 27.01 22.75 -31.52
CA GLN D 16 28.37 22.28 -31.28
C GLN D 16 28.73 22.37 -29.79
N ALA D 17 28.17 23.33 -29.06
CA ALA D 17 28.36 23.41 -27.63
C ALA D 17 27.46 22.45 -26.85
N GLU D 18 26.66 21.64 -27.54
CA GLU D 18 25.75 20.68 -26.94
C GLU D 18 24.77 21.34 -25.96
N ARG D 19 24.41 22.59 -26.23
CA ARG D 19 23.40 23.32 -25.47
C ARG D 19 22.14 23.38 -26.33
N TYR D 20 21.34 22.31 -26.26
CA TYR D 20 20.20 22.17 -27.15
C TYR D 20 19.00 23.00 -26.71
N ASP D 21 18.92 23.38 -25.43
CA ASP D 21 17.87 24.29 -25.00
C ASP D 21 18.04 25.65 -25.67
N ASP D 22 19.27 26.14 -25.74
CA ASP D 22 19.52 27.37 -26.50
C ASP D 22 19.27 27.16 -27.98
N MET D 23 19.61 25.97 -28.50
CA MET D 23 19.41 25.69 -29.91
C MET D 23 17.93 25.66 -30.26
N ALA D 24 17.09 25.13 -29.36
CA ALA D 24 15.65 25.12 -29.60
C ALA D 24 15.07 26.53 -29.48
N ALA D 25 15.52 27.29 -28.48
CA ALA D 25 15.04 28.66 -28.32
C ALA D 25 15.43 29.52 -29.51
N ALA D 26 16.63 29.31 -30.05
CA ALA D 26 17.05 30.05 -31.24
C ALA D 26 16.19 29.69 -32.43
N MET D 27 16.02 28.39 -32.70
CA MET D 27 15.20 27.96 -33.83
C MET D 27 13.72 28.26 -33.64
N LYS D 28 13.27 28.40 -32.38
CA LYS D 28 11.90 28.84 -32.15
C LYS D 28 11.70 30.29 -32.57
N ASN D 29 12.72 31.13 -32.33
CA ASN D 29 12.65 32.50 -32.81
C ASN D 29 12.68 32.55 -34.34
N VAL D 30 13.46 31.67 -34.96
CA VAL D 30 13.48 31.60 -36.42
C VAL D 30 12.11 31.20 -36.96
N THR D 31 11.48 30.22 -36.31
CA THR D 31 10.16 29.77 -36.75
C THR D 31 9.11 30.86 -36.55
N GLU D 32 9.20 31.60 -35.44
CA GLU D 32 8.20 32.63 -35.14
C GLU D 32 8.30 33.85 -36.05
N LEU D 33 9.23 33.86 -37.01
CA LEU D 33 9.27 34.92 -38.01
C LEU D 33 8.21 34.76 -39.09
N ASN D 34 7.40 33.69 -39.03
CA ASN D 34 6.27 33.47 -39.92
C ASN D 34 6.70 33.44 -41.39
N GLU D 35 7.84 32.80 -41.65
CA GLU D 35 8.33 32.59 -43.00
C GLU D 35 8.72 31.13 -43.17
N PRO D 36 8.59 30.59 -44.37
CA PRO D 36 8.96 29.18 -44.60
C PRO D 36 10.44 28.95 -44.29
N LEU D 37 10.71 27.86 -43.57
CA LEU D 37 12.08 27.52 -43.21
C LEU D 37 12.77 26.82 -44.36
N SER D 38 14.07 27.10 -44.52
CA SER D 38 14.86 26.40 -45.51
C SER D 38 15.11 24.96 -45.06
N ASN D 39 15.74 24.18 -45.95
CA ASN D 39 16.05 22.80 -45.62
C ASN D 39 17.02 22.71 -44.45
N GLU D 40 18.00 23.61 -44.41
CA GLU D 40 18.93 23.63 -43.28
C GLU D 40 18.24 24.08 -42.00
N GLU D 41 17.34 25.05 -42.10
CA GLU D 41 16.61 25.50 -40.92
C GLU D 41 15.62 24.44 -40.44
N ARG D 42 15.05 23.65 -41.36
CA ARG D 42 14.16 22.57 -40.95
C ARG D 42 14.89 21.53 -40.12
N ASN D 43 16.12 21.19 -40.51
CA ASN D 43 16.89 20.21 -39.75
C ASN D 43 17.38 20.77 -38.43
N LEU D 44 17.80 22.05 -38.43
CA LEU D 44 18.26 22.67 -37.19
C LEU D 44 17.17 22.68 -36.13
N LEU D 45 15.94 23.01 -36.53
CA LEU D 45 14.83 22.99 -35.57
C LEU D 45 14.52 21.57 -35.13
N SER D 46 14.60 20.61 -36.04
CA SER D 46 14.27 19.22 -35.69
C SER D 46 15.34 18.62 -34.79
N VAL D 47 16.61 18.88 -35.07
CA VAL D 47 17.69 18.35 -34.25
C VAL D 47 17.62 18.94 -32.84
N ALA D 48 17.25 20.21 -32.74
CA ALA D 48 17.20 20.87 -31.44
C ALA D 48 16.13 20.27 -30.54
N TYR D 49 14.89 20.20 -31.04
CA TYR D 49 13.79 19.73 -30.21
C TYR D 49 13.86 18.22 -29.98
N LYS D 50 14.46 17.47 -30.91
CA LYS D 50 14.64 16.04 -30.69
C LYS D 50 15.62 15.79 -29.54
N ASN D 51 16.67 16.60 -29.45
CA ASN D 51 17.61 16.47 -28.34
C ASN D 51 17.00 16.98 -27.04
N VAL D 52 16.19 18.04 -27.12
CA VAL D 52 15.55 18.57 -25.92
C VAL D 52 14.57 17.56 -25.34
N VAL D 53 13.74 16.97 -26.20
CA VAL D 53 12.81 15.95 -25.73
C VAL D 53 13.50 14.61 -25.53
N GLY D 54 14.64 14.38 -26.18
CA GLY D 54 15.34 13.11 -25.99
C GLY D 54 15.93 12.99 -24.60
N ALA D 55 16.45 14.09 -24.05
CA ALA D 55 16.98 14.07 -22.69
C ALA D 55 15.88 13.81 -21.67
N ARG D 56 14.65 14.25 -21.95
CA ARG D 56 13.55 13.97 -21.05
C ARG D 56 13.02 12.55 -21.20
N ARG D 57 13.06 12.00 -22.43
CA ARG D 57 12.66 10.62 -22.62
C ARG D 57 13.60 9.66 -21.90
N SER D 58 14.90 9.91 -21.98
CA SER D 58 15.87 9.05 -21.31
C SER D 58 15.72 9.12 -19.79
N SER D 59 15.51 10.33 -19.26
CA SER D 59 15.33 10.47 -17.81
C SER D 59 14.00 9.86 -17.36
N TRP D 60 12.95 10.03 -18.15
CA TRP D 60 11.65 9.49 -17.78
C TRP D 60 11.69 7.96 -17.75
N ARG D 61 12.32 7.35 -18.74
CA ARG D 61 12.40 5.89 -18.78
C ARG D 61 13.21 5.34 -17.61
N VAL D 62 14.23 6.08 -17.16
CA VAL D 62 15.02 5.63 -16.03
C VAL D 62 14.20 5.66 -14.75
N ILE D 63 13.47 6.76 -14.52
CA ILE D 63 12.71 6.90 -13.29
C ILE D 63 11.45 6.02 -13.34
N SER D 64 10.80 5.93 -14.49
CA SER D 64 9.65 5.05 -14.63
C SER D 64 10.02 3.59 -14.39
N SER D 65 11.19 3.18 -14.89
CA SER D 65 11.66 1.81 -14.63
C SER D 65 11.94 1.60 -13.15
N ILE D 66 12.53 2.58 -12.49
CA ILE D 66 12.74 2.50 -11.05
C ILE D 66 11.39 2.51 -10.32
N GLU D 67 10.45 3.30 -10.83
CA GLU D 67 9.13 3.37 -10.21
C GLU D 67 8.39 2.04 -10.31
N GLN D 68 8.57 1.33 -11.44
CA GLN D 68 7.92 0.04 -11.63
C GLN D 68 8.57 -1.09 -10.85
N LYS D 69 9.86 -0.97 -10.53
CA LYS D 69 10.57 -2.02 -9.81
C LYS D 69 10.53 -1.87 -8.30
N THR D 70 10.24 -0.67 -7.80
CA THR D 70 10.23 -0.41 -6.36
C THR D 70 8.87 0.04 -5.85
N SER D 71 7.81 -0.14 -6.65
CA SER D 71 6.48 0.29 -6.22
C SER D 71 5.88 -0.61 -5.16
N ALA D 72 6.38 -1.83 -5.01
CA ALA D 72 5.86 -2.79 -4.04
C ALA D 72 6.84 -3.06 -2.91
N ASP D 73 7.74 -2.12 -2.64
CA ASP D 73 8.76 -2.30 -1.61
C ASP D 73 8.33 -1.78 -0.24
N GLY D 74 7.12 -1.22 -0.13
CA GLY D 74 6.57 -0.82 1.14
C GLY D 74 6.96 0.57 1.62
N ASN D 75 8.03 1.14 1.09
CA ASN D 75 8.50 2.46 1.51
C ASN D 75 7.58 3.51 0.91
N GLU D 76 6.52 3.85 1.64
CA GLU D 76 5.53 4.80 1.14
C GLU D 76 6.14 6.16 0.83
N LYS D 77 7.11 6.59 1.63
CA LYS D 77 7.73 7.88 1.38
C LYS D 77 8.65 7.84 0.17
N LYS D 78 9.38 6.73 -0.01
CA LYS D 78 10.29 6.63 -1.15
C LYS D 78 9.52 6.52 -2.47
N ILE D 79 8.42 5.76 -2.48
CA ILE D 79 7.67 5.59 -3.71
C ILE D 79 6.93 6.87 -4.08
N GLU D 80 6.38 7.56 -3.08
CA GLU D 80 5.76 8.86 -3.35
C GLU D 80 6.79 9.85 -3.90
N MET D 81 8.02 9.77 -3.42
CA MET D 81 9.08 10.64 -3.94
C MET D 81 9.44 10.28 -5.37
N VAL D 82 9.48 8.98 -5.69
CA VAL D 82 9.80 8.56 -7.05
C VAL D 82 8.68 8.94 -8.01
N ARG D 83 7.43 8.78 -7.58
CA ARG D 83 6.30 9.13 -8.43
C ARG D 83 6.28 10.64 -8.72
N ALA D 84 6.57 11.46 -7.71
CA ALA D 84 6.58 12.90 -7.91
C ALA D 84 7.71 13.31 -8.85
N TYR D 85 8.88 12.68 -8.73
CA TYR D 85 9.98 12.96 -9.64
C TYR D 85 9.66 12.51 -11.06
N ARG D 86 8.87 11.44 -11.20
CA ARG D 86 8.48 11.00 -12.54
C ARG D 86 7.49 11.97 -13.18
N GLU D 87 6.61 12.58 -12.38
CA GLU D 87 5.66 13.53 -12.92
C GLU D 87 6.32 14.85 -13.27
N LYS D 88 7.36 15.24 -12.53
CA LYS D 88 8.09 16.46 -12.87
C LYS D 88 8.77 16.33 -14.22
N ILE D 89 9.40 15.17 -14.48
CA ILE D 89 10.02 14.94 -15.78
C ILE D 89 8.95 14.73 -16.85
N GLU D 90 7.82 14.14 -16.48
CA GLU D 90 6.72 13.97 -17.43
C GLU D 90 6.14 15.32 -17.85
N LYS D 91 5.96 16.23 -16.90
CA LYS D 91 5.46 17.56 -17.24
C LYS D 91 6.45 18.33 -18.10
N GLU D 92 7.75 18.10 -17.89
CA GLU D 92 8.77 18.77 -18.71
C GLU D 92 8.70 18.29 -20.16
N LEU D 93 8.64 16.97 -20.35
CA LEU D 93 8.57 16.42 -21.70
C LEU D 93 7.29 16.87 -22.41
N GLU D 94 6.16 16.83 -21.70
CA GLU D 94 4.90 17.24 -22.31
C GLU D 94 4.92 18.72 -22.70
N ALA D 95 5.61 19.55 -21.91
CA ALA D 95 5.70 20.96 -22.27
C ALA D 95 6.64 21.18 -23.45
N VAL D 96 7.60 20.28 -23.65
CA VAL D 96 8.48 20.37 -24.82
C VAL D 96 7.76 19.92 -26.07
N CYS D 97 6.95 18.86 -25.97
CA CYS D 97 6.16 18.42 -27.12
C CYS D 97 5.13 19.46 -27.51
N GLN D 98 4.46 20.06 -26.52
CA GLN D 98 3.47 21.09 -26.82
C GLN D 98 4.10 22.30 -27.50
N ASP D 99 5.36 22.59 -27.17
CA ASP D 99 6.01 23.77 -27.75
C ASP D 99 6.27 23.58 -29.23
N VAL D 100 6.78 22.41 -29.63
CA VAL D 100 7.07 22.18 -31.05
C VAL D 100 5.79 21.91 -31.83
N LEU D 101 4.83 21.18 -31.23
CA LEU D 101 3.57 20.92 -31.91
C LEU D 101 2.82 22.22 -32.18
N SER D 102 2.90 23.18 -31.26
CA SER D 102 2.30 24.48 -31.49
C SER D 102 3.00 25.23 -32.62
N LEU D 103 4.33 25.09 -32.71
CA LEU D 103 5.07 25.71 -33.81
C LEU D 103 4.69 25.10 -35.15
N LEU D 104 4.41 23.79 -35.18
CA LEU D 104 4.05 23.14 -36.43
C LEU D 104 2.68 23.59 -36.92
N ASP D 105 1.70 23.61 -36.02
CA ASP D 105 0.32 23.89 -36.44
C ASP D 105 0.08 25.37 -36.72
N ASN D 106 0.84 26.26 -36.09
CA ASN D 106 0.60 27.69 -36.21
C ASN D 106 1.54 28.38 -37.19
N TYR D 107 2.75 27.86 -37.39
CA TYR D 107 3.72 28.51 -38.26
C TYR D 107 4.20 27.64 -39.41
N LEU D 108 4.49 26.36 -39.16
CA LEU D 108 5.14 25.50 -40.15
C LEU D 108 4.14 24.90 -41.14
N ILE D 109 3.15 24.17 -40.63
CA ILE D 109 2.15 23.55 -41.52
C ILE D 109 1.24 24.62 -42.12
N LYS D 110 0.83 25.60 -41.32
CA LYS D 110 -0.04 26.66 -41.79
C LYS D 110 0.75 27.70 -42.60
N THR D 115 1.69 22.80 -52.98
CA THR D 115 2.73 22.61 -53.99
C THR D 115 4.05 22.18 -53.34
N GLN D 116 4.35 22.76 -52.17
CA GLN D 116 5.54 22.41 -51.42
C GLN D 116 5.25 21.17 -50.57
N TYR D 117 5.04 20.06 -51.26
CA TYR D 117 4.68 18.81 -50.58
C TYR D 117 5.81 18.31 -49.69
N GLU D 118 7.06 18.53 -50.10
CA GLU D 118 8.19 18.01 -49.35
C GLU D 118 8.20 18.55 -47.93
N SER D 119 8.01 19.85 -47.77
CA SER D 119 7.95 20.43 -46.43
C SER D 119 6.75 19.94 -45.66
N LYS D 120 5.64 19.65 -46.35
CA LYS D 120 4.44 19.18 -45.66
C LYS D 120 4.65 17.78 -45.09
N VAL D 121 5.35 16.90 -45.83
CA VAL D 121 5.65 15.58 -45.29
C VAL D 121 6.65 15.67 -44.16
N PHE D 122 7.59 16.62 -44.24
CA PHE D 122 8.57 16.79 -43.18
C PHE D 122 7.91 17.24 -41.87
N TYR D 123 6.98 18.20 -41.95
CA TYR D 123 6.38 18.75 -40.75
C TYR D 123 5.33 17.80 -40.17
N LEU D 124 4.58 17.10 -41.01
CA LEU D 124 3.61 16.14 -40.51
C LEU D 124 4.30 14.94 -39.87
N LYS D 125 5.50 14.58 -40.34
CA LYS D 125 6.26 13.52 -39.70
C LYS D 125 6.69 13.95 -38.29
N MET D 126 7.11 15.20 -38.13
CA MET D 126 7.42 15.70 -36.80
C MET D 126 6.18 15.71 -35.91
N LYS D 127 5.04 16.11 -36.47
CA LYS D 127 3.80 16.13 -35.70
C LYS D 127 3.45 14.74 -35.19
N GLY D 128 3.60 13.73 -36.04
CA GLY D 128 3.37 12.36 -35.58
C GLY D 128 4.45 11.88 -34.64
N ASP D 129 5.68 12.38 -34.80
CA ASP D 129 6.78 11.97 -33.93
C ASP D 129 6.55 12.45 -32.51
N TYR D 130 6.18 13.73 -32.34
CA TYR D 130 6.05 14.29 -31.00
C TYR D 130 4.72 13.94 -30.33
N TYR D 131 3.70 13.56 -31.12
CA TYR D 131 2.52 12.96 -30.53
C TYR D 131 2.76 11.52 -30.11
N ARG D 132 3.76 10.85 -30.71
CA ARG D 132 4.12 9.50 -30.29
C ARG D 132 4.89 9.53 -28.97
N TYR D 133 5.75 10.53 -28.79
CA TYR D 133 6.46 10.66 -27.52
C TYR D 133 5.49 10.95 -26.37
N LEU D 134 4.42 11.70 -26.66
CA LEU D 134 3.40 11.93 -25.64
C LEU D 134 2.66 10.63 -25.32
N ALA D 135 2.42 9.78 -26.33
CA ALA D 135 1.74 8.52 -26.09
C ALA D 135 2.60 7.57 -25.26
N GLU D 136 3.93 7.73 -25.31
CA GLU D 136 4.82 6.87 -24.54
C GLU D 136 4.67 7.08 -23.04
N VAL D 137 4.16 8.23 -22.61
CA VAL D 137 4.03 8.53 -21.18
C VAL D 137 2.59 8.65 -20.72
N ALA D 138 1.62 8.83 -21.61
CA ALA D 138 0.22 8.94 -21.20
C ALA D 138 -0.36 7.55 -20.93
N THR D 139 -1.46 7.53 -20.18
CA THR D 139 -1.99 6.27 -19.67
C THR D 139 -3.38 5.93 -20.21
N GLY D 140 -4.36 6.82 -20.06
CA GLY D 140 -5.74 6.44 -20.34
C GLY D 140 -6.36 7.08 -21.56
N GLU D 141 -7.41 7.86 -21.34
CA GLU D 141 -8.05 8.57 -22.45
C GLU D 141 -7.11 9.61 -23.05
N LYS D 142 -6.22 10.18 -22.24
CA LYS D 142 -5.21 11.08 -22.78
C LYS D 142 -4.27 10.35 -23.73
N ARG D 143 -3.96 9.09 -23.43
CA ARG D 143 -3.14 8.29 -24.34
C ARG D 143 -3.87 8.02 -25.64
N ALA D 144 -5.12 7.56 -25.55
CA ALA D 144 -5.91 7.29 -26.75
C ALA D 144 -6.07 8.54 -27.61
N THR D 145 -6.09 9.72 -26.98
CA THR D 145 -6.22 10.97 -27.73
C THR D 145 -4.96 11.24 -28.54
N VAL D 146 -3.80 11.28 -27.86
CA VAL D 146 -2.55 11.59 -28.55
C VAL D 146 -2.15 10.48 -29.53
N VAL D 147 -2.63 9.26 -29.32
CA VAL D 147 -2.40 8.21 -30.31
C VAL D 147 -3.14 8.52 -31.60
N GLU D 148 -4.40 8.98 -31.49
CA GLU D 148 -5.17 9.34 -32.67
C GLU D 148 -4.53 10.53 -33.40
N SER D 149 -3.99 11.49 -32.65
CA SER D 149 -3.33 12.62 -33.28
C SER D 149 -2.04 12.21 -33.98
N SER D 150 -1.38 11.15 -33.49
CA SER D 150 -0.17 10.67 -34.16
C SER D 150 -0.52 9.91 -35.43
N GLU D 151 -1.53 9.04 -35.37
CA GLU D 151 -1.97 8.32 -36.56
C GLU D 151 -2.54 9.27 -37.61
N LYS D 152 -3.31 10.27 -37.17
CA LYS D 152 -3.88 11.24 -38.10
C LYS D 152 -2.78 12.02 -38.82
N ALA D 153 -1.74 12.42 -38.10
CA ALA D 153 -0.65 13.15 -38.73
C ALA D 153 0.23 12.23 -39.57
N TYR D 154 0.39 10.98 -39.15
CA TYR D 154 1.20 10.04 -39.91
C TYR D 154 0.49 9.61 -41.19
N SER D 155 -0.83 9.47 -41.14
CA SER D 155 -1.58 8.98 -42.31
C SER D 155 -1.57 10.00 -43.44
N GLU D 156 -1.77 11.28 -43.11
CA GLU D 156 -1.76 12.30 -44.16
C GLU D 156 -0.36 12.49 -44.72
N ALA D 157 0.66 12.41 -43.88
CA ALA D 157 2.04 12.45 -44.37
C ALA D 157 2.33 11.27 -45.28
N HIS D 158 1.75 10.10 -44.96
CA HIS D 158 1.96 8.92 -45.80
C HIS D 158 1.20 9.05 -47.11
N GLU D 159 -0.01 9.64 -47.06
CA GLU D 159 -0.80 9.80 -48.28
C GLU D 159 -0.17 10.82 -49.21
N ILE D 160 0.37 11.91 -48.66
CA ILE D 160 0.99 12.93 -49.50
C ILE D 160 2.34 12.44 -50.03
N SER D 161 3.04 11.60 -49.27
CA SER D 161 4.33 11.10 -49.71
C SER D 161 4.18 10.01 -50.77
N LYS D 162 3.17 9.15 -50.63
CA LYS D 162 2.96 8.09 -51.62
C LYS D 162 2.65 8.65 -52.99
N GLU D 163 1.99 9.81 -53.06
CA GLU D 163 1.54 10.37 -54.32
C GLU D 163 2.59 11.25 -55.00
N HIS D 164 3.12 12.24 -54.28
CA HIS D 164 3.96 13.27 -54.88
C HIS D 164 5.42 13.17 -54.46
N MET D 165 5.85 12.02 -53.96
CA MET D 165 7.24 11.82 -53.56
C MET D 165 7.75 10.50 -54.10
N GLN D 166 8.99 10.52 -54.61
CA GLN D 166 9.61 9.30 -55.08
C GLN D 166 9.95 8.40 -53.90
N PRO D 167 9.87 7.08 -54.08
CA PRO D 167 10.20 6.15 -52.97
C PRO D 167 11.65 6.22 -52.54
N THR D 168 12.53 6.82 -53.33
CA THR D 168 13.95 6.94 -52.99
C THR D 168 14.26 8.14 -52.11
N HIS D 169 13.24 8.93 -51.76
CA HIS D 169 13.47 10.12 -50.94
C HIS D 169 13.61 9.73 -49.47
N PRO D 170 14.71 10.12 -48.80
CA PRO D 170 14.86 9.77 -47.37
C PRO D 170 13.73 10.29 -46.49
N ILE D 171 13.10 11.41 -46.86
CA ILE D 171 12.00 11.95 -46.06
C ILE D 171 10.84 10.96 -46.05
N ARG D 172 10.45 10.47 -47.22
CA ARG D 172 9.39 9.47 -47.29
C ARG D 172 9.82 8.16 -46.65
N LEU D 173 11.10 7.79 -46.81
CA LEU D 173 11.59 6.58 -46.18
C LEU D 173 11.75 6.76 -44.67
N GLY D 174 12.21 7.93 -44.25
CA GLY D 174 12.33 8.19 -42.82
C GLY D 174 11.00 8.20 -42.11
N LEU D 175 9.98 8.82 -42.73
CA LEU D 175 8.64 8.76 -42.16
C LEU D 175 8.13 7.33 -42.11
N ALA D 176 8.36 6.56 -43.17
CA ALA D 176 7.93 5.16 -43.19
C ALA D 176 8.57 4.37 -42.06
N LEU D 177 9.82 4.69 -41.72
CA LEU D 177 10.46 4.05 -40.57
C LEU D 177 9.77 4.47 -39.27
N ASN D 178 9.60 5.77 -39.07
CA ASN D 178 8.94 6.26 -37.86
C ASN D 178 7.49 5.81 -37.80
N TYR D 179 6.82 5.76 -38.96
CA TYR D 179 5.43 5.30 -38.99
C TYR D 179 5.33 3.82 -38.62
N SER D 180 6.31 3.01 -39.05
CA SER D 180 6.29 1.60 -38.71
C SER D 180 6.52 1.38 -37.23
N VAL D 181 7.38 2.19 -36.61
CA VAL D 181 7.62 2.06 -35.17
C VAL D 181 6.37 2.44 -34.39
N PHE D 182 5.58 3.38 -34.90
CA PHE D 182 4.35 3.77 -34.22
C PHE D 182 3.38 2.59 -34.10
N TYR D 183 3.25 1.81 -35.17
CA TYR D 183 2.37 0.64 -35.11
C TYR D 183 2.95 -0.43 -34.20
N TYR D 184 4.27 -0.59 -34.20
CA TYR D 184 4.89 -1.64 -33.39
C TYR D 184 4.95 -1.24 -31.92
N GLU D 185 5.49 -0.06 -31.63
CA GLU D 185 5.76 0.34 -30.24
C GLU D 185 4.54 0.94 -29.54
N ILE D 186 3.63 1.56 -30.28
CA ILE D 186 2.52 2.26 -29.64
C ILE D 186 1.23 1.48 -29.81
N GLN D 187 0.86 1.19 -31.05
CA GLN D 187 -0.44 0.56 -31.33
C GLN D 187 -0.42 -0.95 -31.18
N ASN D 188 0.72 -1.55 -30.85
CA ASN D 188 0.85 -3.00 -30.65
C ASN D 188 0.31 -3.76 -31.86
N ALA D 189 0.77 -3.38 -33.04
CA ALA D 189 0.37 -4.01 -34.30
C ALA D 189 1.62 -4.42 -35.06
N PRO D 190 2.26 -5.53 -34.64
CA PRO D 190 3.45 -6.00 -35.38
C PRO D 190 3.14 -6.40 -36.81
N GLU D 191 1.93 -6.87 -37.09
CA GLU D 191 1.56 -7.20 -38.46
C GLU D 191 1.49 -5.95 -39.33
N GLN D 192 0.78 -4.93 -38.86
CA GLN D 192 0.69 -3.68 -39.62
C GLN D 192 2.03 -2.96 -39.69
N ALA D 193 2.87 -3.12 -38.66
CA ALA D 193 4.17 -2.47 -38.66
C ALA D 193 5.09 -3.07 -39.71
N CYS D 194 5.17 -4.41 -39.76
CA CYS D 194 6.02 -5.07 -40.74
C CYS D 194 5.56 -4.76 -42.16
N HIS D 195 4.24 -4.77 -42.40
CA HIS D 195 3.72 -4.56 -43.75
C HIS D 195 4.16 -3.21 -44.31
N LEU D 196 4.00 -2.15 -43.52
CA LEU D 196 4.40 -0.82 -44.00
C LEU D 196 5.91 -0.72 -44.17
N ALA D 197 6.68 -1.31 -43.24
CA ALA D 197 8.13 -1.28 -43.37
C ALA D 197 8.60 -2.13 -44.54
N LYS D 198 7.95 -3.27 -44.77
CA LYS D 198 8.31 -4.11 -45.92
C LYS D 198 7.87 -3.46 -47.23
N THR D 199 6.68 -2.86 -47.24
CA THR D 199 6.22 -2.16 -48.44
C THR D 199 7.09 -0.96 -48.76
N ALA D 200 7.59 -0.27 -47.73
CA ALA D 200 8.46 0.88 -47.96
C ALA D 200 9.83 0.45 -48.47
N PHE D 201 10.32 -0.72 -48.03
CA PHE D 201 11.63 -1.19 -48.48
C PHE D 201 11.54 -1.89 -49.83
N ASP D 202 10.44 -2.59 -50.10
CA ASP D 202 10.29 -3.27 -51.38
C ASP D 202 10.03 -2.28 -52.52
N ASP D 203 9.32 -1.19 -52.25
CA ASP D 203 9.02 -0.20 -53.27
C ASP D 203 10.21 0.73 -53.55
N ALA D 204 11.16 0.82 -52.62
CA ALA D 204 12.35 1.64 -52.83
C ALA D 204 13.47 0.90 -53.54
N ILE D 205 13.56 -0.42 -53.34
CA ILE D 205 14.58 -1.20 -54.03
C ILE D 205 14.24 -1.33 -55.52
N ALA D 206 12.96 -1.22 -55.88
CA ALA D 206 12.58 -1.30 -57.28
C ALA D 206 13.09 -0.11 -58.08
N GLU D 207 13.17 1.06 -57.46
CA GLU D 207 13.67 2.25 -58.14
C GLU D 207 15.15 2.43 -57.87
N THR D 220 20.43 4.47 -49.40
CA THR D 220 20.52 5.24 -48.16
C THR D 220 20.51 4.31 -46.95
N LEU D 221 21.00 4.81 -45.81
CA LEU D 221 21.07 4.01 -44.59
C LEU D 221 19.69 3.74 -44.01
N ILE D 222 18.69 4.55 -44.34
CA ILE D 222 17.33 4.34 -43.83
C ILE D 222 16.78 3.00 -44.32
N MET D 223 17.14 2.60 -45.54
CA MET D 223 16.69 1.31 -46.06
C MET D 223 17.22 0.16 -45.21
N GLN D 224 18.48 0.25 -44.78
CA GLN D 224 19.02 -0.78 -43.89
C GLN D 224 18.32 -0.76 -42.54
N LEU D 225 18.04 0.43 -42.00
CA LEU D 225 17.32 0.52 -40.74
C LEU D 225 15.91 -0.06 -40.85
N LEU D 226 15.29 0.07 -42.02
CA LEU D 226 14.03 -0.64 -42.26
C LEU D 226 14.23 -2.14 -42.21
N ARG D 227 15.30 -2.64 -42.85
CA ARG D 227 15.61 -4.06 -42.77
C ARG D 227 16.09 -4.45 -41.38
N ASP D 228 16.77 -3.54 -40.68
CA ASP D 228 17.21 -3.83 -39.31
C ASP D 228 16.01 -4.04 -38.40
N ASN D 229 15.01 -3.17 -38.49
CA ASN D 229 13.81 -3.33 -37.68
C ASN D 229 12.96 -4.50 -38.15
N LEU D 230 12.94 -4.77 -39.46
CA LEU D 230 12.18 -5.89 -39.98
C LEU D 230 12.73 -7.22 -39.49
N THR D 231 14.05 -7.31 -39.30
CA THR D 231 14.66 -8.55 -38.83
C THR D 231 14.26 -8.84 -37.39
N LEU D 232 14.18 -7.81 -36.54
CA LEU D 232 13.81 -7.99 -35.14
C LEU D 232 12.31 -8.11 -34.94
N TRP D 233 11.50 -7.85 -35.98
CA TRP D 233 10.05 -7.92 -35.85
C TRP D 233 9.45 -9.22 -36.38
N THR D 234 10.21 -9.99 -37.14
CA THR D 234 9.72 -11.26 -37.67
C THR D 234 10.74 -12.38 -37.47
N VAL E 2 -13.28 -44.17 21.42
CA VAL E 2 -14.34 -45.16 21.50
C VAL E 2 -15.16 -44.94 22.78
N ASP E 3 -14.74 -43.96 23.58
CA ASP E 3 -15.45 -43.60 24.80
C ASP E 3 -16.72 -42.86 24.43
N ARG E 4 -17.85 -43.57 24.43
CA ARG E 4 -19.11 -42.98 23.99
C ARG E 4 -19.61 -41.93 24.99
N GLU E 5 -19.58 -42.26 26.29
CA GLU E 5 -20.13 -41.35 27.29
C GLU E 5 -19.35 -40.04 27.35
N GLN E 6 -18.06 -40.08 27.03
CA GLN E 6 -17.29 -38.83 27.00
C GLN E 6 -17.73 -37.93 25.85
N LEU E 7 -18.14 -38.52 24.72
CA LEU E 7 -18.62 -37.72 23.61
C LEU E 7 -19.99 -37.11 23.92
N VAL E 8 -20.84 -37.85 24.63
CA VAL E 8 -22.14 -37.31 25.03
C VAL E 8 -21.95 -36.16 26.02
N GLN E 9 -21.06 -36.33 26.99
CA GLN E 9 -20.78 -35.26 27.93
C GLN E 9 -20.14 -34.06 27.23
N LYS E 10 -19.40 -34.30 26.15
CA LYS E 10 -18.87 -33.20 25.35
C LYS E 10 -20.01 -32.41 24.70
N ALA E 11 -21.06 -33.11 24.25
CA ALA E 11 -22.22 -32.43 23.69
C ALA E 11 -22.96 -31.62 24.74
N ARG E 12 -23.08 -32.16 25.96
CA ARG E 12 -23.71 -31.40 27.04
C ARG E 12 -22.94 -30.13 27.33
N LEU E 13 -21.60 -30.21 27.32
CA LEU E 13 -20.78 -29.02 27.55
C LEU E 13 -20.97 -28.00 26.44
N ALA E 14 -20.97 -28.46 25.18
CA ALA E 14 -21.11 -27.55 24.06
C ALA E 14 -22.47 -26.87 24.05
N GLU E 15 -23.50 -27.51 24.60
CA GLU E 15 -24.81 -26.89 24.68
C GLU E 15 -24.83 -25.76 25.70
N GLN E 16 -24.24 -25.98 26.88
CA GLN E 16 -24.17 -24.93 27.88
C GLN E 16 -23.34 -23.75 27.38
N ALA E 17 -22.30 -24.02 26.60
CA ALA E 17 -21.50 -22.96 26.00
C ALA E 17 -22.12 -22.38 24.74
N GLU E 18 -23.29 -22.87 24.33
CA GLU E 18 -23.99 -22.41 23.14
C GLU E 18 -23.13 -22.55 21.89
N ARG E 19 -22.25 -23.56 21.87
CA ARG E 19 -21.44 -23.87 20.69
C ARG E 19 -22.05 -25.09 20.03
N TYR E 20 -23.06 -24.85 19.20
CA TYR E 20 -23.84 -25.94 18.63
C TYR E 20 -23.14 -26.63 17.48
N ASP E 21 -22.09 -26.03 16.91
CA ASP E 21 -21.29 -26.74 15.92
C ASP E 21 -20.54 -27.89 16.56
N ASP E 22 -19.94 -27.64 17.73
CA ASP E 22 -19.28 -28.72 18.46
C ASP E 22 -20.29 -29.74 18.97
N MET E 23 -21.46 -29.27 19.41
CA MET E 23 -22.48 -30.16 19.94
C MET E 23 -22.99 -31.11 18.86
N ALA E 24 -23.18 -30.60 17.65
CA ALA E 24 -23.64 -31.44 16.55
C ALA E 24 -22.60 -32.50 16.18
N ALA E 25 -21.33 -32.10 16.14
CA ALA E 25 -20.28 -33.04 15.77
C ALA E 25 -20.14 -34.15 16.82
N ALA E 26 -20.34 -33.83 18.10
CA ALA E 26 -20.25 -34.85 19.13
C ALA E 26 -21.39 -35.84 19.03
N MET E 27 -22.62 -35.36 18.82
CA MET E 27 -23.76 -36.26 18.72
C MET E 27 -23.73 -37.05 17.42
N LYS E 28 -23.23 -36.45 16.34
CA LYS E 28 -23.05 -37.21 15.10
C LYS E 28 -22.03 -38.33 15.30
N ASN E 29 -20.97 -38.05 16.06
CA ASN E 29 -20.01 -39.10 16.39
C ASN E 29 -20.62 -40.16 17.28
N VAL E 30 -21.50 -39.76 18.20
CA VAL E 30 -22.20 -40.71 19.05
C VAL E 30 -23.13 -41.58 18.20
N THR E 31 -23.86 -40.96 17.27
CA THR E 31 -24.77 -41.71 16.41
C THR E 31 -24.02 -42.71 15.55
N GLU E 32 -22.82 -42.34 15.09
CA GLU E 32 -22.06 -43.20 14.18
C GLU E 32 -21.56 -44.47 14.85
N LEU E 33 -21.69 -44.61 16.17
CA LEU E 33 -21.33 -45.84 16.86
C LEU E 33 -22.39 -46.92 16.73
N ASN E 34 -23.47 -46.65 16.01
CA ASN E 34 -24.57 -47.59 15.74
C ASN E 34 -25.27 -48.05 17.01
N GLU E 35 -25.04 -47.40 18.15
CA GLU E 35 -25.77 -47.73 19.37
C GLU E 35 -27.05 -46.90 19.44
N PRO E 36 -28.18 -47.50 19.78
CA PRO E 36 -29.44 -46.74 19.81
C PRO E 36 -29.37 -45.55 20.75
N LEU E 37 -29.83 -44.40 20.27
CA LEU E 37 -29.77 -43.17 21.04
C LEU E 37 -30.83 -43.15 22.12
N SER E 38 -30.43 -42.78 23.33
CA SER E 38 -31.37 -42.66 24.44
C SER E 38 -32.28 -41.45 24.22
N ASN E 39 -33.21 -41.25 25.16
CA ASN E 39 -34.16 -40.14 25.05
C ASN E 39 -33.44 -38.80 25.16
N GLU E 40 -32.57 -38.67 26.16
CA GLU E 40 -31.81 -37.43 26.31
C GLU E 40 -30.86 -37.22 25.13
N GLU E 41 -30.17 -38.29 24.72
CA GLU E 41 -29.26 -38.18 23.59
C GLU E 41 -30.01 -37.86 22.30
N ARG E 42 -31.25 -38.32 22.18
CA ARG E 42 -32.07 -37.95 21.02
C ARG E 42 -32.32 -36.45 20.99
N ASN E 43 -32.63 -35.86 22.14
CA ASN E 43 -32.87 -34.42 22.20
C ASN E 43 -31.58 -33.63 21.97
N LEU E 44 -30.45 -34.14 22.50
CA LEU E 44 -29.17 -33.46 22.29
C LEU E 44 -28.85 -33.35 20.80
N LEU E 45 -29.07 -34.43 20.05
CA LEU E 45 -28.82 -34.39 18.61
C LEU E 45 -29.76 -33.43 17.92
N SER E 46 -31.05 -33.47 18.26
CA SER E 46 -32.03 -32.63 17.60
C SER E 46 -31.82 -31.16 17.93
N VAL E 47 -31.52 -30.85 19.19
CA VAL E 47 -31.29 -29.46 19.58
C VAL E 47 -30.07 -28.90 18.88
N ALA E 48 -29.00 -29.69 18.79
CA ALA E 48 -27.77 -29.23 18.17
C ALA E 48 -27.99 -28.88 16.70
N TYR E 49 -28.52 -29.84 15.93
CA TYR E 49 -28.64 -29.64 14.49
C TYR E 49 -29.71 -28.60 14.14
N LYS E 50 -30.77 -28.50 14.95
CA LYS E 50 -31.76 -27.45 14.72
C LYS E 50 -31.19 -26.07 14.94
N ASN E 51 -30.28 -25.92 15.90
CA ASN E 51 -29.62 -24.63 16.10
C ASN E 51 -28.65 -24.32 14.97
N VAL E 52 -27.96 -25.34 14.47
CA VAL E 52 -27.03 -25.13 13.37
C VAL E 52 -27.78 -24.71 12.11
N VAL E 53 -28.82 -25.47 11.75
CA VAL E 53 -29.60 -25.12 10.56
C VAL E 53 -30.47 -23.91 10.83
N GLY E 54 -30.82 -23.65 12.09
CA GLY E 54 -31.68 -22.52 12.39
C GLY E 54 -30.99 -21.18 12.16
N ALA E 55 -29.69 -21.12 12.44
CA ALA E 55 -28.95 -19.89 12.19
C ALA E 55 -28.90 -19.55 10.70
N ARG E 56 -28.83 -20.57 9.85
CA ARG E 56 -28.83 -20.33 8.41
C ARG E 56 -30.23 -19.96 7.91
N ARG E 57 -31.26 -20.60 8.45
CA ARG E 57 -32.63 -20.24 8.06
C ARG E 57 -32.93 -18.79 8.41
N SER E 58 -32.48 -18.34 9.59
CA SER E 58 -32.71 -16.96 9.99
C SER E 58 -31.91 -16.00 9.12
N SER E 59 -30.67 -16.36 8.79
CA SER E 59 -29.86 -15.51 7.92
C SER E 59 -30.41 -15.48 6.50
N TRP E 60 -30.88 -16.62 6.00
CA TRP E 60 -31.42 -16.68 4.65
C TRP E 60 -32.65 -15.79 4.51
N ARG E 61 -33.52 -15.79 5.51
CA ARG E 61 -34.72 -14.95 5.45
C ARG E 61 -34.36 -13.48 5.41
N VAL E 62 -33.35 -13.07 6.17
CA VAL E 62 -32.96 -11.66 6.20
C VAL E 62 -32.36 -11.25 4.87
N ILE E 63 -31.55 -12.12 4.26
CA ILE E 63 -30.93 -11.79 2.98
C ILE E 63 -31.98 -11.84 1.87
N SER E 64 -32.84 -12.87 1.87
CA SER E 64 -33.88 -12.95 0.85
C SER E 64 -34.86 -11.79 0.95
N SER E 65 -35.13 -11.31 2.17
CA SER E 65 -35.97 -10.13 2.33
C SER E 65 -35.25 -8.88 1.83
N ILE E 66 -33.93 -8.80 2.07
CA ILE E 66 -33.17 -7.65 1.59
C ILE E 66 -32.87 -7.74 0.10
N GLU E 67 -32.97 -8.92 -0.49
CA GLU E 67 -32.71 -9.08 -1.92
C GLU E 67 -33.94 -8.71 -2.75
N GLN E 68 -35.11 -9.21 -2.36
CA GLN E 68 -36.34 -8.92 -3.09
C GLN E 68 -36.86 -7.50 -2.84
N LYS E 69 -36.35 -6.81 -1.83
CA LYS E 69 -36.77 -5.45 -1.55
C LYS E 69 -35.98 -4.42 -2.34
N THR E 70 -34.74 -4.72 -2.69
CA THR E 70 -33.91 -3.83 -3.49
C THR E 70 -33.84 -4.26 -4.95
N SER E 71 -34.81 -5.05 -5.42
CA SER E 71 -34.80 -5.49 -6.81
C SER E 71 -35.12 -4.34 -7.76
N ALA E 72 -35.90 -3.35 -7.31
CA ALA E 72 -36.25 -2.19 -8.12
C ALA E 72 -35.27 -1.05 -7.93
N ASP E 73 -34.15 -1.27 -7.23
CA ASP E 73 -33.16 -0.23 -7.03
C ASP E 73 -32.29 0.03 -8.25
N GLY E 74 -32.15 -0.96 -9.13
CA GLY E 74 -31.36 -0.79 -10.33
C GLY E 74 -29.86 -0.75 -10.10
N ASN E 75 -29.37 -1.44 -9.07
CA ASN E 75 -27.95 -1.51 -8.75
C ASN E 75 -27.52 -2.97 -8.91
N GLU E 76 -27.10 -3.33 -10.12
CA GLU E 76 -26.74 -4.72 -10.38
C GLU E 76 -25.46 -5.12 -9.69
N LYS E 77 -24.53 -4.18 -9.50
CA LYS E 77 -23.31 -4.48 -8.75
C LYS E 77 -23.63 -4.82 -7.30
N LYS E 78 -24.70 -4.25 -6.75
CA LYS E 78 -25.13 -4.55 -5.39
C LYS E 78 -26.11 -5.72 -5.34
N ILE E 79 -27.02 -5.80 -6.32
CA ILE E 79 -28.03 -6.86 -6.31
C ILE E 79 -27.37 -8.22 -6.52
N GLU E 80 -26.32 -8.27 -7.35
CA GLU E 80 -25.63 -9.54 -7.57
C GLU E 80 -24.87 -9.98 -6.33
N MET E 81 -24.29 -9.02 -5.60
CA MET E 81 -23.57 -9.36 -4.37
C MET E 81 -24.52 -9.88 -3.30
N VAL E 82 -25.72 -9.32 -3.23
CA VAL E 82 -26.72 -9.82 -2.29
C VAL E 82 -27.19 -11.20 -2.70
N ARG E 83 -27.43 -11.41 -4.00
CA ARG E 83 -27.87 -12.72 -4.47
C ARG E 83 -26.79 -13.77 -4.27
N ALA E 84 -25.53 -13.39 -4.47
CA ALA E 84 -24.43 -14.34 -4.26
C ALA E 84 -24.31 -14.72 -2.79
N TYR E 85 -24.62 -13.79 -1.88
CA TYR E 85 -24.60 -14.13 -0.45
C TYR E 85 -25.71 -15.10 -0.10
N ARG E 86 -26.91 -14.89 -0.65
CA ARG E 86 -28.02 -15.81 -0.39
C ARG E 86 -27.67 -17.22 -0.82
N GLU E 87 -27.00 -17.36 -1.97
CA GLU E 87 -26.59 -18.69 -2.42
C GLU E 87 -25.55 -19.31 -1.50
N LYS E 88 -24.69 -18.48 -0.90
CA LYS E 88 -23.70 -18.99 0.05
C LYS E 88 -24.38 -19.55 1.29
N ILE E 89 -25.33 -18.80 1.85
CA ILE E 89 -26.07 -19.27 3.02
C ILE E 89 -26.89 -20.51 2.64
N GLU E 90 -27.42 -20.54 1.42
CA GLU E 90 -28.17 -21.70 0.96
C GLU E 90 -27.29 -22.94 0.90
N LYS E 91 -26.06 -22.81 0.40
CA LYS E 91 -25.17 -23.96 0.31
C LYS E 91 -24.83 -24.51 1.68
N GLU E 92 -24.63 -23.62 2.66
CA GLU E 92 -24.42 -24.07 4.04
C GLU E 92 -25.66 -24.76 4.59
N LEU E 93 -26.84 -24.20 4.30
CA LEU E 93 -28.08 -24.78 4.81
C LEU E 93 -28.32 -26.16 4.22
N GLU E 94 -28.15 -26.30 2.91
CA GLU E 94 -28.36 -27.60 2.27
C GLU E 94 -27.36 -28.63 2.76
N ALA E 95 -26.11 -28.21 2.99
CA ALA E 95 -25.11 -29.15 3.51
C ALA E 95 -25.44 -29.61 4.92
N VAL E 96 -25.94 -28.69 5.76
CA VAL E 96 -26.34 -29.08 7.11
C VAL E 96 -27.52 -30.02 7.08
N CYS E 97 -28.51 -29.74 6.22
CA CYS E 97 -29.65 -30.63 6.09
C CYS E 97 -29.22 -32.01 5.57
N GLN E 98 -28.31 -32.04 4.61
CA GLN E 98 -27.84 -33.31 4.06
C GLN E 98 -27.17 -34.16 5.13
N ASP E 99 -26.41 -33.53 6.04
CA ASP E 99 -25.72 -34.27 7.08
C ASP E 99 -26.72 -34.97 8.02
N VAL E 100 -27.82 -34.29 8.35
CA VAL E 100 -28.83 -34.90 9.22
C VAL E 100 -29.59 -35.99 8.47
N LEU E 101 -30.02 -35.70 7.24
CA LEU E 101 -30.80 -36.66 6.48
C LEU E 101 -29.99 -37.92 6.18
N SER E 102 -28.71 -37.76 5.84
CA SER E 102 -27.85 -38.92 5.64
C SER E 102 -27.64 -39.69 6.92
N LEU E 103 -27.60 -38.99 8.07
CA LEU E 103 -27.43 -39.67 9.34
C LEU E 103 -28.70 -40.41 9.75
N LEU E 104 -29.87 -39.84 9.43
CA LEU E 104 -31.13 -40.49 9.80
C LEU E 104 -31.35 -41.76 9.00
N ASP E 105 -31.20 -41.70 7.68
CA ASP E 105 -31.52 -42.84 6.83
C ASP E 105 -30.56 -44.00 7.04
N ASN E 106 -29.30 -43.72 7.40
CA ASN E 106 -28.29 -44.75 7.47
C ASN E 106 -27.88 -45.13 8.88
N TYR E 107 -28.32 -44.38 9.90
CA TYR E 107 -28.00 -44.72 11.27
C TYR E 107 -29.24 -44.74 12.17
N LEU E 108 -30.23 -43.89 11.87
CA LEU E 108 -31.31 -43.60 12.80
C LEU E 108 -32.67 -44.07 12.31
N ILE E 109 -33.11 -43.59 11.15
CA ILE E 109 -34.45 -43.92 10.66
C ILE E 109 -34.52 -45.37 10.20
N GLN E 116 -38.82 -50.11 19.38
CA GLN E 116 -39.44 -48.93 19.94
C GLN E 116 -40.00 -48.02 18.85
N TYR E 117 -41.30 -47.73 18.93
CA TYR E 117 -41.95 -46.89 17.92
C TYR E 117 -41.76 -45.41 18.18
N GLU E 118 -41.50 -45.01 19.43
CA GLU E 118 -41.33 -43.60 19.74
C GLU E 118 -40.12 -43.01 19.03
N SER E 119 -39.04 -43.78 18.95
CA SER E 119 -37.86 -43.31 18.23
C SER E 119 -38.13 -43.20 16.73
N LYS E 120 -38.87 -44.15 16.17
CA LYS E 120 -39.16 -44.12 14.74
C LYS E 120 -39.95 -42.88 14.37
N VAL E 121 -40.94 -42.51 15.17
CA VAL E 121 -41.72 -41.31 14.88
C VAL E 121 -40.86 -40.06 15.07
N PHE E 122 -40.00 -40.06 16.09
CA PHE E 122 -39.12 -38.92 16.32
C PHE E 122 -38.17 -38.71 15.13
N TYR E 123 -37.55 -39.79 14.66
CA TYR E 123 -36.61 -39.67 13.55
C TYR E 123 -37.34 -39.39 12.24
N LEU E 124 -38.53 -39.96 12.05
CA LEU E 124 -39.29 -39.68 10.84
C LEU E 124 -39.77 -38.25 10.80
N LYS E 125 -40.12 -37.68 11.96
CA LYS E 125 -40.49 -36.27 12.02
C LYS E 125 -39.30 -35.37 11.69
N MET E 126 -38.11 -35.74 12.19
CA MET E 126 -36.91 -34.99 11.85
C MET E 126 -36.65 -35.02 10.35
N LYS E 127 -36.86 -36.19 9.72
CA LYS E 127 -36.67 -36.30 8.28
C LYS E 127 -37.59 -35.35 7.53
N GLY E 128 -38.87 -35.32 7.91
CA GLY E 128 -39.78 -34.38 7.28
C GLY E 128 -39.47 -32.94 7.60
N ASP E 129 -38.93 -32.67 8.80
CA ASP E 129 -38.60 -31.31 9.19
C ASP E 129 -37.45 -30.77 8.33
N TYR E 130 -36.38 -31.56 8.17
CA TYR E 130 -35.22 -31.06 7.44
C TYR E 130 -35.44 -31.08 5.94
N TYR E 131 -36.31 -31.96 5.44
CA TYR E 131 -36.74 -31.85 4.05
C TYR E 131 -37.60 -30.61 3.85
N ARG E 132 -38.38 -30.24 4.87
CA ARG E 132 -39.15 -29.01 4.80
C ARG E 132 -38.23 -27.79 4.81
N TYR E 133 -37.16 -27.85 5.62
CA TYR E 133 -36.19 -26.75 5.61
C TYR E 133 -35.51 -26.62 4.26
N LEU E 134 -35.28 -27.73 3.57
CA LEU E 134 -34.76 -27.68 2.20
C LEU E 134 -35.77 -27.07 1.26
N ALA E 135 -37.06 -27.39 1.43
CA ALA E 135 -38.10 -26.86 0.56
C ALA E 135 -38.27 -25.35 0.73
N GLU E 136 -37.85 -24.79 1.86
CA GLU E 136 -37.98 -23.35 2.06
C GLU E 136 -37.09 -22.56 1.11
N VAL E 137 -35.97 -23.14 0.69
CA VAL E 137 -35.02 -22.43 -0.16
C VAL E 137 -34.96 -23.02 -1.57
N ALA E 138 -35.41 -24.25 -1.79
CA ALA E 138 -35.31 -24.87 -3.10
C ALA E 138 -36.31 -24.28 -4.07
N THR E 139 -35.99 -24.35 -5.36
CA THR E 139 -36.85 -23.86 -6.42
C THR E 139 -36.79 -24.83 -7.60
N GLY E 140 -37.77 -24.69 -8.50
CA GLY E 140 -37.81 -25.51 -9.69
C GLY E 140 -38.10 -26.97 -9.39
N GLU E 141 -37.51 -27.85 -10.20
CA GLU E 141 -37.71 -29.29 -10.00
C GLU E 141 -37.12 -29.76 -8.68
N LYS E 142 -36.10 -29.07 -8.16
CA LYS E 142 -35.53 -29.44 -6.87
C LYS E 142 -36.51 -29.21 -5.74
N ARG E 143 -37.38 -28.21 -5.86
CA ARG E 143 -38.35 -27.94 -4.80
C ARG E 143 -39.47 -28.98 -4.78
N ALA E 144 -39.78 -29.58 -5.93
CA ALA E 144 -40.86 -30.55 -5.98
C ALA E 144 -40.48 -31.87 -5.34
N THR E 145 -39.21 -32.27 -5.42
CA THR E 145 -38.79 -33.56 -4.89
C THR E 145 -38.54 -33.54 -3.39
N VAL E 146 -38.22 -32.38 -2.81
CA VAL E 146 -38.07 -32.32 -1.36
C VAL E 146 -39.43 -32.26 -0.68
N VAL E 147 -40.43 -31.66 -1.33
CA VAL E 147 -41.78 -31.67 -0.78
C VAL E 147 -42.32 -33.09 -0.72
N GLU E 148 -42.03 -33.89 -1.75
CA GLU E 148 -42.47 -35.29 -1.74
C GLU E 148 -41.77 -36.08 -0.65
N SER E 149 -40.47 -35.88 -0.48
CA SER E 149 -39.75 -36.58 0.57
C SER E 149 -40.17 -36.08 1.96
N SER E 150 -40.56 -34.81 2.06
CA SER E 150 -41.07 -34.30 3.34
C SER E 150 -42.46 -34.84 3.62
N GLU E 151 -43.33 -34.88 2.60
CA GLU E 151 -44.66 -35.42 2.78
C GLU E 151 -44.61 -36.91 3.11
N LYS E 152 -43.73 -37.66 2.45
CA LYS E 152 -43.62 -39.08 2.72
C LYS E 152 -43.11 -39.37 4.12
N ALA E 153 -42.23 -38.51 4.65
CA ALA E 153 -41.71 -38.71 5.99
C ALA E 153 -42.73 -38.31 7.05
N TYR E 154 -43.45 -37.20 6.84
CA TYR E 154 -44.47 -36.78 7.78
C TYR E 154 -45.62 -37.79 7.82
N SER E 155 -46.08 -38.27 6.65
CA SER E 155 -47.22 -39.16 6.61
C SER E 155 -46.90 -40.51 7.25
N GLU E 156 -45.69 -41.02 7.05
CA GLU E 156 -45.32 -42.28 7.67
C GLU E 156 -45.22 -42.13 9.19
N ALA E 157 -44.75 -40.98 9.66
CA ALA E 157 -44.75 -40.72 11.10
C ALA E 157 -46.16 -40.52 11.63
N HIS E 158 -47.06 -39.97 10.80
CA HIS E 158 -48.44 -39.79 11.22
C HIS E 158 -49.15 -41.13 11.39
N GLU E 159 -48.82 -42.10 10.53
CA GLU E 159 -49.48 -43.41 10.62
C GLU E 159 -49.05 -44.16 11.87
N ILE E 160 -47.77 -44.12 12.21
CA ILE E 160 -47.31 -44.80 13.41
C ILE E 160 -47.81 -44.08 14.66
N SER E 161 -47.88 -42.75 14.62
CA SER E 161 -48.32 -41.99 15.79
C SER E 161 -49.80 -42.23 16.06
N LYS E 162 -50.61 -42.40 15.01
CA LYS E 162 -52.04 -42.60 15.21
C LYS E 162 -52.36 -43.97 15.78
N GLU E 163 -51.49 -44.96 15.54
CA GLU E 163 -51.74 -46.33 15.95
C GLU E 163 -51.30 -46.60 17.39
N HIS E 164 -50.03 -46.37 17.68
CA HIS E 164 -49.45 -46.77 18.96
C HIS E 164 -49.33 -45.64 19.98
N MET E 165 -49.58 -44.40 19.58
CA MET E 165 -49.41 -43.25 20.46
C MET E 165 -50.77 -42.63 20.76
N GLN E 166 -51.01 -42.33 22.04
CA GLN E 166 -52.22 -41.64 22.42
C GLN E 166 -52.20 -40.21 21.90
N PRO E 167 -53.37 -39.61 21.62
CA PRO E 167 -53.38 -38.25 21.06
C PRO E 167 -52.71 -37.22 21.93
N THR E 168 -52.55 -37.47 23.23
CA THR E 168 -51.93 -36.52 24.14
C THR E 168 -50.43 -36.71 24.27
N HIS E 169 -49.84 -37.62 23.50
CA HIS E 169 -48.40 -37.82 23.56
C HIS E 169 -47.68 -36.58 23.02
N PRO E 170 -46.66 -36.07 23.72
CA PRO E 170 -45.96 -34.88 23.21
C PRO E 170 -45.32 -35.08 21.85
N ILE E 171 -44.81 -36.27 21.57
CA ILE E 171 -44.22 -36.54 20.26
C ILE E 171 -45.30 -36.50 19.18
N ARG E 172 -46.46 -37.11 19.45
CA ARG E 172 -47.55 -37.11 18.47
C ARG E 172 -48.09 -35.70 18.27
N LEU E 173 -48.23 -34.93 19.35
CA LEU E 173 -48.72 -33.56 19.22
C LEU E 173 -47.73 -32.69 18.45
N GLY E 174 -46.45 -32.80 18.77
CA GLY E 174 -45.44 -32.01 18.06
C GLY E 174 -45.33 -32.37 16.59
N LEU E 175 -45.55 -33.65 16.26
CA LEU E 175 -45.52 -34.06 14.86
C LEU E 175 -46.65 -33.40 14.09
N ALA E 176 -47.86 -33.38 14.66
CA ALA E 176 -48.98 -32.74 13.99
C ALA E 176 -48.78 -31.24 13.85
N LEU E 177 -48.07 -30.63 14.79
CA LEU E 177 -47.78 -29.20 14.69
C LEU E 177 -46.91 -28.91 13.46
N ASN E 178 -45.78 -29.62 13.33
CA ASN E 178 -44.91 -29.41 12.19
C ASN E 178 -45.54 -29.88 10.88
N TYR E 179 -46.35 -30.95 10.95
CA TYR E 179 -47.06 -31.40 9.76
C TYR E 179 -48.07 -30.36 9.29
N SER E 180 -48.77 -29.71 10.23
CA SER E 180 -49.70 -28.66 9.84
C SER E 180 -48.96 -27.42 9.35
N VAL E 181 -47.80 -27.14 9.95
CA VAL E 181 -46.98 -26.03 9.48
C VAL E 181 -46.45 -26.31 8.07
N PHE E 182 -46.16 -27.58 7.77
CA PHE E 182 -45.67 -27.93 6.44
C PHE E 182 -46.71 -27.65 5.37
N TYR E 183 -47.98 -27.90 5.66
CA TYR E 183 -49.03 -27.69 4.67
C TYR E 183 -49.41 -26.22 4.51
N TYR E 184 -49.16 -25.39 5.52
CA TYR E 184 -49.49 -23.98 5.44
C TYR E 184 -48.41 -23.16 4.76
N GLU E 185 -47.14 -23.38 5.11
CA GLU E 185 -46.06 -22.54 4.62
C GLU E 185 -45.40 -23.08 3.36
N ILE E 186 -45.43 -24.39 3.14
CA ILE E 186 -44.84 -24.98 1.94
C ILE E 186 -45.92 -25.19 0.89
N GLN E 187 -46.93 -26.00 1.22
CA GLN E 187 -47.98 -26.34 0.26
C GLN E 187 -48.99 -25.22 0.07
N ASN E 188 -48.96 -24.18 0.91
CA ASN E 188 -49.88 -23.05 0.81
C ASN E 188 -51.34 -23.52 0.84
N ALA E 189 -51.63 -24.47 1.72
CA ALA E 189 -52.97 -25.02 1.89
C ALA E 189 -53.45 -24.71 3.30
N PRO E 190 -54.10 -23.56 3.51
CA PRO E 190 -54.55 -23.21 4.86
C PRO E 190 -55.63 -24.14 5.41
N GLU E 191 -56.50 -24.65 4.56
CA GLU E 191 -57.58 -25.51 5.04
C GLU E 191 -57.04 -26.87 5.48
N GLN E 192 -56.18 -27.48 4.65
CA GLN E 192 -55.60 -28.76 5.02
C GLN E 192 -54.64 -28.62 6.20
N ALA E 193 -54.03 -27.45 6.36
CA ALA E 193 -53.19 -27.21 7.53
C ALA E 193 -54.02 -27.10 8.79
N CYS E 194 -55.18 -26.43 8.70
CA CYS E 194 -56.07 -26.34 9.85
C CYS E 194 -56.63 -27.69 10.25
N HIS E 195 -56.81 -28.60 9.28
CA HIS E 195 -57.38 -29.91 9.58
C HIS E 195 -56.43 -30.72 10.44
N LEU E 196 -55.14 -30.71 10.13
CA LEU E 196 -54.17 -31.49 10.91
C LEU E 196 -54.02 -30.94 12.32
N ALA E 197 -54.07 -29.61 12.46
CA ALA E 197 -53.93 -29.00 13.78
C ALA E 197 -55.19 -29.13 14.61
N LYS E 198 -56.37 -29.09 13.98
CA LYS E 198 -57.62 -29.19 14.72
C LYS E 198 -57.91 -30.63 15.13
N THR E 199 -57.59 -31.60 14.27
CA THR E 199 -57.86 -32.99 14.59
C THR E 199 -57.00 -33.46 15.77
N ALA E 200 -55.71 -33.10 15.76
CA ALA E 200 -54.83 -33.50 16.85
C ALA E 200 -55.19 -32.78 18.15
N PHE E 201 -55.58 -31.51 18.05
CA PHE E 201 -56.01 -30.78 19.24
C PHE E 201 -57.28 -31.36 19.82
N ASP E 202 -58.26 -31.65 18.95
CA ASP E 202 -59.54 -32.20 19.44
C ASP E 202 -59.35 -33.60 20.00
N ASP E 203 -58.56 -34.44 19.33
CA ASP E 203 -58.34 -35.79 19.81
C ASP E 203 -57.61 -35.80 21.14
N ALA E 204 -56.74 -34.80 21.38
CA ALA E 204 -55.98 -34.74 22.63
C ALA E 204 -56.78 -34.11 23.76
N ILE E 205 -57.51 -33.03 23.48
CA ILE E 205 -58.26 -32.36 24.52
C ILE E 205 -59.45 -33.18 24.99
N ALA E 206 -59.93 -34.13 24.18
CA ALA E 206 -60.98 -35.02 24.62
C ALA E 206 -60.51 -35.98 25.70
N GLU E 207 -59.20 -36.22 25.79
CA GLU E 207 -58.64 -37.09 26.82
C GLU E 207 -57.66 -36.31 27.67
N LEU E 208 -58.03 -35.11 28.09
CA LEU E 208 -57.14 -34.29 28.90
C LEU E 208 -56.98 -34.83 30.32
N ASP E 209 -57.88 -35.70 30.77
CA ASP E 209 -57.77 -36.30 32.10
C ASP E 209 -57.00 -37.61 32.03
N THR E 210 -55.82 -37.57 31.42
CA THR E 210 -54.98 -38.76 31.30
C THR E 210 -53.50 -38.50 31.50
N LEU E 211 -53.09 -37.26 31.77
CA LEU E 211 -51.69 -36.87 31.74
C LEU E 211 -51.08 -36.87 33.13
N ASN E 212 -49.90 -37.46 33.24
CA ASN E 212 -49.20 -37.54 34.51
C ASN E 212 -48.72 -36.16 34.94
N GLU E 213 -48.13 -36.10 36.14
CA GLU E 213 -47.65 -34.85 36.72
C GLU E 213 -46.34 -34.37 36.11
N ASP E 214 -45.92 -34.93 34.98
CA ASP E 214 -44.72 -34.50 34.30
C ASP E 214 -44.89 -34.26 32.80
N SER E 215 -45.89 -34.87 32.16
CA SER E 215 -46.16 -34.65 30.76
C SER E 215 -47.22 -33.58 30.51
N TYR E 216 -47.96 -33.19 31.54
CA TYR E 216 -49.00 -32.17 31.38
C TYR E 216 -48.40 -30.85 30.91
N LYS E 217 -47.28 -30.45 31.50
CA LYS E 217 -46.63 -29.21 31.08
C LYS E 217 -46.19 -29.28 29.62
N ASP E 218 -45.76 -30.46 29.17
CA ASP E 218 -45.27 -30.60 27.80
C ASP E 218 -46.40 -30.80 26.80
N SER E 219 -47.41 -31.59 27.17
CA SER E 219 -48.50 -31.87 26.24
C SER E 219 -49.37 -30.64 26.02
N THR E 220 -49.71 -29.92 27.10
CA THR E 220 -50.54 -28.73 26.96
C THR E 220 -49.79 -27.58 26.30
N LEU E 221 -48.46 -27.57 26.39
CA LEU E 221 -47.69 -26.52 25.72
C LEU E 221 -47.82 -26.62 24.21
N ILE E 222 -47.74 -27.83 23.67
CA ILE E 222 -47.89 -28.01 22.22
C ILE E 222 -49.34 -27.80 21.80
N MET E 223 -50.29 -28.19 22.65
CA MET E 223 -51.70 -27.93 22.35
C MET E 223 -51.98 -26.44 22.27
N GLN E 224 -51.33 -25.65 23.13
CA GLN E 224 -51.45 -24.19 23.03
C GLN E 224 -50.87 -23.68 21.72
N LEU E 225 -49.78 -24.29 21.26
CA LEU E 225 -49.18 -23.89 19.99
C LEU E 225 -50.07 -24.28 18.81
N LEU E 226 -50.79 -25.40 18.93
CA LEU E 226 -51.71 -25.78 17.86
C LEU E 226 -52.86 -24.80 17.73
N ARG E 227 -53.43 -24.36 18.85
CA ARG E 227 -54.52 -23.39 18.80
C ARG E 227 -54.03 -22.01 18.35
N ASP E 228 -52.80 -21.64 18.72
CA ASP E 228 -52.24 -20.38 18.26
C ASP E 228 -52.12 -20.35 16.74
N ASN E 229 -51.77 -21.48 16.13
CA ASN E 229 -51.72 -21.56 14.67
C ASN E 229 -53.12 -21.58 14.07
N LEU E 230 -54.06 -22.27 14.74
CA LEU E 230 -55.44 -22.31 14.24
C LEU E 230 -56.08 -20.93 14.28
N THR E 231 -55.77 -20.13 15.31
CA THR E 231 -56.32 -18.78 15.40
C THR E 231 -55.78 -17.90 14.26
N LEU E 232 -54.48 -17.99 13.98
CA LEU E 232 -53.90 -17.16 12.94
C LEU E 232 -54.33 -17.58 11.54
N TRP E 233 -54.84 -18.79 11.36
CA TRP E 233 -55.22 -19.30 10.06
C TRP E 233 -56.74 -19.26 9.84
N THR E 234 -57.46 -18.47 10.62
CA THR E 234 -58.90 -18.35 10.47
C THR E 234 -59.35 -16.89 10.45
N VAL F 2 -26.33 -30.11 -2.88
CA VAL F 2 -25.30 -31.02 -2.40
C VAL F 2 -24.59 -31.67 -3.58
N ASP F 3 -23.72 -30.91 -4.23
CA ASP F 3 -22.99 -31.41 -5.40
C ASP F 3 -21.91 -32.40 -4.96
N ARG F 4 -21.99 -33.62 -5.50
CA ARG F 4 -21.02 -34.65 -5.13
C ARG F 4 -19.66 -34.39 -5.76
N GLU F 5 -19.64 -33.84 -6.97
CA GLU F 5 -18.36 -33.68 -7.67
C GLU F 5 -17.49 -32.58 -7.04
N GLN F 6 -18.11 -31.60 -6.38
CA GLN F 6 -17.31 -30.58 -5.72
C GLN F 6 -16.55 -31.15 -4.53
N LEU F 7 -17.14 -32.14 -3.85
CA LEU F 7 -16.46 -32.74 -2.71
C LEU F 7 -15.32 -33.64 -3.17
N VAL F 8 -15.51 -34.38 -4.27
CA VAL F 8 -14.44 -35.23 -4.78
C VAL F 8 -13.27 -34.38 -5.26
N GLN F 9 -13.57 -33.30 -5.99
CA GLN F 9 -12.51 -32.41 -6.45
C GLN F 9 -11.83 -31.72 -5.28
N LYS F 10 -12.56 -31.51 -4.17
CA LYS F 10 -11.93 -30.98 -2.97
C LYS F 10 -10.98 -31.99 -2.35
N ALA F 11 -11.36 -33.28 -2.38
CA ALA F 11 -10.46 -34.32 -1.88
C ALA F 11 -9.21 -34.45 -2.73
N ARG F 12 -9.33 -34.25 -4.04
CA ARG F 12 -8.17 -34.28 -4.92
C ARG F 12 -7.23 -33.11 -4.59
N LEU F 13 -7.79 -31.91 -4.45
CA LEU F 13 -6.97 -30.74 -4.11
C LEU F 13 -6.27 -30.93 -2.77
N ALA F 14 -6.93 -31.57 -1.81
CA ALA F 14 -6.32 -31.77 -0.50
C ALA F 14 -5.19 -32.80 -0.55
N GLU F 15 -5.24 -33.73 -1.51
CA GLU F 15 -4.15 -34.68 -1.66
C GLU F 15 -2.88 -34.02 -2.19
N GLN F 16 -3.03 -33.11 -3.16
CA GLN F 16 -1.87 -32.42 -3.69
C GLN F 16 -1.25 -31.49 -2.66
N ALA F 17 -2.08 -30.85 -1.84
CA ALA F 17 -1.60 -29.99 -0.77
C ALA F 17 -1.15 -30.77 0.47
N GLU F 18 -1.22 -32.10 0.43
CA GLU F 18 -0.81 -32.97 1.53
C GLU F 18 -1.57 -32.64 2.81
N ARG F 19 -2.79 -32.14 2.67
CA ARG F 19 -3.68 -31.88 3.81
C ARG F 19 -4.68 -33.03 3.88
N TYR F 20 -4.24 -34.12 4.48
CA TYR F 20 -5.02 -35.36 4.46
C TYR F 20 -6.19 -35.34 5.45
N ASP F 21 -6.18 -34.43 6.42
CA ASP F 21 -7.36 -34.25 7.26
C ASP F 21 -8.53 -33.71 6.43
N ASP F 22 -8.27 -32.70 5.60
CA ASP F 22 -9.29 -32.18 4.70
C ASP F 22 -9.69 -33.22 3.66
N MET F 23 -8.72 -34.04 3.21
CA MET F 23 -9.02 -35.05 2.21
C MET F 23 -9.93 -36.14 2.77
N ALA F 24 -9.67 -36.58 4.01
CA ALA F 24 -10.50 -37.61 4.63
C ALA F 24 -11.91 -37.11 4.86
N ALA F 25 -12.06 -35.86 5.32
CA ALA F 25 -13.39 -35.31 5.55
C ALA F 25 -14.16 -35.15 4.25
N ALA F 26 -13.47 -34.85 3.14
CA ALA F 26 -14.15 -34.71 1.86
C ALA F 26 -14.64 -36.05 1.35
N MET F 27 -13.80 -37.10 1.44
CA MET F 27 -14.22 -38.41 0.95
C MET F 27 -15.27 -39.03 1.86
N LYS F 28 -15.21 -38.76 3.16
CA LYS F 28 -16.27 -39.23 4.05
C LYS F 28 -17.60 -38.56 3.70
N ASN F 29 -17.57 -37.27 3.36
CA ASN F 29 -18.78 -36.59 2.91
C ASN F 29 -19.24 -37.12 1.55
N VAL F 30 -18.32 -37.62 0.73
CA VAL F 30 -18.70 -38.26 -0.52
C VAL F 30 -19.34 -39.62 -0.23
N THR F 31 -18.74 -40.40 0.66
CA THR F 31 -19.28 -41.69 1.02
C THR F 31 -20.68 -41.55 1.63
N GLU F 32 -20.90 -40.52 2.44
CA GLU F 32 -22.18 -40.35 3.10
C GLU F 32 -23.30 -39.98 2.14
N LEU F 33 -22.99 -39.69 0.87
CA LEU F 33 -24.02 -39.46 -0.14
C LEU F 33 -24.63 -40.76 -0.66
N ASN F 34 -24.17 -41.91 -0.17
CA ASN F 34 -24.70 -43.24 -0.41
C ASN F 34 -24.53 -43.73 -1.85
N GLU F 35 -24.01 -42.91 -2.75
CA GLU F 35 -23.72 -43.40 -4.09
C GLU F 35 -22.42 -44.20 -4.08
N PRO F 36 -22.39 -45.38 -4.71
CA PRO F 36 -21.18 -46.20 -4.67
C PRO F 36 -19.97 -45.48 -5.23
N LEU F 37 -18.83 -45.64 -4.56
CA LEU F 37 -17.60 -44.98 -4.97
C LEU F 37 -17.01 -45.67 -6.19
N SER F 38 -16.33 -44.89 -7.01
CA SER F 38 -15.68 -45.41 -8.21
C SER F 38 -14.36 -46.05 -7.81
N ASN F 39 -13.52 -46.36 -8.81
CA ASN F 39 -12.20 -46.90 -8.51
C ASN F 39 -11.25 -45.81 -8.02
N GLU F 40 -11.30 -44.63 -8.63
CA GLU F 40 -10.47 -43.52 -8.18
C GLU F 40 -10.94 -42.98 -6.84
N GLU F 41 -12.25 -42.81 -6.66
CA GLU F 41 -12.77 -42.35 -5.38
C GLU F 41 -12.53 -43.35 -4.27
N ARG F 42 -12.46 -44.65 -4.61
CA ARG F 42 -12.15 -45.66 -3.61
C ARG F 42 -10.74 -45.48 -3.08
N ASN F 43 -9.80 -45.10 -3.94
CA ASN F 43 -8.42 -44.91 -3.51
C ASN F 43 -8.21 -43.57 -2.80
N LEU F 44 -8.96 -42.54 -3.20
CA LEU F 44 -8.86 -41.25 -2.52
C LEU F 44 -9.23 -41.39 -1.05
N LEU F 45 -10.27 -42.15 -0.75
CA LEU F 45 -10.67 -42.37 0.64
C LEU F 45 -9.61 -43.17 1.39
N SER F 46 -9.05 -44.20 0.76
CA SER F 46 -8.07 -45.05 1.44
C SER F 46 -6.75 -44.32 1.64
N VAL F 47 -6.34 -43.51 0.66
CA VAL F 47 -5.09 -42.78 0.80
C VAL F 47 -5.20 -41.73 1.91
N ALA F 48 -6.37 -41.09 2.02
CA ALA F 48 -6.57 -40.03 3.01
C ALA F 48 -6.43 -40.57 4.42
N TYR F 49 -7.20 -41.62 4.75
CA TYR F 49 -7.21 -42.12 6.12
C TYR F 49 -5.93 -42.87 6.46
N LYS F 50 -5.27 -43.48 5.47
CA LYS F 50 -4.01 -44.15 5.75
C LYS F 50 -2.93 -43.14 6.15
N ASN F 51 -2.95 -41.95 5.54
CA ASN F 51 -2.00 -40.92 5.93
C ASN F 51 -2.37 -40.30 7.27
N VAL F 52 -3.67 -40.16 7.56
CA VAL F 52 -4.11 -39.59 8.83
C VAL F 52 -3.71 -40.51 9.97
N VAL F 53 -4.10 -41.79 9.90
CA VAL F 53 -3.72 -42.73 10.95
C VAL F 53 -2.24 -43.07 10.86
N GLY F 54 -1.64 -42.95 9.68
CA GLY F 54 -0.23 -43.28 9.54
C GLY F 54 0.66 -42.31 10.29
N ALA F 55 0.30 -41.02 10.30
CA ALA F 55 1.07 -40.05 11.06
C ALA F 55 1.04 -40.37 12.55
N ARG F 56 -0.07 -40.91 13.04
CA ARG F 56 -0.16 -41.29 14.45
C ARG F 56 0.62 -42.57 14.72
N ARG F 57 0.57 -43.53 13.77
CA ARG F 57 1.36 -44.75 13.93
C ARG F 57 2.85 -44.45 13.96
N SER F 58 3.31 -43.58 13.06
CA SER F 58 4.71 -43.21 13.05
C SER F 58 5.10 -42.48 14.34
N SER F 59 4.24 -41.57 14.82
CA SER F 59 4.52 -40.89 16.06
C SER F 59 4.49 -41.85 17.25
N TRP F 60 3.53 -42.78 17.25
CA TRP F 60 3.43 -43.73 18.36
C TRP F 60 4.67 -44.62 18.44
N ARG F 61 5.20 -45.04 17.29
CA ARG F 61 6.40 -45.88 17.30
C ARG F 61 7.61 -45.14 17.84
N VAL F 62 7.71 -43.84 17.56
CA VAL F 62 8.84 -43.06 18.06
C VAL F 62 8.75 -42.89 19.57
N ILE F 63 7.55 -42.58 20.08
CA ILE F 63 7.38 -42.38 21.52
C ILE F 63 7.55 -43.70 22.26
N SER F 64 7.12 -44.81 21.67
CA SER F 64 7.30 -46.11 22.31
C SER F 64 8.78 -46.46 22.44
N SER F 65 9.57 -46.14 21.41
CA SER F 65 11.01 -46.41 21.47
C SER F 65 11.68 -45.58 22.56
N ILE F 66 11.25 -44.33 22.72
CA ILE F 66 11.80 -43.49 23.79
C ILE F 66 11.34 -43.99 25.15
N GLU F 67 10.13 -44.55 25.23
CA GLU F 67 9.62 -45.03 26.51
C GLU F 67 10.40 -46.25 27.00
N GLN F 68 10.67 -47.21 26.12
CA GLN F 68 11.39 -48.41 26.48
C GLN F 68 12.91 -48.22 26.49
N LYS F 69 13.38 -46.98 26.39
CA LYS F 69 14.80 -46.67 26.49
C LYS F 69 15.10 -45.58 27.52
N THR F 70 14.08 -44.89 28.02
CA THR F 70 14.24 -43.90 29.07
C THR F 70 13.93 -44.48 30.46
N SER F 71 13.14 -45.54 30.53
CA SER F 71 12.72 -46.11 31.81
C SER F 71 13.90 -46.55 32.66
N ALA F 72 14.95 -47.07 32.04
CA ALA F 72 16.14 -47.48 32.78
C ALA F 72 16.92 -46.25 33.25
N ASP F 73 16.39 -45.55 34.23
CA ASP F 73 16.97 -44.33 34.79
C ASP F 73 16.25 -44.02 36.09
N GLY F 74 16.51 -42.85 36.65
CA GLY F 74 15.83 -42.42 37.85
C GLY F 74 14.95 -41.22 37.62
N ASN F 75 14.53 -41.02 36.37
CA ASN F 75 13.72 -39.87 35.97
C ASN F 75 12.26 -40.29 35.90
N GLU F 76 11.64 -40.43 37.07
CA GLU F 76 10.24 -40.83 37.12
C GLU F 76 9.34 -39.77 36.48
N LYS F 77 9.72 -38.50 36.57
CA LYS F 77 8.91 -37.44 35.98
C LYS F 77 8.97 -37.48 34.45
N LYS F 78 10.12 -37.86 33.89
CA LYS F 78 10.23 -37.92 32.43
C LYS F 78 9.48 -39.10 31.86
N ILE F 79 9.56 -40.27 32.51
CA ILE F 79 8.87 -41.46 32.02
C ILE F 79 7.36 -41.25 32.06
N GLU F 80 6.86 -40.58 33.10
CA GLU F 80 5.43 -40.34 33.21
C GLU F 80 4.94 -39.47 32.06
N MET F 81 5.73 -38.47 31.66
CA MET F 81 5.34 -37.61 30.55
C MET F 81 5.35 -38.36 29.22
N VAL F 82 6.35 -39.22 29.02
CA VAL F 82 6.45 -39.98 27.77
C VAL F 82 5.24 -40.92 27.63
N ARG F 83 4.88 -41.61 28.72
CA ARG F 83 3.73 -42.50 28.67
C ARG F 83 2.43 -41.72 28.45
N ALA F 84 2.32 -40.54 29.06
CA ALA F 84 1.13 -39.73 28.88
C ALA F 84 1.04 -39.21 27.45
N TYR F 85 2.18 -38.84 26.85
CA TYR F 85 2.18 -38.39 25.46
C TYR F 85 1.81 -39.54 24.54
N ARG F 86 2.28 -40.75 24.83
CA ARG F 86 1.91 -41.91 24.02
C ARG F 86 0.42 -42.21 24.12
N GLU F 87 -0.15 -42.09 25.32
CA GLU F 87 -1.57 -42.33 25.48
C GLU F 87 -2.40 -41.31 24.72
N LYS F 88 -1.93 -40.06 24.66
CA LYS F 88 -2.62 -39.05 23.87
C LYS F 88 -2.62 -39.43 22.39
N ILE F 89 -1.50 -39.95 21.89
CA ILE F 89 -1.44 -40.37 20.49
C ILE F 89 -2.31 -41.61 20.25
N GLU F 90 -2.38 -42.50 21.24
CA GLU F 90 -3.19 -43.71 21.09
C GLU F 90 -4.66 -43.37 20.91
N LYS F 91 -5.18 -42.41 21.68
CA LYS F 91 -6.58 -42.03 21.54
C LYS F 91 -6.85 -41.37 20.19
N GLU F 92 -5.88 -40.61 19.66
CA GLU F 92 -6.03 -40.08 18.31
C GLU F 92 -6.05 -41.19 17.28
N LEU F 93 -5.25 -42.24 17.49
CA LEU F 93 -5.26 -43.37 16.58
C LEU F 93 -6.59 -44.11 16.62
N GLU F 94 -7.12 -44.33 17.82
CA GLU F 94 -8.38 -45.06 17.95
C GLU F 94 -9.54 -44.28 17.35
N ALA F 95 -9.56 -42.95 17.54
CA ALA F 95 -10.64 -42.15 17.00
C ALA F 95 -10.65 -42.18 15.47
N VAL F 96 -9.47 -42.14 14.86
CA VAL F 96 -9.37 -42.21 13.41
C VAL F 96 -9.80 -43.59 12.92
N CYS F 97 -9.36 -44.64 13.61
CA CYS F 97 -9.73 -46.01 13.22
C CYS F 97 -11.23 -46.21 13.29
N GLN F 98 -11.86 -45.77 14.39
CA GLN F 98 -13.30 -45.91 14.53
C GLN F 98 -14.04 -45.14 13.44
N ASP F 99 -13.50 -43.99 13.04
CA ASP F 99 -14.15 -43.20 11.99
C ASP F 99 -14.16 -43.95 10.66
N VAL F 100 -13.14 -44.76 10.39
CA VAL F 100 -13.12 -45.54 9.16
C VAL F 100 -14.02 -46.76 9.29
N LEU F 101 -13.87 -47.53 10.37
CA LEU F 101 -14.63 -48.76 10.55
C LEU F 101 -16.13 -48.49 10.55
N SER F 102 -16.56 -47.41 11.22
CA SER F 102 -17.99 -47.06 11.22
C SER F 102 -18.46 -46.66 9.83
N LEU F 103 -17.59 -46.03 9.04
CA LEU F 103 -17.95 -45.68 7.68
C LEU F 103 -17.95 -46.89 6.76
N LEU F 104 -17.12 -47.90 7.06
CA LEU F 104 -17.08 -49.10 6.23
C LEU F 104 -18.28 -49.99 6.50
N ASP F 105 -18.63 -50.19 7.77
CA ASP F 105 -19.69 -51.13 8.12
C ASP F 105 -21.06 -50.61 7.72
N ASN F 106 -21.29 -49.30 7.85
CA ASN F 106 -22.62 -48.74 7.67
C ASN F 106 -22.86 -48.15 6.28
N TYR F 107 -21.80 -47.80 5.54
CA TYR F 107 -21.97 -47.14 4.26
C TYR F 107 -21.42 -47.93 3.09
N LEU F 108 -20.15 -48.36 3.15
CA LEU F 108 -19.47 -48.89 1.98
C LEU F 108 -19.72 -50.38 1.79
N ILE F 109 -19.47 -51.19 2.82
CA ILE F 109 -19.72 -52.63 2.70
C ILE F 109 -21.21 -52.90 2.54
N LYS F 110 -22.07 -52.07 3.14
CA LYS F 110 -23.51 -52.32 3.10
C LYS F 110 -24.07 -52.12 1.70
N ASN F 111 -23.55 -51.14 0.96
CA ASN F 111 -24.10 -50.77 -0.34
C ASN F 111 -23.43 -51.49 -1.51
N CYS F 112 -22.90 -52.69 -1.29
CA CYS F 112 -22.25 -53.46 -2.34
C CYS F 112 -23.18 -54.56 -2.83
N SER F 113 -23.27 -54.71 -4.15
CA SER F 113 -24.13 -55.73 -4.75
C SER F 113 -23.52 -57.12 -4.56
N GLN F 116 -20.00 -55.92 -8.67
CA GLN F 116 -19.46 -55.05 -7.62
C GLN F 116 -18.67 -55.85 -6.60
N TYR F 117 -18.00 -56.90 -7.07
CA TYR F 117 -17.22 -57.75 -6.16
C TYR F 117 -15.90 -57.12 -5.77
N GLU F 118 -15.34 -56.25 -6.62
CA GLU F 118 -14.04 -55.65 -6.34
C GLU F 118 -14.11 -54.72 -5.13
N SER F 119 -15.16 -53.90 -5.03
CA SER F 119 -15.25 -52.94 -3.95
C SER F 119 -15.39 -53.64 -2.59
N LYS F 120 -16.16 -54.73 -2.54
CA LYS F 120 -16.37 -55.41 -1.27
C LYS F 120 -15.09 -56.02 -0.74
N VAL F 121 -14.24 -56.54 -1.63
CA VAL F 121 -12.94 -57.05 -1.21
C VAL F 121 -12.04 -55.91 -0.77
N PHE F 122 -12.10 -54.77 -1.48
CA PHE F 122 -11.34 -53.60 -1.09
C PHE F 122 -11.77 -53.09 0.28
N TYR F 123 -13.09 -52.98 0.49
CA TYR F 123 -13.59 -52.43 1.75
C TYR F 123 -13.40 -53.40 2.90
N LEU F 124 -13.57 -54.69 2.67
CA LEU F 124 -13.34 -55.68 3.72
C LEU F 124 -11.86 -55.78 4.09
N LYS F 125 -10.97 -55.41 3.16
CA LYS F 125 -9.54 -55.40 3.48
C LYS F 125 -9.18 -54.21 4.37
N MET F 126 -9.82 -53.06 4.15
CA MET F 126 -9.56 -51.89 4.98
C MET F 126 -9.98 -52.16 6.43
N LYS F 127 -11.09 -52.85 6.62
CA LYS F 127 -11.55 -53.15 7.99
C LYS F 127 -10.50 -53.96 8.75
N GLY F 128 -9.98 -55.01 8.12
CA GLY F 128 -8.93 -55.79 8.76
C GLY F 128 -7.65 -55.00 8.97
N ASP F 129 -7.41 -54.01 8.12
CA ASP F 129 -6.20 -53.18 8.27
C ASP F 129 -6.30 -52.28 9.48
N TYR F 130 -7.41 -51.54 9.60
CA TYR F 130 -7.54 -50.58 10.69
C TYR F 130 -7.84 -51.29 12.02
N TYR F 131 -8.45 -52.47 11.97
CA TYR F 131 -8.53 -53.29 13.18
C TYR F 131 -7.16 -53.79 13.59
N ARG F 132 -6.28 -54.06 12.61
CA ARG F 132 -4.91 -54.43 12.93
C ARG F 132 -4.13 -53.24 13.50
N TYR F 133 -4.39 -52.04 12.97
CA TYR F 133 -3.74 -50.84 13.50
C TYR F 133 -4.09 -50.62 14.96
N LEU F 134 -5.34 -50.93 15.33
CA LEU F 134 -5.73 -50.86 16.74
C LEU F 134 -5.00 -51.93 17.55
N ALA F 135 -4.82 -53.12 16.98
CA ALA F 135 -4.11 -54.19 17.68
C ALA F 135 -2.65 -53.85 17.94
N GLU F 136 -2.07 -52.93 17.17
CA GLU F 136 -0.69 -52.52 17.40
C GLU F 136 -0.53 -51.79 18.73
N VAL F 137 -1.59 -51.18 19.26
CA VAL F 137 -1.53 -50.44 20.51
C VAL F 137 -2.45 -51.00 21.58
N ALA F 138 -3.40 -51.86 21.23
CA ALA F 138 -4.37 -52.36 22.19
C ALA F 138 -3.73 -53.43 23.08
N THR F 139 -4.25 -53.52 24.32
CA THR F 139 -3.79 -54.51 25.28
C THR F 139 -5.01 -55.13 25.96
N GLY F 140 -4.75 -56.14 26.79
CA GLY F 140 -5.77 -56.79 27.59
C GLY F 140 -6.87 -57.41 26.73
N GLU F 141 -8.08 -57.42 27.28
CA GLU F 141 -9.23 -57.95 26.56
C GLU F 141 -9.58 -57.08 25.36
N LYS F 142 -9.24 -55.78 25.42
CA LYS F 142 -9.47 -54.91 24.28
C LYS F 142 -8.65 -55.35 23.08
N ARG F 143 -7.46 -55.90 23.31
CA ARG F 143 -6.64 -56.39 22.21
C ARG F 143 -7.25 -57.63 21.57
N ALA F 144 -7.70 -58.59 22.39
CA ALA F 144 -8.26 -59.82 21.86
C ALA F 144 -9.47 -59.55 20.95
N THR F 145 -10.18 -58.45 21.18
CA THR F 145 -11.35 -58.15 20.37
C THR F 145 -10.96 -57.64 18.99
N VAL F 146 -9.90 -56.82 18.91
CA VAL F 146 -9.52 -56.24 17.61
C VAL F 146 -8.67 -57.19 16.78
N VAL F 147 -7.99 -58.17 17.40
CA VAL F 147 -7.25 -59.14 16.59
C VAL F 147 -8.21 -60.14 15.94
N GLU F 148 -9.34 -60.43 16.58
CA GLU F 148 -10.29 -61.37 16.00
C GLU F 148 -11.21 -60.68 15.01
N SER F 149 -11.59 -59.42 15.29
CA SER F 149 -12.36 -58.65 14.32
C SER F 149 -11.56 -58.38 13.06
N SER F 150 -10.23 -58.30 13.18
CA SER F 150 -9.40 -58.15 11.99
C SER F 150 -9.32 -59.45 11.20
N GLU F 151 -9.25 -60.59 11.90
CA GLU F 151 -9.23 -61.88 11.22
C GLU F 151 -10.56 -62.14 10.50
N LYS F 152 -11.68 -61.84 11.16
CA LYS F 152 -12.98 -62.05 10.54
C LYS F 152 -13.17 -61.14 9.33
N ALA F 153 -12.52 -59.98 9.31
CA ALA F 153 -12.60 -59.11 8.15
C ALA F 153 -11.66 -59.56 7.04
N TYR F 154 -10.47 -60.05 7.40
CA TYR F 154 -9.54 -60.56 6.39
C TYR F 154 -10.08 -61.83 5.75
N SER F 155 -10.64 -62.73 6.55
CA SER F 155 -11.15 -63.99 6.02
C SER F 155 -12.35 -63.76 5.10
N GLU F 156 -13.22 -62.81 5.45
CA GLU F 156 -14.36 -62.52 4.59
C GLU F 156 -13.91 -61.92 3.27
N ALA F 157 -12.84 -61.11 3.29
CA ALA F 157 -12.30 -60.56 2.06
C ALA F 157 -11.55 -61.61 1.24
N HIS F 158 -11.05 -62.67 1.88
CA HIS F 158 -10.30 -63.69 1.16
C HIS F 158 -11.23 -64.57 0.33
N GLU F 159 -12.34 -65.02 0.91
CA GLU F 159 -13.23 -65.95 0.23
C GLU F 159 -13.90 -65.29 -0.98
N ILE F 160 -14.26 -64.01 -0.85
CA ILE F 160 -14.84 -63.29 -1.99
C ILE F 160 -13.82 -63.19 -3.12
N SER F 161 -12.56 -62.90 -2.77
CA SER F 161 -11.49 -62.91 -3.77
C SER F 161 -11.25 -64.31 -4.33
N LYS F 162 -11.23 -65.31 -3.45
CA LYS F 162 -11.04 -66.69 -3.88
C LYS F 162 -12.16 -67.19 -4.77
N GLU F 163 -13.31 -66.51 -4.78
CA GLU F 163 -14.45 -66.92 -5.57
C GLU F 163 -14.50 -66.23 -6.93
N HIS F 164 -14.33 -64.91 -6.95
CA HIS F 164 -14.54 -64.13 -8.17
C HIS F 164 -13.28 -63.50 -8.75
N MET F 165 -12.16 -63.53 -8.04
CA MET F 165 -10.95 -62.84 -8.47
C MET F 165 -9.82 -63.82 -8.72
N GLN F 166 -9.04 -63.56 -9.77
CA GLN F 166 -7.91 -64.40 -10.13
C GLN F 166 -6.72 -64.09 -9.22
N PRO F 167 -5.78 -65.03 -9.09
CA PRO F 167 -4.60 -64.78 -8.24
C PRO F 167 -3.74 -63.62 -8.70
N THR F 168 -3.92 -63.12 -9.93
CA THR F 168 -3.13 -62.02 -10.45
C THR F 168 -3.77 -60.65 -10.19
N HIS F 169 -4.88 -60.61 -9.46
CA HIS F 169 -5.54 -59.33 -9.20
C HIS F 169 -4.75 -58.55 -8.14
N PRO F 170 -4.43 -57.28 -8.39
CA PRO F 170 -3.69 -56.51 -7.38
C PRO F 170 -4.39 -56.43 -6.03
N ILE F 171 -5.72 -56.32 -6.03
CA ILE F 171 -6.45 -56.22 -4.76
C ILE F 171 -6.35 -57.54 -4.00
N ARG F 172 -6.44 -58.67 -4.71
CA ARG F 172 -6.25 -59.96 -4.05
C ARG F 172 -4.82 -60.13 -3.56
N LEU F 173 -3.83 -59.69 -4.36
CA LEU F 173 -2.44 -59.78 -3.95
C LEU F 173 -2.17 -58.85 -2.77
N GLY F 174 -2.73 -57.65 -2.78
CA GLY F 174 -2.58 -56.75 -1.65
C GLY F 174 -3.26 -57.28 -0.40
N LEU F 175 -4.45 -57.87 -0.56
CA LEU F 175 -5.14 -58.46 0.59
C LEU F 175 -4.35 -59.63 1.16
N ALA F 176 -3.81 -60.47 0.29
CA ALA F 176 -2.97 -61.58 0.75
C ALA F 176 -1.69 -61.08 1.39
N LEU F 177 -1.13 -59.98 0.89
CA LEU F 177 0.07 -59.42 1.51
C LEU F 177 -0.23 -58.94 2.93
N ASN F 178 -1.31 -58.19 3.10
CA ASN F 178 -1.64 -57.65 4.42
C ASN F 178 -2.13 -58.74 5.36
N TYR F 179 -2.85 -59.74 4.85
CA TYR F 179 -3.29 -60.85 5.68
C TYR F 179 -2.08 -61.62 6.21
N SER F 180 -1.04 -61.78 5.40
CA SER F 180 0.18 -62.42 5.87
C SER F 180 0.87 -61.59 6.93
N VAL F 181 0.97 -60.27 6.72
CA VAL F 181 1.57 -59.38 7.71
C VAL F 181 0.79 -59.42 9.01
N PHE F 182 -0.54 -59.58 8.93
CA PHE F 182 -1.35 -59.66 10.13
C PHE F 182 -0.97 -60.88 10.97
N TYR F 183 -0.73 -62.02 10.33
CA TYR F 183 -0.37 -63.23 11.07
C TYR F 183 1.01 -63.08 11.72
N TYR F 184 1.93 -62.40 11.07
CA TYR F 184 3.29 -62.30 11.58
C TYR F 184 3.42 -61.26 12.69
N GLU F 185 2.94 -60.04 12.42
CA GLU F 185 3.19 -58.93 13.34
C GLU F 185 2.23 -58.92 14.52
N ILE F 186 1.00 -59.40 14.35
CA ILE F 186 0.02 -59.34 15.42
C ILE F 186 -0.03 -60.68 16.16
N GLN F 187 -0.31 -61.76 15.44
CA GLN F 187 -0.50 -63.07 16.06
C GLN F 187 0.80 -63.81 16.31
N ASN F 188 1.91 -63.39 15.72
CA ASN F 188 3.18 -64.12 15.76
C ASN F 188 2.98 -65.55 15.23
N ALA F 189 2.61 -65.63 13.95
CA ALA F 189 2.43 -66.89 13.24
C ALA F 189 3.32 -66.90 12.01
N PRO F 190 4.64 -66.95 12.20
CA PRO F 190 5.55 -66.92 11.02
C PRO F 190 5.34 -68.09 10.08
N GLU F 191 4.95 -69.26 10.60
CA GLU F 191 4.66 -70.40 9.73
C GLU F 191 3.44 -70.13 8.87
N GLN F 192 2.36 -69.62 9.48
CA GLN F 192 1.14 -69.32 8.72
C GLN F 192 1.27 -68.03 7.92
N ALA F 193 2.09 -67.08 8.38
CA ALA F 193 2.32 -65.87 7.61
C ALA F 193 3.06 -66.19 6.31
N CYS F 194 4.12 -66.98 6.41
CA CYS F 194 4.83 -67.42 5.20
C CYS F 194 3.95 -68.31 4.34
N HIS F 195 3.10 -69.13 4.97
CA HIS F 195 2.22 -70.01 4.21
C HIS F 195 1.21 -69.20 3.39
N LEU F 196 0.68 -68.11 3.97
CA LEU F 196 -0.23 -67.25 3.22
C LEU F 196 0.50 -66.56 2.08
N ALA F 197 1.67 -65.98 2.37
CA ALA F 197 2.39 -65.21 1.36
C ALA F 197 2.88 -66.11 0.23
N LYS F 198 3.40 -67.30 0.55
CA LYS F 198 3.90 -68.19 -0.48
C LYS F 198 2.77 -68.74 -1.34
N THR F 199 1.60 -68.98 -0.76
CA THR F 199 0.48 -69.52 -1.53
C THR F 199 0.01 -68.53 -2.58
N ALA F 200 -0.16 -67.26 -2.19
CA ALA F 200 -0.56 -66.24 -3.15
C ALA F 200 0.52 -65.98 -4.17
N PHE F 201 1.79 -66.05 -3.75
CA PHE F 201 2.90 -65.88 -4.69
C PHE F 201 2.93 -67.02 -5.70
N ASP F 202 2.75 -68.26 -5.24
CA ASP F 202 2.77 -69.40 -6.15
C ASP F 202 1.51 -69.46 -7.00
N ASP F 203 0.36 -69.06 -6.44
CA ASP F 203 -0.88 -69.07 -7.22
C ASP F 203 -0.82 -68.05 -8.35
N ALA F 204 -0.26 -66.87 -8.07
CA ALA F 204 -0.17 -65.85 -9.11
C ALA F 204 0.89 -66.20 -10.14
N ILE F 205 1.96 -66.89 -9.74
CA ILE F 205 3.00 -67.27 -10.68
C ILE F 205 2.48 -68.34 -11.64
N ALA F 206 1.58 -69.21 -11.18
CA ALA F 206 1.04 -70.25 -12.05
C ALA F 206 0.08 -69.66 -13.07
N GLU F 207 -0.69 -68.64 -12.67
CA GLU F 207 -1.62 -67.97 -13.57
C GLU F 207 -0.99 -66.77 -14.27
N LEU F 208 0.34 -66.72 -14.35
CA LEU F 208 1.03 -65.58 -14.96
C LEU F 208 0.87 -65.54 -16.47
N ASP F 209 0.38 -66.61 -17.10
CA ASP F 209 0.21 -66.61 -18.54
C ASP F 209 -0.85 -65.62 -18.99
N THR F 210 -1.83 -65.33 -18.13
CA THR F 210 -2.92 -64.40 -18.43
C THR F 210 -2.85 -63.26 -17.42
N LEU F 211 -2.36 -62.10 -17.86
CA LEU F 211 -2.26 -60.93 -17.00
C LEU F 211 -2.08 -59.65 -17.83
N TYR F 216 -0.69 -53.93 -15.89
CA TYR F 216 -0.13 -55.26 -15.71
C TYR F 216 1.07 -55.21 -14.76
N LYS F 217 1.66 -54.02 -14.60
CA LYS F 217 2.79 -53.86 -13.71
C LYS F 217 2.38 -53.80 -12.24
N ASP F 218 1.11 -53.50 -11.96
CA ASP F 218 0.67 -53.41 -10.56
C ASP F 218 0.64 -54.79 -9.91
N SER F 219 0.20 -55.82 -10.66
CA SER F 219 0.22 -57.17 -10.12
C SER F 219 1.65 -57.64 -9.88
N THR F 220 2.58 -57.23 -10.75
CA THR F 220 3.97 -57.61 -10.58
C THR F 220 4.59 -56.98 -9.34
N LEU F 221 4.16 -55.77 -8.98
CA LEU F 221 4.76 -55.08 -7.84
C LEU F 221 4.42 -55.79 -6.52
N ILE F 222 3.15 -56.15 -6.34
CA ILE F 222 2.74 -56.77 -5.07
C ILE F 222 3.36 -58.15 -4.92
N MET F 223 3.52 -58.89 -6.02
CA MET F 223 4.14 -60.20 -5.94
C MET F 223 5.58 -60.12 -5.44
N GLN F 224 6.30 -59.08 -5.87
CA GLN F 224 7.66 -58.89 -5.37
C GLN F 224 7.66 -58.55 -3.89
N LEU F 225 6.65 -57.81 -3.43
CA LEU F 225 6.55 -57.49 -2.00
C LEU F 225 6.27 -58.73 -1.17
N LEU F 226 5.49 -59.68 -1.71
CA LEU F 226 5.25 -60.92 -1.00
C LEU F 226 6.53 -61.74 -0.88
N ARG F 227 7.35 -61.75 -1.93
CA ARG F 227 8.65 -62.43 -1.85
C ARG F 227 9.60 -61.71 -0.91
N ASP F 228 9.50 -60.37 -0.83
CA ASP F 228 10.37 -59.61 0.08
C ASP F 228 10.11 -60.00 1.52
N ASN F 229 8.84 -60.22 1.89
CA ASN F 229 8.52 -60.61 3.26
C ASN F 229 8.94 -62.05 3.53
N LEU F 230 8.72 -62.95 2.57
CA LEU F 230 9.18 -64.33 2.73
C LEU F 230 10.68 -64.40 2.91
N THR F 231 11.43 -63.64 2.10
CA THR F 231 12.88 -63.63 2.23
C THR F 231 13.31 -63.11 3.59
N LEU F 232 12.68 -62.04 4.06
CA LEU F 232 13.04 -61.47 5.35
C LEU F 232 12.57 -62.32 6.52
N TRP F 233 11.62 -63.22 6.30
CA TRP F 233 11.08 -64.04 7.39
C TRP F 233 11.81 -65.37 7.52
N THR F 234 11.85 -66.15 6.43
CA THR F 234 12.48 -67.46 6.46
C THR F 234 14.00 -67.34 6.62
N VAL G 2 30.89 37.11 -8.39
CA VAL G 2 29.51 37.44 -8.74
C VAL G 2 29.22 38.90 -8.39
N ASP G 3 28.07 39.39 -8.83
CA ASP G 3 27.66 40.77 -8.61
C ASP G 3 26.64 40.81 -7.48
N ARG G 4 27.01 41.44 -6.36
CA ARG G 4 26.11 41.53 -5.22
C ARG G 4 24.99 42.53 -5.48
N GLU G 5 25.31 43.68 -6.09
CA GLU G 5 24.32 44.73 -6.28
C GLU G 5 23.20 44.27 -7.20
N GLN G 6 23.53 43.50 -8.23
CA GLN G 6 22.50 43.02 -9.15
C GLN G 6 21.61 41.96 -8.52
N LEU G 7 22.18 41.14 -7.62
CA LEU G 7 21.36 40.18 -6.89
C LEU G 7 20.34 40.88 -6.00
N VAL G 8 20.78 41.94 -5.31
CA VAL G 8 19.84 42.74 -4.52
C VAL G 8 18.88 43.49 -5.44
N GLN G 9 19.36 43.93 -6.60
CA GLN G 9 18.49 44.62 -7.54
C GLN G 9 17.40 43.69 -8.07
N LYS G 10 17.74 42.42 -8.28
CA LYS G 10 16.74 41.45 -8.71
C LYS G 10 15.72 41.17 -7.62
N ALA G 11 16.13 41.26 -6.35
CA ALA G 11 15.18 41.08 -5.25
C ALA G 11 14.17 42.21 -5.22
N ARG G 12 14.60 43.44 -5.48
CA ARG G 12 13.66 44.56 -5.54
C ARG G 12 12.75 44.45 -6.75
N LEU G 13 13.27 43.95 -7.88
CA LEU G 13 12.44 43.74 -9.05
C LEU G 13 11.38 42.67 -8.80
N ALA G 14 11.77 41.58 -8.13
CA ALA G 14 10.82 40.52 -7.84
C ALA G 14 9.75 40.97 -6.84
N GLU G 15 10.10 41.91 -5.96
CA GLU G 15 9.10 42.43 -5.03
C GLU G 15 8.04 43.25 -5.75
N GLN G 16 8.46 44.11 -6.69
CA GLN G 16 7.51 44.91 -7.44
C GLN G 16 6.59 44.02 -8.27
N ALA G 17 7.15 42.96 -8.86
CA ALA G 17 6.35 42.00 -9.62
C ALA G 17 5.58 41.03 -8.74
N GLU G 18 5.74 41.12 -7.42
CA GLU G 18 5.08 40.24 -6.46
C GLU G 18 5.41 38.77 -6.70
N ARG G 19 6.61 38.51 -7.21
CA ARG G 19 7.11 37.14 -7.38
C ARG G 19 8.08 36.87 -6.23
N TYR G 20 7.52 36.45 -5.09
CA TYR G 20 8.30 36.32 -3.87
C TYR G 20 9.16 35.07 -3.84
N ASP G 21 8.90 34.10 -4.73
CA ASP G 21 9.81 32.96 -4.83
C ASP G 21 11.15 33.38 -5.41
N ASP G 22 11.13 34.24 -6.44
CA ASP G 22 12.37 34.77 -6.98
C ASP G 22 13.03 35.76 -6.03
N MET G 23 12.23 36.50 -5.27
CA MET G 23 12.77 37.46 -4.32
C MET G 23 13.53 36.77 -3.20
N ALA G 24 12.97 35.69 -2.66
CA ALA G 24 13.65 34.94 -1.60
C ALA G 24 14.91 34.25 -2.11
N ALA G 25 14.88 33.78 -3.37
CA ALA G 25 16.07 33.15 -3.93
C ALA G 25 17.21 34.13 -4.08
N ALA G 26 16.91 35.36 -4.53
CA ALA G 26 17.96 36.36 -4.70
C ALA G 26 18.56 36.75 -3.35
N MET G 27 17.71 37.02 -2.37
CA MET G 27 18.21 37.40 -1.04
C MET G 27 18.94 36.24 -0.37
N LYS G 28 18.55 35.00 -0.65
CA LYS G 28 19.30 33.86 -0.14
C LYS G 28 20.70 33.80 -0.77
N ASN G 29 20.81 34.20 -2.04
CA ASN G 29 22.12 34.26 -2.69
C ASN G 29 22.97 35.39 -2.11
N VAL G 30 22.33 36.52 -1.80
CA VAL G 30 23.06 37.63 -1.17
C VAL G 30 23.53 37.23 0.22
N THR G 31 22.69 36.52 0.97
CA THR G 31 23.09 36.07 2.30
C THR G 31 24.26 35.09 2.22
N GLU G 32 24.28 34.26 1.19
CA GLU G 32 25.37 33.29 1.02
C GLU G 32 26.69 33.94 0.66
N LEU G 33 26.70 35.25 0.36
CA LEU G 33 27.94 35.97 0.10
C LEU G 33 28.77 36.21 1.35
N ASN G 34 28.28 35.80 2.52
CA ASN G 34 28.95 35.95 3.81
C ASN G 34 29.21 37.40 4.19
N GLU G 35 28.63 38.35 3.47
CA GLU G 35 28.76 39.75 3.86
C GLU G 35 27.53 40.20 4.64
N PRO G 36 27.70 41.05 5.65
CA PRO G 36 26.55 41.47 6.46
C PRO G 36 25.51 42.19 5.63
N LEU G 37 24.25 42.00 6.00
CA LEU G 37 23.13 42.61 5.29
C LEU G 37 22.78 43.96 5.91
N SER G 38 22.60 44.96 5.05
CA SER G 38 22.15 46.26 5.53
C SER G 38 20.70 46.18 5.99
N ASN G 39 20.20 47.28 6.54
CA ASN G 39 18.83 47.31 7.03
C ASN G 39 17.82 47.09 5.91
N GLU G 40 18.14 47.56 4.70
CA GLU G 40 17.23 47.34 3.57
C GLU G 40 17.28 45.90 3.10
N GLU G 41 18.48 45.36 2.87
CA GLU G 41 18.61 43.97 2.45
C GLU G 41 18.05 43.02 3.51
N ARG G 42 18.25 43.35 4.78
CA ARG G 42 17.66 42.55 5.85
C ARG G 42 16.14 42.56 5.79
N ASN G 43 15.55 43.71 5.41
CA ASN G 43 14.11 43.78 5.23
C ASN G 43 13.65 43.10 3.95
N LEU G 44 14.44 43.16 2.89
CA LEU G 44 14.10 42.45 1.66
C LEU G 44 14.08 40.95 1.90
N LEU G 45 15.00 40.44 2.72
CA LEU G 45 15.02 39.02 3.02
C LEU G 45 13.82 38.61 3.87
N SER G 46 13.45 39.44 4.85
CA SER G 46 12.33 39.11 5.71
C SER G 46 11.00 39.21 4.97
N VAL G 47 10.84 40.24 4.12
CA VAL G 47 9.60 40.43 3.39
C VAL G 47 9.36 39.28 2.42
N ALA G 48 10.43 38.80 1.78
CA ALA G 48 10.30 37.71 0.82
C ALA G 48 9.83 36.42 1.49
N TYR G 49 10.59 35.95 2.49
CA TYR G 49 10.26 34.69 3.13
C TYR G 49 8.96 34.75 3.90
N LYS G 50 8.59 35.92 4.42
CA LYS G 50 7.30 36.06 5.10
C LYS G 50 6.15 35.88 4.13
N ASN G 51 6.31 36.31 2.88
CA ASN G 51 5.27 36.11 1.88
C ASN G 51 5.22 34.68 1.39
N VAL G 52 6.38 34.04 1.25
CA VAL G 52 6.42 32.65 0.79
C VAL G 52 5.80 31.73 1.82
N VAL G 53 6.18 31.89 3.09
CA VAL G 53 5.57 31.08 4.14
C VAL G 53 4.16 31.57 4.45
N GLY G 54 3.89 32.86 4.21
CA GLY G 54 2.56 33.38 4.47
C GLY G 54 1.52 32.80 3.53
N ALA G 55 1.90 32.59 2.26
CA ALA G 55 1.00 31.94 1.32
C ALA G 55 0.71 30.51 1.73
N ARG G 56 1.65 29.85 2.40
CA ARG G 56 1.42 28.48 2.86
C ARG G 56 0.59 28.45 4.13
N ARG G 57 0.83 29.38 5.05
CA ARG G 57 0.04 29.44 6.27
C ARG G 57 -1.43 29.73 5.96
N SER G 58 -1.68 30.70 5.08
CA SER G 58 -3.06 31.05 4.74
C SER G 58 -3.77 29.88 4.05
N SER G 59 -3.09 29.21 3.13
CA SER G 59 -3.67 28.05 2.48
C SER G 59 -3.87 26.90 3.47
N TRP G 60 -2.94 26.73 4.41
CA TRP G 60 -3.09 25.69 5.42
C TRP G 60 -4.28 25.96 6.33
N ARG G 61 -4.48 27.21 6.72
CA ARG G 61 -5.61 27.56 7.57
C ARG G 61 -6.94 27.32 6.86
N VAL G 62 -6.97 27.50 5.53
CA VAL G 62 -8.20 27.28 4.78
C VAL G 62 -8.50 25.80 4.66
N ILE G 63 -7.48 25.01 4.30
CA ILE G 63 -7.70 23.58 4.10
C ILE G 63 -7.97 22.88 5.44
N SER G 64 -7.28 23.29 6.49
CA SER G 64 -7.52 22.70 7.80
C SER G 64 -8.91 23.06 8.32
N SER G 65 -9.37 24.28 8.04
CA SER G 65 -10.74 24.66 8.40
C SER G 65 -11.76 23.83 7.63
N ILE G 66 -11.49 23.57 6.35
CA ILE G 66 -12.35 22.67 5.58
C ILE G 66 -12.30 21.27 6.16
N GLU G 67 -11.11 20.83 6.61
CA GLU G 67 -10.98 19.52 7.21
C GLU G 67 -11.75 19.44 8.53
N GLN G 68 -11.74 20.53 9.31
CA GLN G 68 -12.41 20.51 10.61
C GLN G 68 -13.91 20.73 10.48
N LYS G 69 -14.33 21.68 9.65
CA LYS G 69 -15.74 22.03 9.51
C LYS G 69 -16.53 21.02 8.68
N THR G 70 -15.89 19.96 8.19
CA THR G 70 -16.58 18.93 7.42
C THR G 70 -16.57 17.58 8.12
N SER G 71 -15.40 17.08 8.50
CA SER G 71 -15.31 15.78 9.17
C SER G 71 -15.46 15.94 10.68
N GLU G 76 -17.71 12.00 3.71
CA GLU G 76 -17.59 11.11 2.56
C GLU G 76 -16.14 10.75 2.28
N LYS G 77 -15.88 10.26 1.07
CA LYS G 77 -14.53 9.90 0.66
C LYS G 77 -13.66 11.12 0.34
N LYS G 78 -14.21 12.33 0.47
CA LYS G 78 -13.45 13.55 0.20
C LYS G 78 -12.39 13.83 1.26
N ILE G 79 -12.45 13.15 2.42
CA ILE G 79 -11.53 13.47 3.50
C ILE G 79 -10.12 12.96 3.24
N GLU G 80 -9.96 11.99 2.33
CA GLU G 80 -8.63 11.51 1.96
C GLU G 80 -8.00 12.34 0.85
N MET G 81 -8.65 13.44 0.46
CA MET G 81 -8.05 14.43 -0.42
C MET G 81 -7.76 15.75 0.29
N VAL G 82 -8.30 15.97 1.48
CA VAL G 82 -8.15 17.23 2.19
C VAL G 82 -6.90 17.18 3.06
N ARG G 83 -6.84 16.21 3.97
CA ARG G 83 -5.65 16.06 4.81
C ARG G 83 -4.42 15.76 3.98
N ALA G 84 -4.58 15.05 2.87
CA ALA G 84 -3.47 14.86 1.93
C ALA G 84 -3.05 16.19 1.33
N TYR G 85 -4.02 17.04 0.97
CA TYR G 85 -3.69 18.38 0.52
C TYR G 85 -3.10 19.21 1.65
N ARG G 86 -3.63 19.05 2.87
CA ARG G 86 -3.06 19.74 4.02
C ARG G 86 -1.64 19.27 4.30
N GLU G 87 -1.40 17.96 4.19
CA GLU G 87 -0.05 17.43 4.36
C GLU G 87 0.88 17.95 3.27
N LYS G 88 0.38 18.12 2.05
CA LYS G 88 1.19 18.70 0.99
C LYS G 88 1.57 20.14 1.30
N ILE G 89 0.62 20.93 1.79
CA ILE G 89 0.91 22.30 2.17
C ILE G 89 1.81 22.33 3.40
N GLU G 90 1.66 21.36 4.30
CA GLU G 90 2.53 21.30 5.48
C GLU G 90 3.99 21.08 5.08
N LYS G 91 4.22 20.21 4.10
CA LYS G 91 5.59 19.94 3.67
C LYS G 91 6.22 21.18 3.05
N GLU G 92 5.44 21.93 2.26
CA GLU G 92 5.96 23.18 1.69
C GLU G 92 6.27 24.20 2.77
N LEU G 93 5.38 24.31 3.76
CA LEU G 93 5.60 25.27 4.84
C LEU G 93 6.83 24.91 5.65
N GLU G 94 6.98 23.63 6.00
CA GLU G 94 8.12 23.21 6.83
C GLU G 94 9.42 23.32 6.06
N ALA G 95 9.39 23.19 4.74
CA ALA G 95 10.61 23.33 3.95
C ALA G 95 11.07 24.77 3.89
N VAL G 96 10.13 25.71 3.71
CA VAL G 96 10.49 27.13 3.67
C VAL G 96 10.98 27.59 5.03
N CYS G 97 10.37 27.08 6.11
CA CYS G 97 10.81 27.45 7.45
C CYS G 97 12.21 26.92 7.73
N GLN G 98 12.47 25.65 7.40
CA GLN G 98 13.80 25.09 7.61
C GLN G 98 14.85 25.73 6.70
N ASP G 99 14.43 26.32 5.58
CA ASP G 99 15.37 26.97 4.69
C ASP G 99 15.90 28.27 5.29
N VAL G 100 14.98 29.14 5.74
CA VAL G 100 15.41 30.41 6.32
C VAL G 100 16.12 30.19 7.64
N LEU G 101 15.69 29.19 8.43
CA LEU G 101 16.37 28.90 9.69
C LEU G 101 17.81 28.46 9.45
N SER G 102 18.04 27.69 8.39
CA SER G 102 19.41 27.34 8.03
C SER G 102 20.21 28.56 7.60
N LEU G 103 19.54 29.55 6.98
CA LEU G 103 20.22 30.79 6.63
C LEU G 103 20.52 31.63 7.87
N LEU G 104 19.62 31.61 8.85
CA LEU G 104 19.84 32.38 10.06
C LEU G 104 20.92 31.75 10.93
N ASP G 105 20.88 30.43 11.08
CA ASP G 105 21.80 29.76 12.01
C ASP G 105 23.23 29.75 11.49
N ASN G 106 23.41 29.72 10.17
CA ASN G 106 24.74 29.50 9.59
C ASN G 106 25.29 30.71 8.84
N TYR G 107 24.50 31.75 8.60
CA TYR G 107 24.98 32.88 7.82
C TYR G 107 24.74 34.22 8.50
N LEU G 108 23.66 34.33 9.29
CA LEU G 108 23.22 35.62 9.80
C LEU G 108 23.40 35.75 11.31
N ILE G 109 22.84 34.84 12.10
CA ILE G 109 22.96 34.95 13.55
C ILE G 109 24.36 34.60 14.03
N LYS G 110 25.10 33.81 13.27
CA LYS G 110 26.45 33.43 13.64
C LYS G 110 27.42 34.62 13.55
N GLN G 116 26.92 43.51 16.77
CA GLN G 116 25.85 44.49 16.56
C GLN G 116 24.54 43.96 17.12
N TYR G 117 24.00 44.66 18.12
CA TYR G 117 22.81 44.19 18.81
C TYR G 117 21.57 44.32 17.93
N GLU G 118 21.49 45.39 17.13
CA GLU G 118 20.29 45.64 16.34
C GLU G 118 20.04 44.53 15.34
N SER G 119 21.10 44.00 14.72
CA SER G 119 20.93 42.94 13.74
C SER G 119 20.62 41.60 14.42
N LYS G 120 21.19 41.35 15.60
CA LYS G 120 21.01 40.06 16.25
C LYS G 120 19.58 39.87 16.75
N VAL G 121 18.95 40.95 17.24
CA VAL G 121 17.58 40.83 17.71
C VAL G 121 16.63 40.61 16.55
N PHE G 122 16.93 41.19 15.38
CA PHE G 122 16.09 40.98 14.21
C PHE G 122 16.09 39.52 13.78
N TYR G 123 17.28 38.92 13.68
CA TYR G 123 17.37 37.53 13.25
C TYR G 123 16.85 36.57 14.31
N LEU G 124 17.06 36.89 15.59
CA LEU G 124 16.52 36.06 16.66
C LEU G 124 14.99 36.16 16.71
N LYS G 125 14.43 37.31 16.33
CA LYS G 125 12.98 37.40 16.19
C LYS G 125 12.50 36.60 14.99
N MET G 126 13.24 36.64 13.87
CA MET G 126 12.92 35.79 12.73
C MET G 126 13.04 34.32 13.10
N LYS G 127 14.06 33.97 13.88
CA LYS G 127 14.23 32.59 14.32
C LYS G 127 13.02 32.12 15.11
N GLY G 128 12.56 32.94 16.07
CA GLY G 128 11.39 32.59 16.84
C GLY G 128 10.12 32.62 16.01
N ASP G 129 10.06 33.47 15.00
CA ASP G 129 8.87 33.58 14.17
C ASP G 129 8.65 32.32 13.36
N TYR G 130 9.68 31.86 12.65
CA TYR G 130 9.53 30.70 11.76
C TYR G 130 9.47 29.40 12.54
N TYR G 131 10.07 29.35 13.73
CA TYR G 131 9.83 28.21 14.62
C TYR G 131 8.39 28.22 15.13
N ARG G 132 7.82 29.40 15.34
CA ARG G 132 6.41 29.49 15.71
C ARG G 132 5.50 29.08 14.56
N TYR G 133 5.89 29.41 13.33
CA TYR G 133 5.12 28.97 12.18
C TYR G 133 5.13 27.44 12.06
N LEU G 134 6.23 26.81 12.44
CA LEU G 134 6.27 25.35 12.46
C LEU G 134 5.34 24.78 13.52
N ALA G 135 5.33 25.40 14.71
CA ALA G 135 4.49 24.92 15.79
C ALA G 135 3.01 25.05 15.49
N GLU G 136 2.63 25.98 14.61
CA GLU G 136 1.22 26.12 14.25
C GLU G 136 0.69 24.88 13.55
N VAL G 137 1.56 24.15 12.85
CA VAL G 137 1.17 22.93 12.16
C VAL G 137 1.81 21.68 12.74
N ALA G 138 2.71 21.82 13.72
CA ALA G 138 3.36 20.67 14.32
C ALA G 138 2.40 19.97 15.30
N THR G 139 2.77 18.75 15.69
CA THR G 139 1.91 17.92 16.52
C THR G 139 2.78 16.93 17.29
N GLY G 140 2.29 16.54 18.47
CA GLY G 140 2.95 15.51 19.24
C GLY G 140 4.28 15.97 19.81
N GLU G 141 5.25 15.05 19.84
CA GLU G 141 6.58 15.39 20.36
C GLU G 141 7.31 16.34 19.42
N LYS G 142 6.99 16.32 18.13
CA LYS G 142 7.59 17.26 17.20
C LYS G 142 7.18 18.70 17.51
N ARG G 143 6.01 18.88 18.12
CA ARG G 143 5.59 20.22 18.50
C ARG G 143 6.40 20.74 19.69
N ALA G 144 6.73 19.87 20.63
CA ALA G 144 7.50 20.29 21.81
C ALA G 144 8.88 20.82 21.42
N THR G 145 9.47 20.29 20.34
CA THR G 145 10.79 20.74 19.93
C THR G 145 10.75 22.15 19.36
N VAL G 146 9.82 22.40 18.43
CA VAL G 146 9.78 23.71 17.77
C VAL G 146 9.30 24.79 18.73
N VAL G 147 8.44 24.45 19.69
CA VAL G 147 8.01 25.45 20.68
C VAL G 147 9.16 25.85 21.57
N GLU G 148 10.01 24.90 21.96
CA GLU G 148 11.16 25.23 22.79
C GLU G 148 12.19 26.05 22.02
N SER G 149 12.40 25.72 20.74
CA SER G 149 13.33 26.50 19.93
C SER G 149 12.80 27.89 19.65
N SER G 150 11.47 28.06 19.61
CA SER G 150 10.89 29.38 19.42
C SER G 150 11.00 30.23 20.68
N GLU G 151 10.66 29.64 21.83
CA GLU G 151 10.72 30.38 23.08
C GLU G 151 12.16 30.76 23.44
N LYS G 152 13.12 29.89 23.11
CA LYS G 152 14.51 30.20 23.38
C LYS G 152 15.00 31.36 22.52
N ALA G 153 14.63 31.37 21.24
CA ALA G 153 15.03 32.48 20.36
C ALA G 153 14.31 33.76 20.74
N TYR G 154 13.04 33.66 21.15
CA TYR G 154 12.30 34.84 21.57
C TYR G 154 12.86 35.42 22.86
N SER G 155 13.04 34.58 23.88
CA SER G 155 13.51 35.06 25.18
C SER G 155 14.90 35.65 25.09
N GLU G 156 15.77 35.06 24.26
CA GLU G 156 17.11 35.61 24.10
C GLU G 156 17.06 36.98 23.41
N ALA G 157 16.18 37.14 22.42
CA ALA G 157 16.05 38.42 21.75
C ALA G 157 15.43 39.48 22.64
N HIS G 158 14.54 39.07 23.55
CA HIS G 158 13.88 40.04 24.42
C HIS G 158 14.87 40.67 25.39
N GLU G 159 15.67 39.84 26.07
CA GLU G 159 16.61 40.37 27.06
C GLU G 159 17.71 41.21 26.41
N ILE G 160 18.10 40.88 25.18
CA ILE G 160 19.02 41.75 24.45
C ILE G 160 18.33 43.06 24.10
N SER G 161 17.07 42.99 23.66
CA SER G 161 16.32 44.20 23.37
C SER G 161 16.04 45.00 24.65
N LYS G 162 15.85 44.31 25.77
CA LYS G 162 15.63 45.00 27.04
C LYS G 162 16.86 45.83 27.43
N GLU G 163 18.04 45.20 27.40
CA GLU G 163 19.27 45.92 27.74
C GLU G 163 19.55 47.04 26.76
N HIS G 164 19.77 46.70 25.50
CA HIS G 164 20.11 47.68 24.48
C HIS G 164 18.88 48.11 23.69
N PRO G 167 13.18 50.62 24.11
CA PRO G 167 11.74 50.53 24.31
C PRO G 167 10.95 51.21 23.20
N THR G 168 11.41 52.39 22.77
CA THR G 168 10.78 53.08 21.66
C THR G 168 11.13 52.46 20.31
N HIS G 169 12.18 51.64 20.27
CA HIS G 169 12.59 51.00 19.02
C HIS G 169 11.46 50.11 18.50
N PRO G 170 11.03 50.28 17.24
CA PRO G 170 9.99 49.39 16.70
C PRO G 170 10.42 47.93 16.63
N ILE G 171 11.71 47.67 16.49
CA ILE G 171 12.20 46.29 16.48
C ILE G 171 11.95 45.63 17.84
N ARG G 172 12.23 46.36 18.93
CA ARG G 172 11.95 45.83 20.26
C ARG G 172 10.44 45.73 20.51
N LEU G 173 9.69 46.75 20.10
CA LEU G 173 8.25 46.71 20.26
C LEU G 173 7.63 45.65 19.36
N GLY G 174 8.13 45.51 18.13
CA GLY G 174 7.64 44.47 17.25
C GLY G 174 7.95 43.07 17.75
N LEU G 175 9.14 42.90 18.36
CA LEU G 175 9.48 41.62 18.95
C LEU G 175 8.57 41.28 20.12
N ALA G 176 8.28 42.28 20.97
CA ALA G 176 7.39 42.05 22.10
C ALA G 176 5.98 41.70 21.63
N LEU G 177 5.58 42.19 20.46
CA LEU G 177 4.27 41.84 19.92
C LEU G 177 4.21 40.38 19.51
N ASN G 178 5.19 39.94 18.72
CA ASN G 178 5.22 38.53 18.31
C ASN G 178 5.54 37.62 19.48
N TYR G 179 6.32 38.09 20.45
CA TYR G 179 6.57 37.30 21.66
C TYR G 179 5.28 37.10 22.46
N SER G 180 4.48 38.16 22.61
CA SER G 180 3.22 38.03 23.32
C SER G 180 2.25 37.14 22.56
N VAL G 181 2.21 37.26 21.23
CA VAL G 181 1.36 36.40 20.42
C VAL G 181 1.77 34.94 20.57
N PHE G 182 3.08 34.70 20.67
CA PHE G 182 3.57 33.33 20.86
C PHE G 182 3.04 32.74 22.16
N TYR G 183 3.01 33.53 23.23
CA TYR G 183 2.46 33.05 24.49
C TYR G 183 0.94 32.88 24.39
N TYR G 184 0.27 33.78 23.67
CA TYR G 184 -1.17 33.68 23.50
C TYR G 184 -1.54 32.48 22.63
N GLU G 185 -0.94 32.39 21.43
CA GLU G 185 -1.40 31.43 20.44
C GLU G 185 -0.78 30.04 20.66
N ILE G 186 0.53 30.00 20.90
CA ILE G 186 1.24 28.71 20.96
C ILE G 186 1.26 28.15 22.38
N GLN G 187 1.67 28.96 23.35
CA GLN G 187 1.83 28.45 24.72
C GLN G 187 0.53 28.45 25.51
N ASN G 188 -0.53 29.08 25.01
CA ASN G 188 -1.82 29.14 25.69
C ASN G 188 -1.67 29.72 27.10
N ALA G 189 -0.82 30.74 27.23
CA ALA G 189 -0.56 31.42 28.49
C ALA G 189 -1.05 32.86 28.38
N PRO G 190 -2.33 33.11 28.66
CA PRO G 190 -2.85 34.48 28.54
C PRO G 190 -2.19 35.46 29.50
N GLU G 191 -1.88 35.01 30.72
CA GLU G 191 -1.23 35.89 31.68
C GLU G 191 0.12 36.36 31.18
N GLN G 192 0.99 35.42 30.79
CA GLN G 192 2.30 35.80 30.28
C GLN G 192 2.19 36.56 28.96
N ALA G 193 1.16 36.28 28.16
CA ALA G 193 0.97 37.00 26.92
C ALA G 193 0.60 38.46 27.18
N CYS G 194 -0.41 38.68 28.05
CA CYS G 194 -0.81 40.04 28.38
C CYS G 194 0.28 40.77 29.15
N HIS G 195 0.98 40.08 30.06
CA HIS G 195 2.01 40.72 30.86
C HIS G 195 3.17 41.20 29.98
N LEU G 196 3.58 40.38 29.02
CA LEU G 196 4.70 40.76 28.15
C LEU G 196 4.31 41.94 27.25
N ALA G 197 3.04 42.03 26.85
CA ALA G 197 2.60 43.16 26.03
C ALA G 197 2.26 44.38 26.88
N LYS G 198 1.88 44.17 28.14
CA LYS G 198 1.54 45.30 29.00
C LYS G 198 2.77 46.14 29.34
N THR G 199 3.88 45.49 29.68
CA THR G 199 5.09 46.23 30.01
C THR G 199 5.72 46.87 28.78
N ALA G 200 5.49 46.28 27.60
CA ALA G 200 6.04 46.87 26.37
C ALA G 200 5.41 48.22 26.08
N PHE G 201 4.09 48.34 26.28
CA PHE G 201 3.42 49.62 26.06
C PHE G 201 3.83 50.65 27.12
N ASP G 202 4.06 50.20 28.35
CA ASP G 202 4.43 51.13 29.42
C ASP G 202 5.87 51.60 29.29
N ASP G 203 6.76 50.72 28.83
CA ASP G 203 8.17 51.10 28.69
C ASP G 203 8.39 52.08 27.54
N ALA G 204 7.47 52.14 26.58
CA ALA G 204 7.62 53.00 25.41
C ALA G 204 6.90 54.33 25.56
N ILE G 205 5.72 54.35 26.18
CA ILE G 205 4.97 55.59 26.35
C ILE G 205 5.75 56.56 27.23
N ALA G 206 6.39 56.06 28.28
CA ALA G 206 7.12 56.90 29.22
C ALA G 206 8.59 57.03 28.80
N GLU G 207 8.79 57.48 27.57
CA GLU G 207 10.13 57.69 27.03
C GLU G 207 10.12 58.68 25.88
N SER G 215 9.53 59.70 14.18
CA SER G 215 9.33 58.27 14.02
C SER G 215 8.49 57.71 15.16
N TYR G 216 7.45 58.45 15.55
CA TYR G 216 6.57 58.03 16.63
C TYR G 216 5.33 57.29 16.13
N LYS G 217 5.05 57.35 14.83
CA LYS G 217 3.90 56.63 14.29
C LYS G 217 4.19 55.13 14.15
N ASP G 218 5.42 54.79 13.77
CA ASP G 218 5.80 53.38 13.71
C ASP G 218 5.73 52.72 15.08
N SER G 219 6.09 53.48 16.13
CA SER G 219 6.00 52.96 17.48
C SER G 219 4.54 52.73 17.87
N THR G 220 3.70 53.76 17.77
CA THR G 220 2.30 53.64 18.13
C THR G 220 1.55 52.63 17.27
N LEU G 221 2.07 52.32 16.09
CA LEU G 221 1.44 51.30 15.25
C LEU G 221 1.40 49.96 15.96
N ILE G 222 2.53 49.54 16.53
CA ILE G 222 2.56 48.25 17.22
C ILE G 222 1.82 48.34 18.55
N MET G 223 1.82 49.51 19.19
CA MET G 223 1.09 49.66 20.44
C MET G 223 -0.41 49.47 20.24
N GLN G 224 -0.96 50.08 19.18
CA GLN G 224 -2.37 49.85 18.87
C GLN G 224 -2.64 48.40 18.49
N LEU G 225 -1.66 47.76 17.83
CA LEU G 225 -1.80 46.33 17.55
C LEU G 225 -1.66 45.50 18.82
N LEU G 226 -0.88 45.98 19.79
CA LEU G 226 -0.78 45.31 21.08
C LEU G 226 -2.03 45.54 21.92
N ARG G 227 -2.55 46.78 21.92
CA ARG G 227 -3.74 47.09 22.70
C ARG G 227 -4.93 46.29 22.21
N ASP G 228 -5.15 46.24 20.89
CA ASP G 228 -6.25 45.47 20.34
C ASP G 228 -6.08 43.98 20.61
N ASN G 229 -4.83 43.49 20.61
CA ASN G 229 -4.59 42.10 20.96
C ASN G 229 -4.75 41.87 22.45
N LEU G 230 -4.33 42.84 23.27
CA LEU G 230 -4.51 42.71 24.72
C LEU G 230 -5.98 42.82 25.10
N THR G 231 -6.70 43.77 24.51
CA THR G 231 -8.13 43.90 24.77
C THR G 231 -8.87 42.63 24.40
N LEU G 232 -8.48 41.98 23.30
CA LEU G 232 -9.07 40.72 22.89
C LEU G 232 -8.62 39.58 23.81
N VAL H 2 11.06 17.66 6.82
CA VAL H 2 12.37 17.88 6.25
C VAL H 2 13.28 16.67 6.50
N ASP H 3 12.91 15.54 5.94
CA ASP H 3 13.70 14.32 6.12
C ASP H 3 15.00 14.42 5.32
N ARG H 4 16.12 14.11 5.97
CA ARG H 4 17.41 14.15 5.29
C ARG H 4 17.54 13.00 4.30
N GLU H 5 17.02 11.82 4.64
CA GLU H 5 17.14 10.66 3.76
C GLU H 5 16.36 10.85 2.46
N GLN H 6 15.30 11.64 2.48
CA GLN H 6 14.53 11.89 1.27
C GLN H 6 15.35 12.67 0.25
N LEU H 7 16.02 13.73 0.70
CA LEU H 7 16.81 14.55 -0.21
C LEU H 7 18.01 13.81 -0.76
N VAL H 8 18.59 12.88 0.02
CA VAL H 8 19.75 12.14 -0.46
C VAL H 8 19.34 11.18 -1.57
N GLN H 9 18.20 10.51 -1.42
CA GLN H 9 17.76 9.58 -2.45
C GLN H 9 17.31 10.30 -3.71
N LYS H 10 16.80 11.54 -3.58
CA LYS H 10 16.46 12.32 -4.76
C LYS H 10 17.71 12.64 -5.58
N ALA H 11 18.83 12.87 -4.89
CA ALA H 11 20.11 13.03 -5.60
C ALA H 11 20.54 11.72 -6.26
N ARG H 12 20.19 10.58 -5.66
CA ARG H 12 20.48 9.30 -6.28
C ARG H 12 19.64 9.07 -7.53
N LEU H 13 18.38 9.49 -7.49
CA LEU H 13 17.53 9.37 -8.68
C LEU H 13 17.97 10.35 -9.77
N ALA H 14 18.31 11.57 -9.37
CA ALA H 14 18.74 12.57 -10.35
C ALA H 14 20.00 12.15 -11.07
N GLU H 15 20.91 11.46 -10.37
CA GLU H 15 22.11 10.95 -11.02
C GLU H 15 21.77 9.83 -12.01
N GLN H 16 20.89 8.91 -11.62
CA GLN H 16 20.49 7.85 -12.54
C GLN H 16 19.72 8.40 -13.73
N ALA H 17 18.96 9.47 -13.52
CA ALA H 17 18.23 10.12 -14.60
C ALA H 17 19.09 11.10 -15.39
N GLU H 18 20.38 11.24 -15.03
CA GLU H 18 21.29 12.18 -15.69
C GLU H 18 20.76 13.61 -15.64
N ARG H 19 20.22 13.98 -14.48
CA ARG H 19 19.72 15.33 -14.24
C ARG H 19 20.53 15.88 -13.07
N TYR H 20 21.71 16.44 -13.38
CA TYR H 20 22.63 16.86 -12.34
C TYR H 20 22.31 18.23 -11.76
N ASP H 21 21.42 19.00 -12.39
CA ASP H 21 20.96 20.24 -11.78
C ASP H 21 20.08 19.95 -10.56
N ASP H 22 19.13 19.03 -10.72
CA ASP H 22 18.33 18.59 -9.58
C ASP H 22 19.20 17.89 -8.53
N MET H 23 20.22 17.17 -8.97
CA MET H 23 21.11 16.46 -8.04
C MET H 23 21.90 17.45 -7.19
N ALA H 24 22.41 18.51 -7.79
CA ALA H 24 23.17 19.50 -7.04
C ALA H 24 22.28 20.24 -6.06
N ALA H 25 21.04 20.56 -6.47
CA ALA H 25 20.12 21.25 -5.57
C ALA H 25 19.72 20.37 -4.39
N ALA H 26 19.67 19.05 -4.59
CA ALA H 26 19.33 18.15 -3.49
C ALA H 26 20.49 18.03 -2.50
N MET H 27 21.71 17.86 -3.02
CA MET H 27 22.86 17.73 -2.13
C MET H 27 23.18 19.05 -1.42
N LYS H 28 22.90 20.19 -2.06
CA LYS H 28 23.04 21.46 -1.37
C LYS H 28 22.07 21.56 -0.20
N ASN H 29 20.84 21.05 -0.38
CA ASN H 29 19.88 21.03 0.71
C ASN H 29 20.35 20.14 1.86
N VAL H 30 20.95 18.99 1.52
CA VAL H 30 21.49 18.11 2.56
C VAL H 30 22.63 18.79 3.30
N THR H 31 23.49 19.51 2.57
CA THR H 31 24.60 20.20 3.21
C THR H 31 24.09 21.31 4.13
N GLU H 32 23.01 21.99 3.74
CA GLU H 32 22.47 23.07 4.55
C GLU H 32 21.87 22.58 5.86
N LEU H 33 21.63 21.29 6.01
CA LEU H 33 21.14 20.72 7.26
C LEU H 33 22.22 20.64 8.34
N ASN H 34 23.46 21.04 8.02
CA ASN H 34 24.59 21.13 8.94
C ASN H 34 25.00 19.77 9.51
N GLU H 35 24.49 18.67 8.96
CA GLU H 35 25.00 17.40 9.44
C GLU H 35 26.23 16.98 8.64
N PRO H 36 27.17 16.28 9.26
CA PRO H 36 28.38 15.86 8.53
C PRO H 36 28.02 14.94 7.37
N LEU H 37 28.74 15.11 6.26
CA LEU H 37 28.51 14.32 5.05
C LEU H 37 29.28 13.01 5.13
N SER H 38 28.62 11.92 4.77
CA SER H 38 29.25 10.62 4.73
C SER H 38 30.16 10.52 3.50
N ASN H 39 30.81 9.37 3.35
CA ASN H 39 31.68 9.18 2.19
C ASN H 39 30.88 9.11 0.90
N GLU H 40 29.70 8.47 0.94
CA GLU H 40 28.84 8.43 -0.24
C GLU H 40 28.27 9.80 -0.55
N GLU H 41 27.82 10.53 0.49
CA GLU H 41 27.28 11.87 0.29
C GLU H 41 28.36 12.86 -0.16
N ARG H 42 29.64 12.56 0.13
CA ARG H 42 30.71 13.41 -0.37
C ARG H 42 30.85 13.25 -1.88
N ASN H 43 30.72 12.02 -2.39
CA ASN H 43 30.82 11.79 -3.83
C ASN H 43 29.59 12.30 -4.56
N LEU H 44 28.40 12.11 -3.97
CA LEU H 44 27.18 12.55 -4.63
C LEU H 44 27.17 14.07 -4.82
N LEU H 45 27.63 14.81 -3.82
CA LEU H 45 27.75 16.26 -3.98
C LEU H 45 28.83 16.60 -5.00
N SER H 46 29.91 15.84 -5.02
CA SER H 46 31.00 16.12 -5.96
C SER H 46 30.61 15.78 -7.39
N VAL H 47 29.96 14.63 -7.59
CA VAL H 47 29.52 14.24 -8.93
C VAL H 47 28.52 15.26 -9.47
N ALA H 48 27.63 15.77 -8.61
CA ALA H 48 26.59 16.67 -9.06
C ALA H 48 27.18 17.96 -9.62
N TYR H 49 27.99 18.66 -8.82
CA TYR H 49 28.50 19.96 -9.26
C TYR H 49 29.56 19.82 -10.33
N LYS H 50 30.29 18.70 -10.35
CA LYS H 50 31.28 18.49 -11.40
C LYS H 50 30.61 18.37 -12.77
N ASN H 51 29.45 17.70 -12.83
CA ASN H 51 28.74 17.57 -14.10
C ASN H 51 28.13 18.91 -14.53
N VAL H 52 27.61 19.68 -13.56
CA VAL H 52 27.06 20.99 -13.89
C VAL H 52 28.16 21.92 -14.38
N VAL H 53 29.32 21.92 -13.71
CA VAL H 53 30.44 22.73 -14.16
C VAL H 53 31.03 22.14 -15.44
N GLY H 54 31.15 20.81 -15.51
CA GLY H 54 31.74 20.18 -16.67
C GLY H 54 30.99 20.45 -17.95
N ALA H 55 29.66 20.58 -17.87
CA ALA H 55 28.88 20.91 -19.06
C ALA H 55 29.24 22.29 -19.59
N ARG H 56 29.49 23.24 -18.68
CA ARG H 56 29.91 24.57 -19.09
C ARG H 56 31.37 24.60 -19.55
N ARG H 57 32.23 23.79 -18.92
CA ARG H 57 33.62 23.72 -19.34
C ARG H 57 33.72 23.21 -20.77
N SER H 58 33.00 22.13 -21.08
CA SER H 58 33.05 21.58 -22.43
C SER H 58 32.51 22.55 -23.47
N SER H 59 31.38 23.20 -23.16
CA SER H 59 30.79 24.15 -24.09
C SER H 59 31.70 25.37 -24.29
N TRP H 60 32.37 25.79 -23.22
CA TRP H 60 33.29 26.93 -23.33
C TRP H 60 34.49 26.60 -24.22
N ARG H 61 34.96 25.35 -24.16
CA ARG H 61 36.11 24.98 -24.99
C ARG H 61 35.72 24.93 -26.47
N VAL H 62 34.49 24.51 -26.78
CA VAL H 62 34.07 24.45 -28.17
C VAL H 62 33.86 25.85 -28.74
N ILE H 63 33.29 26.75 -27.93
CA ILE H 63 33.06 28.11 -28.40
C ILE H 63 34.38 28.86 -28.55
N SER H 64 35.28 28.72 -27.57
CA SER H 64 36.58 29.38 -27.66
C SER H 64 37.38 28.88 -28.84
N SER H 65 37.25 27.60 -29.21
CA SER H 65 37.92 27.09 -30.39
C SER H 65 37.36 27.70 -31.66
N ILE H 66 36.04 27.89 -31.71
CA ILE H 66 35.42 28.54 -32.86
C ILE H 66 35.77 30.02 -32.89
N GLU H 67 35.92 30.64 -31.71
CA GLU H 67 36.32 32.04 -31.65
C GLU H 67 37.73 32.25 -32.21
N GLN H 68 38.56 31.22 -32.15
CA GLN H 68 39.92 31.28 -32.68
C GLN H 68 39.99 30.98 -34.18
N LYS H 69 38.85 31.04 -34.87
CA LYS H 69 38.81 30.79 -36.31
C LYS H 69 37.88 31.81 -36.95
N THR H 70 38.37 32.50 -37.98
CA THR H 70 37.59 33.50 -38.69
C THR H 70 37.91 33.49 -40.17
N LYS H 77 30.62 39.80 -39.10
CA LYS H 77 29.88 40.14 -37.89
C LYS H 77 29.59 38.90 -37.05
N LYS H 78 29.97 37.73 -37.59
CA LYS H 78 29.75 36.48 -36.86
C LYS H 78 30.61 36.40 -35.61
N ILE H 79 31.79 37.01 -35.62
CA ILE H 79 32.67 36.97 -34.47
C ILE H 79 32.09 37.73 -33.29
N GLU H 80 31.21 38.70 -33.54
CA GLU H 80 30.61 39.45 -32.44
C GLU H 80 29.65 38.60 -31.62
N MET H 81 28.99 37.63 -32.27
CA MET H 81 28.07 36.77 -31.55
C MET H 81 28.78 35.62 -30.85
N VAL H 82 29.85 35.10 -31.44
CA VAL H 82 30.60 34.01 -30.82
C VAL H 82 31.23 34.48 -29.50
N ARG H 83 31.74 35.70 -29.48
CA ARG H 83 32.29 36.25 -28.24
C ARG H 83 31.20 36.45 -27.19
N ALA H 84 30.00 36.82 -27.62
CA ALA H 84 28.90 37.01 -26.66
C ALA H 84 28.45 35.68 -26.07
N TYR H 85 28.41 34.62 -26.89
CA TYR H 85 28.01 33.32 -26.38
C TYR H 85 29.05 32.75 -25.40
N ARG H 86 30.33 33.05 -25.63
CA ARG H 86 31.36 32.63 -24.68
C ARG H 86 31.18 33.32 -23.33
N GLU H 87 30.84 34.61 -23.36
CA GLU H 87 30.63 35.34 -22.11
C GLU H 87 29.40 34.86 -21.36
N LYS H 88 28.37 34.42 -22.09
CA LYS H 88 27.19 33.87 -21.45
C LYS H 88 27.52 32.57 -20.72
N ILE H 89 28.28 31.68 -21.37
CA ILE H 89 28.68 30.43 -20.72
C ILE H 89 29.62 30.71 -19.56
N GLU H 90 30.50 31.70 -19.71
CA GLU H 90 31.38 32.07 -18.61
C GLU H 90 30.59 32.49 -17.38
N LYS H 91 29.52 33.27 -17.58
CA LYS H 91 28.71 33.71 -16.46
C LYS H 91 28.03 32.53 -15.77
N GLU H 92 27.60 31.53 -16.55
CA GLU H 92 26.99 30.35 -15.95
C GLU H 92 28.00 29.59 -15.10
N LEU H 93 29.18 29.34 -15.65
CA LEU H 93 30.22 28.61 -14.92
C LEU H 93 30.63 29.36 -13.65
N GLU H 94 30.78 30.68 -13.76
CA GLU H 94 31.18 31.47 -12.59
C GLU H 94 30.10 31.48 -11.52
N ALA H 95 28.83 31.37 -11.92
CA ALA H 95 27.76 31.31 -10.92
C ALA H 95 27.71 29.95 -10.24
N VAL H 96 27.96 28.87 -10.99
CA VAL H 96 27.96 27.54 -10.38
C VAL H 96 29.17 27.36 -9.48
N CYS H 97 30.34 27.86 -9.89
CA CYS H 97 31.54 27.73 -9.08
C CYS H 97 31.38 28.46 -7.76
N GLN H 98 30.89 29.70 -7.79
CA GLN H 98 30.70 30.46 -6.56
C GLN H 98 29.68 29.81 -5.64
N ASP H 99 28.77 29.01 -6.18
CA ASP H 99 27.80 28.33 -5.34
C ASP H 99 28.44 27.20 -4.55
N VAL H 100 29.33 26.43 -5.19
CA VAL H 100 30.04 25.37 -4.47
C VAL H 100 31.02 25.97 -3.48
N LEU H 101 31.77 27.00 -3.91
CA LEU H 101 32.77 27.62 -3.04
C LEU H 101 32.12 28.21 -1.79
N SER H 102 30.97 28.89 -1.96
CA SER H 102 30.24 29.39 -0.80
C SER H 102 29.78 28.23 0.08
N LEU H 103 29.30 27.15 -0.54
CA LEU H 103 28.90 25.97 0.23
C LEU H 103 30.10 25.30 0.88
N LEU H 104 31.25 25.29 0.20
CA LEU H 104 32.43 24.66 0.75
C LEU H 104 33.01 25.46 1.91
N ASP H 105 33.12 26.78 1.73
CA ASP H 105 33.78 27.62 2.73
C ASP H 105 32.92 27.82 3.97
N ASN H 106 31.60 27.86 3.81
CA ASN H 106 30.71 28.21 4.91
C ASN H 106 30.00 27.02 5.55
N TYR H 107 30.02 25.87 4.91
CA TYR H 107 29.30 24.72 5.45
C TYR H 107 30.17 23.48 5.65
N LEU H 108 31.07 23.19 4.72
CA LEU H 108 31.79 21.92 4.69
C LEU H 108 33.19 22.04 5.28
N ILE H 109 34.01 22.94 4.75
CA ILE H 109 35.35 23.14 5.28
C ILE H 109 35.29 23.72 6.69
N LYS H 110 34.31 24.58 6.96
CA LYS H 110 34.23 25.26 8.25
C LYS H 110 33.89 24.29 9.38
N ASN H 111 32.99 23.34 9.12
CA ASN H 111 32.50 22.43 10.15
C ASN H 111 33.33 21.15 10.24
N CYS H 112 34.59 21.18 9.83
CA CYS H 112 35.47 20.03 9.90
C CYS H 112 36.36 20.17 11.13
N SER H 113 36.31 19.18 12.02
CA SER H 113 37.11 19.21 13.24
C SER H 113 38.50 18.65 12.94
N GLU H 114 39.31 18.46 14.00
CA GLU H 114 40.66 17.95 13.81
C GLU H 114 40.66 16.51 13.32
N THR H 115 39.69 15.70 13.75
CA THR H 115 39.60 14.32 13.32
C THR H 115 38.93 14.16 11.96
N GLN H 116 38.32 15.22 11.43
CA GLN H 116 37.75 15.20 10.08
C GLN H 116 38.77 15.68 9.06
N TYR H 117 39.97 15.08 9.10
CA TYR H 117 41.03 15.47 8.19
C TYR H 117 40.84 14.89 6.80
N GLU H 118 40.18 13.73 6.69
CA GLU H 118 39.94 13.13 5.39
C GLU H 118 38.96 13.97 4.58
N SER H 119 37.84 14.37 5.20
CA SER H 119 36.87 15.20 4.49
C SER H 119 37.41 16.61 4.25
N LYS H 120 38.25 17.11 5.14
CA LYS H 120 38.83 18.43 4.94
C LYS H 120 39.72 18.47 3.71
N VAL H 121 40.48 17.40 3.47
CA VAL H 121 41.28 17.33 2.25
C VAL H 121 40.38 17.18 1.03
N PHE H 122 39.29 16.42 1.16
CA PHE H 122 38.35 16.25 0.06
C PHE H 122 37.73 17.58 -0.35
N TYR H 123 37.31 18.38 0.64
CA TYR H 123 36.65 19.65 0.33
C TYR H 123 37.65 20.70 -0.12
N LEU H 124 38.83 20.74 0.51
CA LEU H 124 39.84 21.71 0.09
C LEU H 124 40.36 21.44 -1.32
N LYS H 125 40.42 20.16 -1.71
CA LYS H 125 40.74 19.84 -3.10
C LYS H 125 39.63 20.31 -4.03
N MET H 126 38.36 20.14 -3.62
CA MET H 126 37.26 20.69 -4.40
C MET H 126 37.36 22.21 -4.51
N LYS H 127 37.75 22.87 -3.42
CA LYS H 127 37.90 24.32 -3.45
C LYS H 127 38.95 24.75 -4.47
N GLY H 128 40.06 24.00 -4.55
CA GLY H 128 41.06 24.29 -5.55
C GLY H 128 40.63 23.90 -6.95
N ASP H 129 39.79 22.87 -7.07
CA ASP H 129 39.33 22.44 -8.38
C ASP H 129 38.43 23.49 -9.02
N TYR H 130 37.42 23.95 -8.29
CA TYR H 130 36.49 24.93 -8.86
C TYR H 130 37.13 26.30 -8.99
N TYR H 131 38.13 26.60 -8.17
CA TYR H 131 38.92 27.81 -8.41
C TYR H 131 39.80 27.67 -9.64
N ARG H 132 40.29 26.45 -9.92
CA ARG H 132 41.04 26.21 -11.15
C ARG H 132 40.14 26.33 -12.37
N TYR H 133 38.89 25.88 -12.27
CA TYR H 133 37.97 26.00 -13.38
C TYR H 133 37.65 27.46 -13.68
N LEU H 134 37.72 28.33 -12.67
CA LEU H 134 37.55 29.76 -12.91
C LEU H 134 38.80 30.35 -13.56
N ALA H 135 39.99 29.82 -13.24
CA ALA H 135 41.22 30.33 -13.81
C ALA H 135 41.36 30.01 -15.29
N GLU H 136 40.68 28.97 -15.77
CA GLU H 136 40.75 28.62 -17.18
C GLU H 136 39.97 29.59 -18.07
N VAL H 137 39.03 30.34 -17.50
CA VAL H 137 38.20 31.25 -18.28
C VAL H 137 38.49 32.71 -17.98
N ALA H 138 39.27 33.01 -16.95
CA ALA H 138 39.53 34.39 -16.55
C ALA H 138 40.83 34.90 -17.17
N THR H 139 40.87 36.21 -17.40
CA THR H 139 42.03 36.89 -17.96
C THR H 139 42.37 38.11 -17.13
N GLY H 140 43.61 38.57 -17.28
CA GLY H 140 44.02 39.81 -16.64
C GLY H 140 44.12 39.67 -15.12
N GLU H 141 43.73 40.73 -14.42
CA GLU H 141 43.81 40.72 -12.96
C GLU H 141 42.82 39.74 -12.35
N LYS H 142 41.72 39.45 -13.05
CA LYS H 142 40.75 38.49 -12.54
C LYS H 142 41.34 37.07 -12.51
N ARG H 143 42.19 36.74 -13.48
CA ARG H 143 42.79 35.41 -13.50
C ARG H 143 43.77 35.22 -12.36
N ALA H 144 44.60 36.23 -12.08
CA ALA H 144 45.59 36.11 -11.01
C ALA H 144 44.95 35.96 -9.64
N THR H 145 43.71 36.42 -9.47
CA THR H 145 43.06 36.30 -8.16
C THR H 145 42.64 34.87 -7.89
N VAL H 146 41.97 34.22 -8.84
CA VAL H 146 41.51 32.86 -8.64
C VAL H 146 42.67 31.86 -8.67
N VAL H 147 43.77 32.20 -9.34
CA VAL H 147 44.93 31.32 -9.37
C VAL H 147 45.54 31.20 -7.98
N GLU H 148 45.73 32.33 -7.30
CA GLU H 148 46.26 32.30 -5.94
C GLU H 148 45.26 31.69 -4.97
N SER H 149 43.97 31.83 -5.24
CA SER H 149 42.97 31.17 -4.41
C SER H 149 42.97 29.66 -4.62
N SER H 150 43.24 29.22 -5.85
CA SER H 150 43.32 27.78 -6.12
C SER H 150 44.54 27.16 -5.46
N GLU H 151 45.70 27.81 -5.58
CA GLU H 151 46.91 27.28 -4.98
C GLU H 151 46.83 27.25 -3.46
N LYS H 152 46.16 28.24 -2.85
CA LYS H 152 46.02 28.26 -1.41
C LYS H 152 45.18 27.08 -0.92
N ALA H 153 44.16 26.69 -1.69
CA ALA H 153 43.35 25.53 -1.33
C ALA H 153 44.09 24.23 -1.58
N TYR H 154 44.81 24.13 -2.70
CA TYR H 154 45.56 22.92 -3.01
C TYR H 154 46.71 22.71 -2.02
N SER H 155 47.45 23.78 -1.72
CA SER H 155 48.59 23.66 -0.81
C SER H 155 48.14 23.30 0.60
N GLU H 156 47.04 23.90 1.06
CA GLU H 156 46.52 23.56 2.38
C GLU H 156 46.06 22.11 2.43
N ALA H 157 45.39 21.65 1.38
CA ALA H 157 44.99 20.25 1.31
C ALA H 157 46.20 19.33 1.18
N HIS H 158 47.26 19.81 0.54
CA HIS H 158 48.47 18.99 0.38
C HIS H 158 49.18 18.80 1.70
N GLU H 159 49.19 19.83 2.56
CA GLU H 159 49.88 19.72 3.83
C GLU H 159 49.14 18.78 4.78
N ILE H 160 47.81 18.84 4.79
CA ILE H 160 47.04 17.95 5.66
C ILE H 160 47.14 16.51 5.17
N SER H 161 47.15 16.32 3.85
CA SER H 161 47.23 14.97 3.29
C SER H 161 48.60 14.35 3.51
N LYS H 162 49.66 15.16 3.40
CA LYS H 162 51.02 14.65 3.54
C LYS H 162 51.39 14.35 4.99
N GLU H 163 50.53 14.68 5.96
CA GLU H 163 50.86 14.55 7.36
C GLU H 163 49.92 13.64 8.15
N HIS H 164 48.74 13.33 7.64
CA HIS H 164 47.74 12.61 8.44
C HIS H 164 47.09 11.43 7.73
N MET H 165 47.39 11.19 6.46
CA MET H 165 46.84 10.04 5.75
C MET H 165 47.93 9.34 4.96
N GLN H 166 47.69 8.06 4.67
CA GLN H 166 48.68 7.23 4.02
C GLN H 166 48.93 7.69 2.58
N PRO H 167 50.15 7.48 2.07
CA PRO H 167 50.42 7.87 0.67
C PRO H 167 49.63 7.08 -0.35
N THR H 168 49.13 5.90 0.00
CA THR H 168 48.33 5.08 -0.90
C THR H 168 46.85 5.41 -0.86
N HIS H 169 46.44 6.39 -0.05
CA HIS H 169 45.03 6.75 0.04
C HIS H 169 44.58 7.39 -1.27
N PRO H 170 43.43 6.98 -1.82
CA PRO H 170 43.00 7.55 -3.10
C PRO H 170 42.74 9.05 -3.05
N ILE H 171 42.38 9.58 -1.88
CA ILE H 171 42.15 11.02 -1.77
C ILE H 171 43.47 11.78 -1.88
N ARG H 172 44.52 11.27 -1.25
CA ARG H 172 45.83 11.92 -1.35
C ARG H 172 46.40 11.78 -2.75
N LEU H 173 46.14 10.65 -3.42
CA LEU H 173 46.63 10.45 -4.78
C LEU H 173 45.88 11.34 -5.77
N GLY H 174 44.56 11.44 -5.63
CA GLY H 174 43.79 12.31 -6.51
C GLY H 174 44.11 13.78 -6.31
N LEU H 175 44.38 14.19 -5.07
CA LEU H 175 44.76 15.57 -4.82
C LEU H 175 46.09 15.90 -5.51
N ALA H 176 47.06 14.99 -5.43
CA ALA H 176 48.34 15.22 -6.10
C ALA H 176 48.18 15.23 -7.61
N LEU H 177 47.20 14.50 -8.15
CA LEU H 177 46.95 14.53 -9.58
C LEU H 177 46.42 15.88 -10.02
N ASN H 178 45.43 16.42 -9.31
CA ASN H 178 44.88 17.72 -9.67
C ASN H 178 45.85 18.85 -9.34
N TYR H 179 46.62 18.71 -8.25
CA TYR H 179 47.61 19.73 -7.93
C TYR H 179 48.70 19.80 -8.99
N SER H 180 49.13 18.63 -9.49
CA SER H 180 50.13 18.62 -10.56
C SER H 180 49.55 19.15 -11.86
N VAL H 181 48.31 18.79 -12.17
CA VAL H 181 47.64 19.32 -13.36
C VAL H 181 47.48 20.84 -13.25
N PHE H 182 47.26 21.34 -12.04
CA PHE H 182 47.11 22.78 -11.84
C PHE H 182 48.41 23.51 -12.17
N TYR H 183 49.55 22.97 -11.74
CA TYR H 183 50.82 23.62 -12.04
C TYR H 183 51.14 23.57 -13.53
N TYR H 184 50.78 22.48 -14.19
CA TYR H 184 51.12 22.32 -15.60
C TYR H 184 50.25 23.19 -16.49
N GLU H 185 48.93 23.14 -16.30
CA GLU H 185 48.00 23.83 -17.19
C GLU H 185 47.81 25.30 -16.83
N ILE H 186 47.66 25.60 -15.54
CA ILE H 186 47.36 26.96 -15.12
C ILE H 186 48.62 27.78 -14.88
N GLN H 187 49.57 27.23 -14.12
CA GLN H 187 50.77 27.97 -13.77
C GLN H 187 51.90 27.81 -14.78
N ASN H 188 51.80 26.87 -15.71
CA ASN H 188 52.86 26.60 -16.69
C ASN H 188 54.18 26.32 -15.98
N ALA H 189 54.12 25.40 -15.02
CA ALA H 189 55.29 24.98 -14.24
C ALA H 189 55.39 23.46 -14.31
N PRO H 190 55.90 22.92 -15.42
CA PRO H 190 55.95 21.45 -15.56
C PRO H 190 56.94 20.79 -14.61
N GLU H 191 58.02 21.47 -14.24
CA GLU H 191 58.99 20.86 -13.33
C GLU H 191 58.37 20.57 -11.97
N GLN H 192 57.65 21.54 -11.41
CA GLN H 192 56.93 21.29 -10.16
C GLN H 192 55.76 20.35 -10.38
N ALA H 193 55.13 20.41 -11.56
CA ALA H 193 54.04 19.48 -11.87
C ALA H 193 54.53 18.04 -11.89
N CYS H 194 55.68 17.79 -12.53
CA CYS H 194 56.25 16.46 -12.54
C CYS H 194 56.72 16.04 -11.15
N HIS H 195 57.14 17.00 -10.32
CA HIS H 195 57.62 16.67 -8.99
C HIS H 195 56.50 16.18 -8.09
N LEU H 196 55.34 16.84 -8.14
CA LEU H 196 54.21 16.44 -7.29
C LEU H 196 53.67 15.07 -7.70
N ALA H 197 53.63 14.80 -9.00
CA ALA H 197 53.12 13.51 -9.47
C ALA H 197 54.07 12.38 -9.13
N LYS H 198 55.37 12.58 -9.34
CA LYS H 198 56.34 11.51 -9.09
C LYS H 198 56.50 11.25 -7.60
N THR H 199 56.48 12.29 -6.78
CA THR H 199 56.63 12.10 -5.34
C THR H 199 55.46 11.30 -4.77
N ALA H 200 54.23 11.61 -5.21
CA ALA H 200 53.08 10.86 -4.73
C ALA H 200 53.07 9.43 -5.28
N PHE H 201 53.64 9.22 -6.47
CA PHE H 201 53.72 7.87 -7.02
C PHE H 201 54.79 7.04 -6.31
N ASP H 202 55.95 7.64 -6.06
CA ASP H 202 57.01 6.92 -5.36
C ASP H 202 56.64 6.63 -3.91
N ASP H 203 55.92 7.55 -3.27
CA ASP H 203 55.48 7.31 -1.90
C ASP H 203 54.41 6.22 -1.84
N ALA H 204 53.49 6.22 -2.81
CA ALA H 204 52.44 5.21 -2.83
C ALA H 204 52.99 3.84 -3.20
N ILE H 205 54.00 3.78 -4.06
CA ILE H 205 54.59 2.50 -4.44
C ILE H 205 55.36 1.90 -3.28
N ALA H 206 55.88 2.74 -2.38
CA ALA H 206 56.67 2.22 -1.25
C ALA H 206 55.79 1.49 -0.25
N GLU H 207 54.59 2.02 0.02
CA GLU H 207 53.67 1.41 0.98
C GLU H 207 52.53 0.66 0.29
N LEU H 208 52.70 0.31 -0.97
CA LEU H 208 51.67 -0.40 -1.72
C LEU H 208 51.47 -1.81 -1.19
N TYR H 216 42.33 0.00 -2.08
CA TYR H 216 42.63 -1.27 -2.75
C TYR H 216 42.94 -1.05 -4.23
N LYS H 217 41.92 -1.21 -5.07
CA LYS H 217 42.09 -0.98 -6.50
C LYS H 217 42.05 0.50 -6.86
N ASP H 218 41.39 1.32 -6.04
CA ASP H 218 41.32 2.76 -6.33
C ASP H 218 42.69 3.40 -6.33
N SER H 219 43.61 2.89 -5.50
CA SER H 219 44.96 3.44 -5.45
C SER H 219 45.70 3.20 -6.76
N THR H 220 45.70 1.96 -7.25
CA THR H 220 46.41 1.64 -8.48
C THR H 220 45.81 2.37 -9.68
N LEU H 221 44.49 2.65 -9.64
CA LEU H 221 43.86 3.38 -10.73
C LEU H 221 44.42 4.79 -10.85
N ILE H 222 44.45 5.53 -9.74
CA ILE H 222 44.97 6.89 -9.77
C ILE H 222 46.49 6.89 -9.95
N MET H 223 47.17 5.86 -9.43
CA MET H 223 48.61 5.78 -9.61
C MET H 223 48.98 5.62 -11.08
N GLN H 224 48.19 4.83 -11.82
CA GLN H 224 48.41 4.70 -13.25
C GLN H 224 48.11 6.01 -13.97
N LEU H 225 47.03 6.69 -13.58
CA LEU H 225 46.75 8.01 -14.14
C LEU H 225 47.85 8.99 -13.81
N LEU H 226 48.48 8.86 -12.64
CA LEU H 226 49.65 9.67 -12.32
C LEU H 226 50.80 9.34 -13.26
N ARG H 227 51.02 8.06 -13.55
CA ARG H 227 52.08 7.67 -14.47
C ARG H 227 51.78 8.11 -15.90
N ASP H 228 50.50 8.15 -16.28
CA ASP H 228 50.13 8.59 -17.62
C ASP H 228 50.54 10.04 -17.85
N ASN H 229 50.25 10.92 -16.88
CA ASN H 229 50.58 12.33 -17.05
C ASN H 229 52.09 12.56 -16.97
N LEU H 230 52.78 11.83 -16.09
CA LEU H 230 54.24 11.96 -16.02
C LEU H 230 54.90 11.44 -17.29
N THR H 231 54.31 10.44 -17.94
CA THR H 231 54.85 9.95 -19.20
C THR H 231 54.66 10.97 -20.31
N LEU H 232 53.49 11.61 -20.37
CA LEU H 232 53.20 12.60 -21.39
C LEU H 232 53.88 13.94 -21.15
N TRP H 233 54.39 14.17 -19.94
CA TRP H 233 55.05 15.44 -19.61
C TRP H 233 56.56 15.36 -19.69
N THR H 234 57.14 14.17 -19.70
CA THR H 234 58.60 14.02 -19.78
C THR H 234 59.00 13.27 -21.05
N TYR I 1 -17.48 -8.86 34.08
CA TYR I 1 -17.94 -8.53 32.74
C TYR I 1 -19.27 -7.78 32.79
N ASP I 2 -19.80 -7.45 31.61
CA ASP I 2 -21.08 -6.76 31.46
C ASP I 2 -21.09 -5.38 32.10
N LEU I 3 -19.93 -4.83 32.42
CA LEU I 3 -19.84 -3.49 33.01
C LEU I 3 -19.24 -2.51 32.01
N SEP I 4 -18.74 -3.05 30.91
CA SEP I 4 -18.08 -2.23 29.89
CB SEP I 4 -17.07 -3.09 29.11
OG SEP I 4 -17.73 -4.15 28.46
C SEP I 4 -19.08 -1.61 28.93
O SEP I 4 -20.28 -1.82 29.04
P SEP I 4 -16.67 -5.18 27.83
O1P SEP I 4 -17.45 -6.28 26.97
O2P SEP I 4 -15.64 -4.36 26.89
O3P SEP I 4 -15.85 -5.90 29.03
N LEU I 5 -18.56 -0.85 27.96
CA LEU I 5 -19.40 -0.21 26.95
C LEU I 5 -20.08 -1.24 26.05
N PRO I 6 -21.40 -1.19 25.99
CA PRO I 6 -22.16 -2.16 25.18
C PRO I 6 -22.17 -1.88 23.68
N PHE I 7 -21.30 -1.00 23.20
CA PHE I 7 -21.23 -0.67 21.78
C PHE I 7 -19.88 -0.01 21.52
N PRO I 8 -19.50 0.18 20.25
CA PRO I 8 -18.26 0.90 19.95
C PRO I 8 -18.19 2.29 20.57
N TYR J 1 -42.50 -19.10 9.14
CA TYR J 1 -41.59 -19.62 10.15
C TYR J 1 -42.03 -19.21 11.54
N ASP J 2 -41.31 -19.71 12.55
CA ASP J 2 -41.62 -19.47 13.96
C ASP J 2 -42.99 -20.00 14.36
N LEU J 3 -43.49 -20.99 13.63
CA LEU J 3 -44.79 -21.58 13.92
C LEU J 3 -44.65 -23.06 14.24
N SEP J 4 -43.46 -23.59 13.99
CA SEP J 4 -43.16 -24.99 14.25
CB SEP J 4 -42.00 -25.44 13.36
OG SEP J 4 -40.93 -24.53 13.49
C SEP J 4 -42.82 -25.23 15.71
O SEP J 4 -42.75 -24.29 16.51
P SEP J 4 -39.71 -24.94 12.54
O1P SEP J 4 -40.08 -24.60 11.01
O2P SEP J 4 -39.43 -26.53 12.69
O3P SEP J 4 -38.40 -24.11 12.97
N LEU J 5 -42.58 -26.48 16.06
CA LEU J 5 -42.19 -26.86 17.42
C LEU J 5 -40.86 -26.21 17.80
N PRO J 6 -40.81 -25.56 18.96
CA PRO J 6 -39.57 -24.94 19.44
C PRO J 6 -38.59 -25.91 20.09
N PHE J 7 -38.79 -27.22 19.98
CA PHE J 7 -37.84 -28.20 20.49
C PHE J 7 -38.00 -29.54 19.79
N TYR K 1 11.83 -20.45 -2.79
CA TYR K 1 11.25 -20.54 -1.46
C TYR K 1 12.12 -21.39 -0.55
N ASP K 2 12.96 -22.25 -1.14
CA ASP K 2 13.84 -23.12 -0.39
C ASP K 2 15.28 -22.60 -0.35
N LEU K 3 15.47 -21.29 -0.51
CA LEU K 3 16.81 -20.70 -0.53
C LEU K 3 17.20 -20.18 0.84
N SEP K 4 16.23 -20.11 1.75
CA SEP K 4 16.44 -19.55 3.08
CB SEP K 4 15.11 -19.14 3.70
OG SEP K 4 14.32 -20.30 3.94
C SEP K 4 17.17 -20.53 4.00
O SEP K 4 17.54 -21.62 3.59
P SEP K 4 12.82 -19.88 4.28
O1P SEP K 4 12.79 -18.98 5.61
O2P SEP K 4 12.21 -19.04 3.04
O3P SEP K 4 11.95 -21.22 4.51
N LEU K 5 17.33 -20.12 5.26
CA LEU K 5 18.00 -20.95 6.25
C LEU K 5 17.08 -22.07 6.75
N PRO K 6 17.46 -23.32 6.50
CA PRO K 6 16.64 -24.45 6.95
C PRO K 6 16.75 -24.75 8.43
N PHE K 7 17.67 -24.09 9.13
CA PHE K 7 17.88 -24.32 10.56
C PHE K 7 17.65 -23.01 11.31
N PRO K 8 17.52 -23.03 12.65
CA PRO K 8 17.41 -21.78 13.41
C PRO K 8 18.61 -20.86 13.20
N ASP L 2 5.83 -52.01 8.59
CA ASP L 2 6.37 -51.44 7.36
C ASP L 2 6.49 -52.50 6.26
N LEU L 3 5.89 -53.66 6.50
CA LEU L 3 5.92 -54.75 5.53
C LEU L 3 4.59 -54.86 4.79
N SEP L 4 3.66 -53.98 5.13
CA SEP L 4 2.33 -53.99 4.54
CB SEP L 4 1.33 -53.34 5.49
OG SEP L 4 1.69 -52.00 5.75
C SEP L 4 2.30 -53.28 3.19
O SEP L 4 3.28 -52.63 2.80
P SEP L 4 0.72 -51.35 6.84
O1P SEP L 4 0.95 -49.75 6.89
O2P SEP L 4 -0.80 -51.66 6.43
O3P SEP L 4 1.04 -51.98 8.29
N LEU L 5 1.19 -53.40 2.48
CA LEU L 5 1.02 -52.74 1.20
C LEU L 5 0.94 -51.22 1.36
N PRO L 6 1.84 -50.50 0.69
CA PRO L 6 1.84 -49.03 0.74
C PRO L 6 0.88 -48.40 -0.26
N PHE L 7 -0.35 -48.89 -0.29
CA PHE L 7 -1.37 -48.38 -1.20
C PHE L 7 -2.78 -48.78 -0.73
N TYR M 1 -5.86 47.04 -19.18
CA TYR M 1 -5.68 45.61 -18.97
C TYR M 1 -6.77 45.06 -18.05
N ASP M 2 -7.59 45.95 -17.50
CA ASP M 2 -8.69 45.59 -16.63
C ASP M 2 -10.03 46.01 -17.23
N LEU M 3 -10.15 45.96 -18.55
CA LEU M 3 -11.37 46.36 -19.24
C LEU M 3 -12.18 45.13 -19.64
N SEP M 4 -11.58 43.95 -19.46
CA SEP M 4 -12.19 42.70 -19.87
CB SEP M 4 -11.11 41.69 -20.24
OG SEP M 4 -10.31 41.40 -19.11
C SEP M 4 -13.10 42.11 -18.80
O SEP M 4 -13.28 42.70 -17.73
P SEP M 4 -8.97 40.63 -19.56
O1P SEP M 4 -8.12 41.59 -20.54
O2P SEP M 4 -9.37 39.27 -20.33
O3P SEP M 4 -8.10 40.28 -18.25
N LEU M 5 -13.67 40.95 -19.09
CA LEU M 5 -14.54 40.24 -18.15
C LEU M 5 -13.76 39.72 -16.95
N PRO M 6 -14.17 40.13 -15.74
CA PRO M 6 -13.49 39.68 -14.52
C PRO M 6 -13.90 38.28 -14.06
N PHE M 7 -14.64 37.53 -14.85
CA PHE M 7 -15.04 36.18 -14.51
C PHE M 7 -15.21 35.40 -15.80
N PRO M 8 -15.29 34.05 -15.73
CA PRO M 8 -15.50 33.25 -16.94
C PRO M 8 -16.73 33.65 -17.74
N ASP N 2 -3.96 35.56 13.46
CA ASP N 2 -3.06 36.53 12.84
C ASP N 2 -3.04 37.84 13.64
N LEU N 3 -2.53 37.76 14.86
CA LEU N 3 -2.40 38.95 15.71
C LEU N 3 -0.95 39.39 15.79
N SEP N 4 -0.12 38.80 14.94
CA SEP N 4 1.30 39.08 14.90
CB SEP N 4 2.07 37.90 14.32
OG SEP N 4 1.46 37.46 13.12
C SEP N 4 1.60 40.34 14.09
O SEP N 4 0.71 40.89 13.44
P SEP N 4 2.45 36.50 12.29
O1P SEP N 4 1.89 36.34 10.79
O2P SEP N 4 3.92 37.16 12.26
O3P SEP N 4 2.53 35.05 12.99
N LEU N 5 2.85 40.79 14.12
CA LEU N 5 3.26 41.99 13.39
C LEU N 5 3.29 41.74 11.88
N PRO N 6 2.50 42.52 11.14
CA PRO N 6 2.45 42.39 9.68
C PRO N 6 3.55 43.20 8.97
N PHE N 7 4.78 43.00 9.38
CA PHE N 7 5.92 43.71 8.80
C PHE N 7 7.23 42.95 9.02
N TYR O 1 12.29 2.05 -27.22
CA TYR O 1 12.53 3.00 -28.30
C TYR O 1 13.82 2.66 -29.06
N ASP O 2 14.53 3.70 -29.50
CA ASP O 2 15.79 3.58 -30.23
C ASP O 2 15.65 2.76 -31.52
N LEU O 3 14.44 2.66 -32.05
CA LEU O 3 14.21 1.95 -33.30
C LEU O 3 13.77 2.93 -34.39
N SEP O 4 13.53 4.16 -33.96
CA SEP O 4 13.09 5.23 -34.85
CB SEP O 4 12.38 6.32 -34.04
OG SEP O 4 13.17 6.67 -32.92
C SEP O 4 14.27 5.82 -35.62
O SEP O 4 15.40 5.35 -35.50
P SEP O 4 12.48 7.87 -32.10
O1P SEP O 4 11.13 7.34 -31.40
O2P SEP O 4 12.15 9.06 -33.12
O3P SEP O 4 13.50 8.39 -30.98
N LEU O 5 13.98 6.86 -36.40
CA LEU O 5 15.03 7.55 -37.15
C LEU O 5 15.96 8.30 -36.21
N PRO O 6 17.27 8.05 -36.35
CA PRO O 6 18.25 8.74 -35.49
C PRO O 6 18.61 10.14 -35.94
N PHE O 7 17.83 10.73 -36.83
CA PHE O 7 18.07 12.07 -37.34
C PHE O 7 16.78 12.58 -37.95
N PRO O 8 16.68 13.89 -38.23
CA PRO O 8 15.47 14.40 -38.90
C PRO O 8 15.24 13.76 -40.29
N TYR P 1 42.70 20.58 -19.19
CA TYR P 1 42.31 19.74 -20.31
C TYR P 1 41.54 18.51 -19.83
N ASP P 2 42.16 17.33 -19.98
CA ASP P 2 41.53 16.08 -19.58
C ASP P 2 42.51 15.19 -18.80
N LEU P 3 43.37 15.81 -18.00
CA LEU P 3 44.39 15.07 -17.27
C LEU P 3 44.08 15.00 -15.78
N SEP P 4 43.06 15.74 -15.35
CA SEP P 4 42.64 15.77 -13.95
CB SEP P 4 41.75 16.98 -13.70
OG SEP P 4 40.72 17.04 -14.68
C SEP P 4 41.91 14.49 -13.57
O SEP P 4 41.62 13.64 -14.41
P SEP P 4 39.66 18.20 -14.34
O1P SEP P 4 39.49 18.31 -12.74
O2P SEP P 4 40.20 19.61 -14.92
O3P SEP P 4 38.26 17.84 -15.02
N LEU P 5 41.61 14.36 -12.28
CA LEU P 5 40.88 13.19 -11.77
C LEU P 5 39.48 13.12 -12.39
N PRO P 6 39.20 12.04 -13.11
CA PRO P 6 37.91 11.91 -13.81
C PRO P 6 36.75 11.47 -12.93
N PHE P 7 36.96 11.34 -11.62
CA PHE P 7 35.88 11.01 -10.69
C PHE P 7 36.10 11.81 -9.41
N PRO P 8 35.18 11.79 -8.43
CA PRO P 8 35.43 12.58 -7.22
C PRO P 8 36.70 12.14 -6.47
#